data_6ZB6
#
_entry.id   6ZB6
#
_cell.length_a   92.562
_cell.length_b   98.500
_cell.length_c   95.900
_cell.angle_alpha   90.000
_cell.angle_beta   109.126
_cell.angle_gamma   90.000
#
_symmetry.space_group_name_H-M   'P 1 21 1'
#
loop_
_entity.id
_entity.type
_entity.pdbx_description
1 polymer 'Glutathione transferase'
2 non-polymer S-(P-NITROBENZYL)GLUTATHIONE
3 non-polymer GLYCEROL
4 non-polymer 'SODIUM ION'
5 non-polymer GLUTATHIONE
6 water water
#
_entity_poly.entity_id   1
_entity_poly.type   'polypeptide(L)'
_entity_poly.pdbx_seq_one_letter_code
;MAPVKVFGPAMSTNVARVLVFLEEVGADYEVVDMDFKVMEHKSPEHLARNPFGQIPAFQDGDLLLFESRAISKYVLRKYK
TGEVDLLREGNLKEAAMVDVWTEVDAHTYNPALSPIVYQCLFNPMMRGIPTDEKVVAESLEKLKKVLEVYEARLSQHEYL
AGDFVSFADLNHFPYTFYFMATPHAALFGSYPHVKAWWERIMARPAIKKISATMVPPKAKGHHHHHH
;
_entity_poly.pdbx_strand_id   A,C,E,B,F,D
#
# COMPACT_ATOMS: atom_id res chain seq x y z
N MET A 1 -5.63 16.00 -22.36
CA MET A 1 -4.22 15.83 -22.75
C MET A 1 -3.88 14.34 -22.80
N ALA A 2 -4.50 13.56 -21.89
CA ALA A 2 -4.49 12.10 -21.84
C ALA A 2 -3.13 11.55 -21.42
N PRO A 3 -3.09 10.71 -20.39
CA PRO A 3 -1.81 10.15 -19.93
C PRO A 3 -1.16 9.31 -21.02
N VAL A 4 0.16 9.17 -20.90
CA VAL A 4 0.91 8.38 -21.86
C VAL A 4 0.68 6.90 -21.59
N LYS A 5 0.93 6.08 -22.60
CA LYS A 5 0.69 4.64 -22.52
C LYS A 5 1.99 3.90 -22.70
N VAL A 6 2.25 2.94 -21.82
CA VAL A 6 3.37 2.02 -21.95
C VAL A 6 2.81 0.64 -22.24
N PHE A 7 3.33 -0.01 -23.27
CA PHE A 7 2.85 -1.32 -23.71
C PHE A 7 3.82 -2.39 -23.23
N GLY A 8 3.31 -3.33 -22.43
CA GLY A 8 4.12 -4.39 -21.89
C GLY A 8 3.87 -4.54 -20.39
N PRO A 9 4.09 -5.73 -19.86
CA PRO A 9 3.89 -5.96 -18.43
C PRO A 9 4.93 -5.23 -17.58
N ALA A 10 4.50 -4.74 -16.42
CA ALA A 10 5.40 -4.00 -15.55
C ALA A 10 6.58 -4.85 -15.08
N MET A 11 6.46 -6.18 -15.10
CA MET A 11 7.54 -7.04 -14.63
C MET A 11 8.71 -7.10 -15.60
N SER A 12 8.50 -6.80 -16.88
CA SER A 12 9.59 -6.83 -17.84
C SER A 12 10.60 -5.72 -17.50
N THR A 13 11.89 -6.08 -17.50
CA THR A 13 12.92 -5.12 -17.08
C THR A 13 12.83 -3.79 -17.82
N ASN A 14 12.73 -3.85 -19.15
CA ASN A 14 12.81 -2.60 -19.89
C ASN A 14 11.50 -1.84 -19.88
N VAL A 15 10.38 -2.50 -19.56
CA VAL A 15 9.17 -1.75 -19.23
C VAL A 15 9.34 -1.02 -17.90
N ALA A 16 9.78 -1.76 -16.87
CA ALA A 16 9.99 -1.18 -15.55
C ALA A 16 10.91 0.03 -15.62
N ARG A 17 11.91 -0.02 -16.51
CA ARG A 17 12.83 1.10 -16.65
C ARG A 17 12.06 2.41 -16.91
N VAL A 18 11.11 2.36 -17.85
CA VAL A 18 10.29 3.52 -18.18
C VAL A 18 9.39 3.90 -17.00
N LEU A 19 8.77 2.92 -16.35
CA LEU A 19 7.87 3.24 -15.25
C LEU A 19 8.61 3.96 -14.13
N VAL A 20 9.86 3.59 -13.88
CA VAL A 20 10.67 4.29 -12.88
C VAL A 20 10.75 5.78 -13.22
N PHE A 21 11.10 6.11 -14.46
CA PHE A 21 11.26 7.53 -14.77
C PHE A 21 9.91 8.25 -14.80
N LEU A 22 8.84 7.58 -15.22
CA LEU A 22 7.52 8.18 -15.10
C LEU A 22 7.21 8.51 -13.64
N GLU A 23 7.55 7.62 -12.73
CA GLU A 23 7.26 7.89 -11.33
C GLU A 23 8.17 8.98 -10.78
N GLU A 24 9.41 9.07 -11.26
CA GLU A 24 10.33 10.08 -10.76
C GLU A 24 9.80 11.49 -11.04
N VAL A 25 9.14 11.69 -12.17
CA VAL A 25 8.60 13.00 -12.51
C VAL A 25 7.11 13.12 -12.18
N GLY A 26 6.52 12.08 -11.61
CA GLY A 26 5.14 12.18 -11.15
C GLY A 26 4.13 12.31 -12.27
N ALA A 27 4.40 11.72 -13.43
CA ALA A 27 3.50 11.80 -14.57
C ALA A 27 2.48 10.68 -14.50
N ASP A 28 1.24 10.99 -14.89
CA ASP A 28 0.23 9.96 -15.06
C ASP A 28 0.57 9.08 -16.24
N TYR A 29 0.20 7.80 -16.14
CA TYR A 29 0.47 6.86 -17.22
C TYR A 29 -0.44 5.64 -17.09
N GLU A 30 -0.54 4.93 -18.21
CA GLU A 30 -1.32 3.72 -18.31
C GLU A 30 -0.38 2.59 -18.73
N VAL A 31 -0.41 1.48 -18.01
CA VAL A 31 0.37 0.30 -18.36
C VAL A 31 -0.58 -0.65 -19.08
N VAL A 32 -0.27 -0.97 -20.33
CA VAL A 32 -1.10 -1.87 -21.14
C VAL A 32 -0.44 -3.25 -21.10
N ASP A 33 -1.07 -4.18 -20.39
CA ASP A 33 -0.52 -5.53 -20.26
C ASP A 33 -0.60 -6.27 -21.59
N MET A 34 0.30 -7.23 -21.77
CA MET A 34 0.40 -7.96 -23.02
C MET A 34 0.70 -9.43 -22.71
N ASP A 35 0.07 -10.31 -23.48
CA ASP A 35 0.07 -11.74 -23.21
C ASP A 35 1.17 -12.39 -24.04
N PHE A 36 2.32 -12.64 -23.40
CA PHE A 36 3.40 -13.33 -24.09
C PHE A 36 3.06 -14.77 -24.45
N LYS A 37 2.07 -15.39 -23.79
CA LYS A 37 1.74 -16.77 -24.11
C LYS A 37 1.08 -16.92 -25.48
N VAL A 38 0.40 -15.87 -25.95
CA VAL A 38 -0.08 -15.85 -27.32
C VAL A 38 0.80 -14.97 -28.20
N MET A 39 2.01 -14.65 -27.73
CA MET A 39 3.01 -13.90 -28.52
C MET A 39 2.45 -12.57 -28.99
N GLU A 40 1.73 -11.87 -28.09
CA GLU A 40 1.07 -10.63 -28.46
C GLU A 40 2.07 -9.57 -28.93
N HIS A 41 3.30 -9.64 -28.43
CA HIS A 41 4.34 -8.72 -28.87
C HIS A 41 4.75 -8.94 -30.32
N LYS A 42 4.35 -10.05 -30.94
CA LYS A 42 4.62 -10.32 -32.36
C LYS A 42 3.39 -10.15 -33.23
N SER A 43 2.31 -9.59 -32.69
CA SER A 43 1.08 -9.40 -33.43
C SER A 43 1.20 -8.23 -34.40
N PRO A 44 0.43 -8.22 -35.49
CA PRO A 44 0.49 -7.06 -36.41
C PRO A 44 0.26 -5.75 -35.70
N GLU A 45 -0.71 -5.71 -34.79
CA GLU A 45 -0.99 -4.51 -34.03
C GLU A 45 0.24 -4.01 -33.26
N HIS A 46 0.96 -4.91 -32.58
CA HIS A 46 2.09 -4.43 -31.79
C HIS A 46 3.30 -4.11 -32.66
N LEU A 47 3.47 -4.82 -33.78
CA LEU A 47 4.55 -4.50 -34.70
C LEU A 47 4.42 -3.08 -35.26
N ALA A 48 3.20 -2.54 -35.27
CA ALA A 48 3.00 -1.16 -35.70
C ALA A 48 3.42 -0.16 -34.63
N ARG A 49 3.62 -0.62 -33.39
CA ARG A 49 4.16 0.16 -32.29
C ARG A 49 5.66 -0.04 -32.14
N ASN A 50 6.13 -1.28 -32.16
CA ASN A 50 7.56 -1.58 -32.12
C ASN A 50 7.81 -2.57 -33.25
N PRO A 51 8.47 -2.13 -34.34
CA PRO A 51 8.57 -3.01 -35.53
C PRO A 51 9.48 -4.19 -35.32
N PHE A 52 10.26 -4.20 -34.24
CA PHE A 52 11.08 -5.36 -33.90
C PHE A 52 10.36 -6.33 -32.97
N GLY A 53 9.11 -6.05 -32.62
CA GLY A 53 8.31 -7.01 -31.90
C GLY A 53 8.84 -7.23 -30.50
N GLN A 54 9.13 -6.13 -29.79
CA GLN A 54 9.61 -6.18 -28.41
C GLN A 54 8.81 -5.21 -27.57
N ILE A 55 8.95 -5.35 -26.25
CA ILE A 55 8.38 -4.39 -25.31
C ILE A 55 9.53 -3.73 -24.58
N PRO A 56 9.39 -2.48 -24.12
CA PRO A 56 8.16 -1.67 -24.19
C PRO A 56 7.93 -1.06 -25.56
N ALA A 57 6.68 -0.69 -25.83
CA ALA A 57 6.41 0.41 -26.76
C ALA A 57 5.74 1.52 -25.96
N PHE A 58 5.48 2.66 -26.60
CA PHE A 58 5.05 3.83 -25.85
C PHE A 58 4.22 4.70 -26.77
N GLN A 59 3.15 5.29 -26.22
CA GLN A 59 2.33 6.22 -27.00
C GLN A 59 2.03 7.47 -26.18
N ASP A 60 2.26 8.63 -26.80
CA ASP A 60 1.84 9.91 -26.27
C ASP A 60 1.07 10.58 -27.40
N GLY A 61 -0.26 10.48 -27.37
CA GLY A 61 -1.05 11.03 -28.45
C GLY A 61 -0.78 10.30 -29.75
N ASP A 62 -0.32 11.02 -30.77
CA ASP A 62 0.01 10.39 -32.04
C ASP A 62 1.46 9.95 -32.12
N LEU A 63 2.27 10.22 -31.11
CA LEU A 63 3.67 9.83 -31.10
C LEU A 63 3.79 8.41 -30.59
N LEU A 64 4.44 7.55 -31.37
CA LEU A 64 4.77 6.19 -30.98
C LEU A 64 6.28 6.09 -30.83
N LEU A 65 6.74 5.53 -29.71
CA LEU A 65 8.16 5.35 -29.48
C LEU A 65 8.40 3.90 -29.04
N PHE A 66 9.64 3.48 -29.18
CA PHE A 66 10.09 2.24 -28.59
C PHE A 66 11.55 2.45 -28.20
N GLU A 67 12.16 1.39 -27.66
CA GLU A 67 13.48 1.42 -27.00
C GLU A 67 13.38 2.16 -25.68
N SER A 68 13.56 1.41 -24.58
CA SER A 68 13.24 1.93 -23.26
C SER A 68 14.01 3.20 -22.90
N ARG A 69 15.30 3.28 -23.25
CA ARG A 69 16.05 4.47 -22.87
C ARG A 69 15.60 5.70 -23.65
N ALA A 70 15.22 5.52 -24.92
CA ALA A 70 14.68 6.64 -25.70
C ALA A 70 13.35 7.11 -25.12
N ILE A 71 12.44 6.17 -24.84
CA ILE A 71 11.18 6.52 -24.18
C ILE A 71 11.45 7.27 -22.88
N SER A 72 12.40 6.77 -22.07
CA SER A 72 12.63 7.36 -20.76
C SER A 72 13.13 8.80 -20.88
N LYS A 73 14.05 9.07 -21.80
CA LYS A 73 14.52 10.45 -21.95
C LYS A 73 13.41 11.37 -22.44
N TYR A 74 12.53 10.87 -23.32
CA TYR A 74 11.39 11.68 -23.73
C TYR A 74 10.51 12.03 -22.55
N VAL A 75 10.26 11.07 -21.67
CA VAL A 75 9.47 11.34 -20.47
C VAL A 75 10.14 12.40 -19.60
N LEU A 76 11.44 12.24 -19.36
CA LEU A 76 12.15 13.18 -18.49
C LEU A 76 12.14 14.59 -19.05
N ARG A 77 12.24 14.72 -20.38
CA ARG A 77 12.24 16.05 -20.98
C ARG A 77 10.83 16.64 -21.01
N LYS A 78 9.84 15.84 -21.42
CA LYS A 78 8.48 16.34 -21.48
C LYS A 78 8.00 16.86 -20.13
N TYR A 79 8.27 16.11 -19.06
CA TYR A 79 7.76 16.46 -17.75
C TYR A 79 8.79 17.17 -16.89
N LYS A 80 9.84 17.74 -17.50
CA LYS A 80 10.93 18.38 -16.78
C LYS A 80 10.38 19.27 -15.67
N THR A 81 10.67 18.88 -14.42
CA THR A 81 9.99 19.45 -13.26
C THR A 81 10.66 20.74 -12.80
N GLY A 82 11.98 20.72 -12.65
CA GLY A 82 12.67 21.74 -11.88
C GLY A 82 13.03 21.19 -10.52
N GLU A 83 12.11 20.44 -9.92
CA GLU A 83 12.39 19.66 -8.72
C GLU A 83 13.26 18.44 -9.01
N VAL A 84 13.24 17.93 -10.24
CA VAL A 84 13.99 16.74 -10.63
C VAL A 84 14.77 17.06 -11.90
N ASP A 85 16.09 16.83 -11.86
CA ASP A 85 16.94 16.99 -13.03
C ASP A 85 17.86 15.77 -13.09
N LEU A 86 17.40 14.73 -13.79
CA LEU A 86 18.17 13.49 -13.90
C LEU A 86 19.11 13.48 -15.09
N LEU A 87 18.89 14.36 -16.08
CA LEU A 87 19.72 14.37 -17.28
C LEU A 87 20.81 15.44 -17.24
N ARG A 88 20.62 16.52 -16.49
CA ARG A 88 21.63 17.57 -16.35
C ARG A 88 21.92 18.25 -17.68
N GLU A 89 20.92 18.36 -18.54
CA GLU A 89 21.19 18.84 -19.90
C GLU A 89 21.51 20.32 -19.95
N GLY A 90 21.22 21.09 -18.90
CA GLY A 90 21.66 22.47 -18.87
C GLY A 90 23.12 22.68 -18.56
N ASN A 91 23.83 21.62 -18.17
CA ASN A 91 25.24 21.70 -17.79
C ASN A 91 26.02 20.70 -18.63
N LEU A 92 26.86 21.19 -19.53
CA LEU A 92 27.51 20.35 -20.53
C LEU A 92 28.31 19.22 -19.90
N LYS A 93 29.17 19.56 -18.93
CA LYS A 93 30.03 18.53 -18.35
C LYS A 93 29.27 17.58 -17.42
N GLU A 94 28.24 18.06 -16.73
CA GLU A 94 27.44 17.12 -15.95
C GLU A 94 26.67 16.18 -16.85
N ALA A 95 26.10 16.71 -17.94
CA ALA A 95 25.40 15.86 -18.89
C ALA A 95 26.34 14.82 -19.48
N ALA A 96 27.58 15.21 -19.75
CA ALA A 96 28.56 14.26 -20.28
C ALA A 96 28.79 13.13 -19.29
N MET A 97 29.00 13.45 -18.02
CA MET A 97 29.22 12.41 -17.02
C MET A 97 28.01 11.50 -16.86
N VAL A 98 26.81 12.08 -16.85
CA VAL A 98 25.60 11.26 -16.88
C VAL A 98 25.61 10.35 -18.11
N ASP A 99 25.97 10.90 -19.29
CA ASP A 99 26.00 10.09 -20.50
C ASP A 99 27.01 8.96 -20.41
N VAL A 100 28.19 9.25 -19.88
CA VAL A 100 29.23 8.22 -19.79
C VAL A 100 28.70 7.01 -19.03
N TRP A 101 28.14 7.25 -17.85
CA TRP A 101 27.81 6.12 -16.99
C TRP A 101 26.47 5.49 -17.38
N THR A 102 25.65 6.19 -18.16
CA THR A 102 24.51 5.54 -18.81
C THR A 102 25.00 4.54 -19.87
N GLU A 103 25.99 4.95 -20.67
CA GLU A 103 26.59 4.04 -21.63
C GLU A 103 27.29 2.86 -20.95
N VAL A 104 27.95 3.12 -19.82
CA VAL A 104 28.59 2.01 -19.10
C VAL A 104 27.56 0.96 -18.74
N ASP A 105 26.39 1.38 -18.23
CA ASP A 105 25.35 0.41 -17.94
C ASP A 105 24.98 -0.37 -19.19
N ALA A 106 24.73 0.34 -20.30
CA ALA A 106 24.25 -0.32 -21.50
C ALA A 106 25.28 -1.31 -22.06
N HIS A 107 26.57 -0.96 -22.00
CA HIS A 107 27.55 -1.74 -22.75
C HIS A 107 28.62 -2.43 -21.92
N THR A 108 28.68 -2.18 -20.62
CA THR A 108 29.71 -2.85 -19.81
C THR A 108 29.07 -3.56 -18.61
N TYR A 109 28.28 -2.84 -17.82
CA TYR A 109 27.71 -3.41 -16.61
C TYR A 109 26.57 -4.37 -16.95
N ASN A 110 25.60 -3.91 -17.75
CA ASN A 110 24.48 -4.81 -17.98
C ASN A 110 24.88 -6.04 -18.79
N PRO A 111 25.78 -5.95 -19.77
CA PRO A 111 26.23 -7.19 -20.45
C PRO A 111 26.91 -8.18 -19.52
N ALA A 112 27.48 -7.72 -18.41
CA ALA A 112 28.07 -8.67 -17.47
C ALA A 112 27.05 -9.23 -16.50
N LEU A 113 26.06 -8.43 -16.08
CA LEU A 113 25.10 -8.83 -15.06
C LEU A 113 23.89 -9.52 -15.66
N SER A 114 23.36 -9.00 -16.77
CA SER A 114 22.18 -9.57 -17.40
C SER A 114 22.25 -11.08 -17.66
N PRO A 115 23.37 -11.66 -18.13
CA PRO A 115 23.37 -13.11 -18.37
C PRO A 115 23.09 -13.92 -17.13
N ILE A 116 23.52 -13.44 -15.96
CA ILE A 116 23.24 -14.15 -14.72
C ILE A 116 21.75 -14.15 -14.43
N VAL A 117 21.07 -13.02 -14.67
CA VAL A 117 19.63 -12.95 -14.50
C VAL A 117 18.93 -13.90 -15.46
N TYR A 118 19.34 -13.89 -16.73
CA TYR A 118 18.77 -14.80 -17.73
C TYR A 118 18.95 -16.25 -17.31
N GLN A 119 20.18 -16.63 -16.96
CA GLN A 119 20.47 -18.03 -16.73
C GLN A 119 19.85 -18.53 -15.42
N CYS A 120 19.74 -17.66 -14.40
CA CYS A 120 19.29 -18.10 -13.08
C CYS A 120 17.81 -17.87 -12.86
N LEU A 121 17.20 -16.91 -13.58
CA LEU A 121 15.80 -16.53 -13.36
C LEU A 121 14.96 -16.71 -14.62
N PHE A 122 15.23 -15.95 -15.68
CA PHE A 122 14.35 -15.93 -16.85
C PHE A 122 14.30 -17.30 -17.52
N ASN A 123 15.46 -17.88 -17.82
CA ASN A 123 15.49 -19.14 -18.57
C ASN A 123 14.75 -20.27 -17.87
N PRO A 124 15.03 -20.59 -16.59
CA PRO A 124 14.32 -21.73 -15.97
C PRO A 124 12.85 -21.45 -15.72
N MET A 125 12.52 -20.29 -15.14
CA MET A 125 11.13 -19.99 -14.80
C MET A 125 10.31 -19.69 -16.05
N MET A 126 10.72 -18.70 -16.83
CA MET A 126 9.89 -18.20 -17.92
C MET A 126 9.92 -19.12 -19.13
N ARG A 127 11.09 -19.62 -19.51
CA ARG A 127 11.24 -20.39 -20.74
C ARG A 127 11.40 -21.88 -20.50
N GLY A 128 11.42 -22.33 -19.24
CA GLY A 128 11.60 -23.74 -18.97
C GLY A 128 12.92 -24.31 -19.46
N ILE A 129 13.97 -23.50 -19.48
CA ILE A 129 15.29 -23.90 -19.95
C ILE A 129 16.24 -23.88 -18.75
N PRO A 130 16.93 -24.98 -18.46
CA PRO A 130 17.76 -25.03 -17.24
C PRO A 130 18.95 -24.08 -17.32
N THR A 131 19.48 -23.79 -16.14
CA THR A 131 20.57 -22.84 -15.98
C THR A 131 21.88 -23.41 -16.53
N ASP A 132 22.53 -22.65 -17.41
CA ASP A 132 23.87 -23.01 -17.88
C ASP A 132 24.88 -22.42 -16.91
N GLU A 133 25.38 -23.24 -15.98
CA GLU A 133 26.26 -22.72 -14.95
C GLU A 133 27.61 -22.25 -15.50
N LYS A 134 28.01 -22.68 -16.69
CA LYS A 134 29.28 -22.18 -17.21
C LYS A 134 29.12 -20.76 -17.75
N VAL A 135 27.96 -20.44 -18.34
CA VAL A 135 27.67 -19.05 -18.70
C VAL A 135 27.64 -18.19 -17.43
N VAL A 136 27.04 -18.71 -16.37
CA VAL A 136 26.96 -17.98 -15.11
C VAL A 136 28.36 -17.72 -14.56
N ALA A 137 29.20 -18.77 -14.53
CA ALA A 137 30.55 -18.62 -13.98
C ALA A 137 31.36 -17.60 -14.76
N GLU A 138 31.28 -17.66 -16.09
CA GLU A 138 32.04 -16.72 -16.90
C GLU A 138 31.52 -15.30 -16.72
N SER A 139 30.20 -15.13 -16.60
CA SER A 139 29.63 -13.79 -16.44
C SER A 139 29.96 -13.22 -15.06
N LEU A 140 29.98 -14.07 -14.03
CA LEU A 140 30.29 -13.59 -12.69
C LEU A 140 31.70 -13.03 -12.62
N GLU A 141 32.65 -13.68 -13.28
CA GLU A 141 34.02 -13.19 -13.24
C GLU A 141 34.12 -11.84 -13.93
N LYS A 142 33.39 -11.65 -15.04
CA LYS A 142 33.36 -10.34 -15.68
C LYS A 142 32.68 -9.31 -14.78
N LEU A 143 31.57 -9.69 -14.14
CA LEU A 143 30.86 -8.73 -13.29
C LEU A 143 31.72 -8.28 -12.12
N LYS A 144 32.43 -9.22 -11.48
CA LYS A 144 33.30 -8.85 -10.37
C LYS A 144 34.31 -7.79 -10.79
N LYS A 145 34.88 -7.92 -11.99
CA LYS A 145 35.84 -6.92 -12.46
C LYS A 145 35.15 -5.57 -12.66
N VAL A 146 33.95 -5.57 -13.23
CA VAL A 146 33.17 -4.35 -13.34
C VAL A 146 32.93 -3.75 -11.95
N LEU A 147 32.52 -4.59 -11.00
CA LEU A 147 32.18 -4.06 -9.69
C LEU A 147 33.39 -3.47 -8.99
N GLU A 148 34.58 -4.01 -9.21
CA GLU A 148 35.79 -3.37 -8.68
C GLU A 148 35.93 -1.94 -9.18
N VAL A 149 35.59 -1.67 -10.44
CA VAL A 149 35.64 -0.31 -10.95
C VAL A 149 34.55 0.55 -10.30
N TYR A 150 33.33 0.00 -10.19
CA TYR A 150 32.25 0.75 -9.55
C TYR A 150 32.60 1.07 -8.10
N GLU A 151 33.23 0.12 -7.41
CA GLU A 151 33.59 0.34 -6.02
C GLU A 151 34.54 1.51 -5.87
N ALA A 152 35.54 1.59 -6.76
CA ALA A 152 36.46 2.72 -6.75
C ALA A 152 35.73 4.02 -7.09
N ARG A 153 34.86 3.98 -8.10
CA ARG A 153 34.14 5.19 -8.50
C ARG A 153 33.23 5.69 -7.40
N LEU A 154 32.48 4.77 -6.77
CA LEU A 154 31.54 5.16 -5.72
C LEU A 154 32.22 5.38 -4.38
N SER A 155 33.55 5.22 -4.31
CA SER A 155 34.31 5.69 -3.15
C SER A 155 34.59 7.18 -3.24
N GLN A 156 34.56 7.76 -4.43
CA GLN A 156 34.78 9.18 -4.60
C GLN A 156 33.51 9.99 -4.70
N HIS A 157 32.42 9.42 -5.21
CA HIS A 157 31.15 10.12 -5.30
C HIS A 157 30.02 9.22 -4.81
N GLU A 158 28.95 9.84 -4.32
CA GLU A 158 27.81 9.06 -3.86
C GLU A 158 27.08 8.40 -5.01
N TYR A 159 27.15 8.98 -6.21
CA TYR A 159 26.49 8.44 -7.39
C TYR A 159 27.48 8.42 -8.55
N LEU A 160 27.05 7.83 -9.68
CA LEU A 160 28.02 7.47 -10.71
C LEU A 160 28.52 8.69 -11.48
N ALA A 161 27.67 9.70 -11.68
CA ALA A 161 28.10 10.89 -12.44
C ALA A 161 28.64 12.00 -11.55
N GLY A 162 28.62 11.82 -10.23
CA GLY A 162 29.04 12.85 -9.31
C GLY A 162 28.19 12.82 -8.05
N ASP A 163 28.11 13.97 -7.38
CA ASP A 163 27.37 14.08 -6.12
C ASP A 163 25.88 14.34 -6.34
N PHE A 164 25.28 13.65 -7.30
CA PHE A 164 23.84 13.79 -7.55
C PHE A 164 23.36 12.52 -8.24
N VAL A 165 22.15 12.09 -7.89
CA VAL A 165 21.55 10.96 -8.56
C VAL A 165 21.19 11.40 -9.97
N SER A 166 21.27 10.47 -10.91
CA SER A 166 21.06 10.82 -12.32
C SER A 166 20.49 9.63 -13.06
N PHE A 167 20.11 9.89 -14.32
CA PHE A 167 19.75 8.87 -15.31
C PHE A 167 20.68 7.67 -15.27
N ALA A 168 21.98 7.92 -15.15
CA ALA A 168 22.95 6.82 -15.14
C ALA A 168 22.66 5.83 -14.03
N ASP A 169 22.46 6.33 -12.80
CA ASP A 169 22.24 5.43 -11.66
C ASP A 169 20.95 4.64 -11.82
N LEU A 170 19.84 5.33 -12.14
CA LEU A 170 18.54 4.67 -12.13
C LEU A 170 18.40 3.66 -13.26
N ASN A 171 19.15 3.80 -14.37
CA ASN A 171 19.12 2.79 -15.41
C ASN A 171 19.65 1.45 -14.94
N HIS A 172 20.40 1.42 -13.84
CA HIS A 172 20.91 0.20 -13.26
C HIS A 172 19.85 -0.59 -12.48
N PHE A 173 18.69 0.01 -12.21
CA PHE A 173 17.74 -0.64 -11.30
C PHE A 173 17.12 -1.93 -11.85
N PRO A 174 16.47 -1.93 -13.01
CA PRO A 174 15.60 -3.09 -13.35
C PRO A 174 16.31 -4.42 -13.44
N TYR A 175 17.48 -4.49 -14.08
CA TYR A 175 18.15 -5.79 -14.13
C TYR A 175 18.81 -6.13 -12.80
N THR A 176 19.39 -5.14 -12.12
CA THR A 176 20.04 -5.43 -10.83
C THR A 176 19.02 -5.88 -9.79
N PHE A 177 17.82 -5.28 -9.84
CA PHE A 177 16.73 -5.74 -8.98
C PHE A 177 16.53 -7.25 -9.08
N TYR A 178 16.48 -7.78 -10.31
CA TYR A 178 16.26 -9.21 -10.51
C TYR A 178 17.51 -10.02 -10.15
N PHE A 179 18.70 -9.46 -10.39
CA PHE A 179 19.93 -10.11 -9.92
C PHE A 179 19.85 -10.40 -8.42
N MET A 180 19.26 -9.48 -7.65
CA MET A 180 19.11 -9.68 -6.21
C MET A 180 18.19 -10.83 -5.86
N ALA A 181 17.50 -11.41 -6.84
CA ALA A 181 16.70 -12.59 -6.64
C ALA A 181 17.41 -13.87 -7.06
N THR A 182 18.64 -13.77 -7.55
CA THR A 182 19.37 -14.96 -7.98
C THR A 182 20.18 -15.51 -6.81
N PRO A 183 20.79 -16.68 -6.97
CA PRO A 183 21.68 -17.19 -5.92
C PRO A 183 22.89 -16.32 -5.64
N HIS A 184 23.14 -15.29 -6.46
CA HIS A 184 24.35 -14.49 -6.36
C HIS A 184 24.09 -13.12 -5.75
N ALA A 185 22.95 -12.96 -5.09
CA ALA A 185 22.56 -11.65 -4.55
C ALA A 185 23.50 -11.16 -3.46
N ALA A 186 24.24 -12.04 -2.80
CA ALA A 186 25.18 -11.56 -1.80
C ALA A 186 26.43 -10.93 -2.40
N LEU A 187 26.61 -10.96 -3.73
CA LEU A 187 27.83 -10.43 -4.35
C LEU A 187 28.10 -9.00 -3.93
N PHE A 188 27.06 -8.15 -3.93
CA PHE A 188 27.30 -6.73 -3.70
C PHE A 188 27.88 -6.45 -2.32
N GLY A 189 27.59 -7.31 -1.34
CA GLY A 189 28.11 -7.06 0.00
C GLY A 189 29.62 -7.06 0.08
N SER A 190 30.30 -7.62 -0.91
CA SER A 190 31.76 -7.57 -0.93
C SER A 190 32.31 -6.24 -1.44
N TYR A 191 31.43 -5.35 -1.91
CA TYR A 191 31.79 -4.06 -2.47
C TYR A 191 31.00 -3.01 -1.71
N PRO A 192 31.48 -2.60 -0.52
CA PRO A 192 30.62 -1.82 0.38
C PRO A 192 30.11 -0.50 -0.21
N HIS A 193 30.91 0.18 -1.02
CA HIS A 193 30.42 1.43 -1.62
C HIS A 193 29.37 1.15 -2.69
N VAL A 194 29.53 0.04 -3.43
CA VAL A 194 28.50 -0.35 -4.39
C VAL A 194 27.22 -0.73 -3.66
N LYS A 195 27.32 -1.51 -2.59
CA LYS A 195 26.11 -1.90 -1.89
C LYS A 195 25.38 -0.69 -1.33
N ALA A 196 26.12 0.30 -0.82
CA ALA A 196 25.48 1.48 -0.24
C ALA A 196 24.78 2.29 -1.31
N TRP A 197 25.43 2.44 -2.46
CA TRP A 197 24.81 3.06 -3.63
C TRP A 197 23.53 2.35 -4.01
N TRP A 198 23.59 1.01 -4.09
CA TRP A 198 22.38 0.24 -4.41
C TRP A 198 21.27 0.52 -3.41
N GLU A 199 21.61 0.56 -2.10
CA GLU A 199 20.57 0.81 -1.11
C GLU A 199 19.99 2.20 -1.21
N ARG A 200 20.80 3.19 -1.59
CA ARG A 200 20.27 4.52 -1.85
C ARG A 200 19.26 4.48 -2.99
N ILE A 201 19.58 3.73 -4.07
CA ILE A 201 18.64 3.59 -5.18
C ILE A 201 17.34 2.93 -4.71
N MET A 202 17.48 1.84 -3.93
CA MET A 202 16.30 1.11 -3.47
C MET A 202 15.48 1.89 -2.47
N ALA A 203 16.06 2.92 -1.85
CA ALA A 203 15.32 3.75 -0.92
C ALA A 203 14.41 4.77 -1.61
N ARG A 204 14.58 4.99 -2.92
CA ARG A 204 13.82 6.03 -3.59
C ARG A 204 12.35 5.64 -3.67
N PRO A 205 11.45 6.58 -3.38
CA PRO A 205 10.01 6.26 -3.49
C PRO A 205 9.61 5.69 -4.84
N ALA A 206 10.09 6.28 -5.94
CA ALA A 206 9.74 5.75 -7.25
C ALA A 206 10.24 4.32 -7.43
N ILE A 207 11.45 4.05 -6.94
CA ILE A 207 12.03 2.71 -7.06
C ILE A 207 11.25 1.73 -6.18
N LYS A 208 10.90 2.14 -4.97
CA LYS A 208 10.10 1.28 -4.10
C LYS A 208 8.78 0.92 -4.76
N LYS A 209 8.16 1.89 -5.43
CA LYS A 209 6.85 1.66 -6.01
C LYS A 209 6.92 0.66 -7.16
N ILE A 210 7.87 0.85 -8.08
CA ILE A 210 7.91 -0.01 -9.26
C ILE A 210 8.39 -1.42 -8.88
N SER A 211 9.35 -1.51 -7.96
CA SER A 211 9.83 -2.86 -7.61
C SER A 211 8.71 -3.69 -6.98
N ALA A 212 7.76 -3.03 -6.30
CA ALA A 212 6.60 -3.73 -5.75
C ALA A 212 5.65 -4.23 -6.83
N THR A 213 5.64 -3.61 -8.01
CA THR A 213 4.78 -4.09 -9.08
C THR A 213 5.46 -5.14 -9.94
N MET A 214 6.78 -5.28 -9.83
CA MET A 214 7.49 -6.35 -10.54
C MET A 214 7.41 -7.67 -9.79
N VAL A 215 7.35 -7.62 -8.46
CA VAL A 215 7.32 -8.74 -7.50
C VAL A 215 8.12 -9.97 -7.95
N PRO A 216 9.30 -10.20 -7.38
CA PRO A 216 10.02 -11.46 -7.61
C PRO A 216 9.38 -12.60 -6.84
N PRO A 217 10.03 -13.76 -6.75
CA PRO A 217 9.56 -14.78 -5.78
C PRO A 217 9.27 -14.22 -4.39
N LYS A 218 10.21 -13.50 -3.77
CA LYS A 218 9.89 -12.65 -2.61
C LYS A 218 11.08 -11.72 -2.34
N ALA A 219 11.01 -10.51 -2.90
CA ALA A 219 12.01 -9.46 -2.69
C ALA A 219 13.42 -9.90 -3.11
N LYS A 220 14.36 -9.92 -2.17
CA LYS A 220 15.71 -10.41 -2.45
C LYS A 220 15.69 -11.94 -2.38
N GLY A 221 15.49 -12.56 -3.54
CA GLY A 221 15.37 -14.00 -3.64
C GLY A 221 16.56 -14.75 -3.06
N HIS A 222 16.29 -15.66 -2.12
CA HIS A 222 17.34 -16.40 -1.44
C HIS A 222 17.89 -17.51 -2.33
N MET B 1 2.22 7.93 1.10
CA MET B 1 2.16 6.86 0.10
C MET B 1 0.75 6.30 -0.02
N ALA B 2 0.67 5.09 -0.56
CA ALA B 2 -0.53 4.27 -0.67
C ALA B 2 -1.58 4.90 -1.58
N PRO B 3 -1.46 4.71 -2.90
CA PRO B 3 -2.61 4.98 -3.77
C PRO B 3 -3.70 3.95 -3.52
N VAL B 4 -4.94 4.38 -3.66
CA VAL B 4 -6.06 3.46 -3.61
C VAL B 4 -6.34 2.94 -5.01
N LYS B 5 -7.03 1.80 -5.09
CA LYS B 5 -7.32 1.15 -6.36
C LYS B 5 -8.81 1.11 -6.63
N VAL B 6 -9.21 1.51 -7.84
CA VAL B 6 -10.58 1.39 -8.32
C VAL B 6 -10.61 0.34 -9.41
N PHE B 7 -11.53 -0.61 -9.31
CA PHE B 7 -11.64 -1.73 -10.22
C PHE B 7 -12.81 -1.48 -11.17
N GLY B 8 -12.52 -1.52 -12.47
CA GLY B 8 -13.50 -1.22 -13.50
C GLY B 8 -13.03 -0.04 -14.34
N PRO B 9 -13.42 0.01 -15.61
CA PRO B 9 -12.96 1.11 -16.47
C PRO B 9 -13.66 2.42 -16.15
N ALA B 10 -12.96 3.53 -16.43
CA ALA B 10 -13.52 4.85 -16.21
C ALA B 10 -14.79 5.10 -17.04
N MET B 11 -14.94 4.41 -18.17
CA MET B 11 -16.16 4.61 -18.97
C MET B 11 -17.42 4.21 -18.22
N SER B 12 -17.32 3.32 -17.21
CA SER B 12 -18.50 2.91 -16.47
C SER B 12 -18.98 4.07 -15.60
N THR B 13 -20.29 4.36 -15.67
CA THR B 13 -20.82 5.52 -14.95
C THR B 13 -20.52 5.45 -13.45
N ASN B 14 -20.70 4.29 -12.83
CA ASN B 14 -20.51 4.27 -11.38
C ASN B 14 -19.05 4.16 -10.98
N VAL B 15 -18.18 3.70 -11.89
CA VAL B 15 -16.74 3.87 -11.69
C VAL B 15 -16.37 5.35 -11.74
N ALA B 16 -16.87 6.04 -12.77
CA ALA B 16 -16.55 7.45 -12.95
C ALA B 16 -16.99 8.27 -11.76
N ARG B 17 -18.13 7.90 -11.15
CA ARG B 17 -18.61 8.57 -9.95
C ARG B 17 -17.50 8.62 -8.90
N VAL B 18 -16.87 7.48 -8.64
CA VAL B 18 -15.80 7.42 -7.67
C VAL B 18 -14.63 8.30 -8.10
N LEU B 19 -14.23 8.22 -9.37
CA LEU B 19 -13.04 8.94 -9.82
C LEU B 19 -13.22 10.44 -9.65
N VAL B 20 -14.44 10.94 -9.87
CA VAL B 20 -14.69 12.37 -9.68
C VAL B 20 -14.34 12.79 -8.26
N PHE B 21 -14.76 12.01 -7.26
CA PHE B 21 -14.53 12.42 -5.89
C PHE B 21 -13.07 12.24 -5.48
N LEU B 22 -12.40 11.21 -6.01
CA LEU B 22 -10.96 11.10 -5.81
C LEU B 22 -10.24 12.32 -6.36
N GLU B 23 -10.69 12.83 -7.51
CA GLU B 23 -10.07 14.03 -8.06
C GLU B 23 -10.42 15.25 -7.24
N GLU B 24 -11.65 15.32 -6.73
CA GLU B 24 -12.05 16.49 -5.96
C GLU B 24 -11.21 16.62 -4.68
N VAL B 25 -10.75 15.51 -4.12
CA VAL B 25 -9.94 15.58 -2.91
C VAL B 25 -8.45 15.50 -3.21
N GLY B 26 -8.06 15.36 -4.48
CA GLY B 26 -6.67 15.33 -4.83
C GLY B 26 -5.94 14.08 -4.39
N ALA B 27 -6.61 12.95 -4.35
CA ALA B 27 -6.00 11.69 -3.92
C ALA B 27 -5.29 11.02 -5.10
N ASP B 28 -4.20 10.33 -4.79
CA ASP B 28 -3.57 9.44 -5.75
C ASP B 28 -4.36 8.14 -5.83
N TYR B 29 -4.53 7.63 -7.06
CA TYR B 29 -5.30 6.42 -7.24
C TYR B 29 -4.88 5.70 -8.51
N GLU B 30 -5.29 4.44 -8.60
CA GLU B 30 -5.10 3.63 -9.79
C GLU B 30 -6.45 3.11 -10.25
N VAL B 31 -6.64 3.07 -11.56
CA VAL B 31 -7.83 2.50 -12.18
C VAL B 31 -7.42 1.23 -12.88
N VAL B 32 -8.07 0.11 -12.55
CA VAL B 32 -7.72 -1.20 -13.06
C VAL B 32 -8.85 -1.61 -14.00
N ASP B 33 -8.61 -1.49 -15.30
CA ASP B 33 -9.59 -1.94 -16.27
C ASP B 33 -9.86 -3.43 -16.12
N MET B 34 -11.04 -3.84 -16.57
CA MET B 34 -11.42 -5.23 -16.49
C MET B 34 -12.05 -5.66 -17.81
N ASP B 35 -11.86 -6.93 -18.15
CA ASP B 35 -12.23 -7.46 -19.45
C ASP B 35 -13.66 -8.02 -19.37
N PHE B 36 -14.61 -7.27 -19.93
CA PHE B 36 -16.01 -7.68 -19.89
C PHE B 36 -16.35 -8.79 -20.88
N LYS B 37 -15.50 -9.06 -21.88
CA LYS B 37 -15.80 -10.18 -22.76
C LYS B 37 -15.62 -11.51 -22.04
N VAL B 38 -14.58 -11.63 -21.20
CA VAL B 38 -14.36 -12.83 -20.41
C VAL B 38 -15.09 -12.73 -19.07
N MET B 39 -16.05 -11.81 -18.96
CA MET B 39 -16.87 -11.66 -17.76
C MET B 39 -16.01 -11.62 -16.51
N GLU B 40 -14.92 -10.85 -16.57
CA GLU B 40 -14.00 -10.78 -15.44
C GLU B 40 -14.68 -10.26 -14.19
N HIS B 41 -15.75 -9.47 -14.33
CA HIS B 41 -16.47 -8.99 -13.15
C HIS B 41 -17.22 -10.10 -12.44
N LYS B 42 -17.41 -11.25 -13.08
CA LYS B 42 -18.05 -12.41 -12.46
C LYS B 42 -17.04 -13.47 -12.05
N SER B 43 -15.75 -13.19 -12.18
CA SER B 43 -14.69 -14.12 -11.84
C SER B 43 -14.52 -14.20 -10.33
N PRO B 44 -13.94 -15.30 -9.82
CA PRO B 44 -13.77 -15.41 -8.37
C PRO B 44 -12.94 -14.29 -7.77
N GLU B 45 -11.91 -13.82 -8.47
CA GLU B 45 -11.04 -12.79 -7.92
C GLU B 45 -11.80 -11.50 -7.69
N HIS B 46 -12.72 -11.15 -8.60
CA HIS B 46 -13.47 -9.92 -8.42
C HIS B 46 -14.65 -10.12 -7.47
N LEU B 47 -15.24 -11.31 -7.44
CA LEU B 47 -16.31 -11.58 -6.48
C LEU B 47 -15.83 -11.42 -5.05
N ALA B 48 -14.52 -11.55 -4.80
CA ALA B 48 -13.99 -11.30 -3.46
C ALA B 48 -14.04 -9.83 -3.10
N ARG B 49 -14.05 -8.93 -4.09
CA ARG B 49 -14.11 -7.50 -3.88
C ARG B 49 -15.55 -6.99 -3.85
N ASN B 50 -16.39 -7.54 -4.72
CA ASN B 50 -17.81 -7.23 -4.78
C ASN B 50 -18.55 -8.54 -4.99
N PRO B 51 -19.20 -9.08 -3.95
CA PRO B 51 -19.83 -10.39 -4.07
C PRO B 51 -20.97 -10.43 -5.07
N PHE B 52 -21.46 -9.27 -5.50
CA PHE B 52 -22.51 -9.21 -6.51
C PHE B 52 -21.97 -9.13 -7.92
N GLY B 53 -20.65 -9.15 -8.10
CA GLY B 53 -20.10 -9.20 -9.43
C GLY B 53 -20.42 -7.97 -10.27
N GLN B 54 -20.18 -6.80 -9.68
CA GLN B 54 -20.38 -5.53 -10.36
C GLN B 54 -19.13 -4.68 -10.18
N ILE B 55 -19.04 -3.65 -11.01
CA ILE B 55 -18.03 -2.60 -10.84
C ILE B 55 -18.76 -1.33 -10.48
N PRO B 56 -18.16 -0.41 -9.73
CA PRO B 56 -16.81 -0.51 -9.18
C PRO B 56 -16.68 -1.43 -7.97
N ALA B 57 -15.44 -1.86 -7.73
CA ALA B 57 -14.99 -2.20 -6.39
C ALA B 57 -13.81 -1.28 -6.09
N PHE B 58 -13.33 -1.34 -4.85
CA PHE B 58 -12.36 -0.36 -4.37
C PHE B 58 -11.47 -1.00 -3.33
N GLN B 59 -10.16 -0.76 -3.41
CA GLN B 59 -9.25 -1.31 -2.41
C GLN B 59 -8.37 -0.21 -1.81
N ASP B 60 -8.25 -0.23 -0.48
CA ASP B 60 -7.36 0.67 0.26
C ASP B 60 -6.63 -0.22 1.25
N GLY B 61 -5.44 -0.68 0.89
CA GLY B 61 -4.74 -1.67 1.70
C GLY B 61 -5.58 -2.93 1.82
N ASP B 62 -5.91 -3.30 3.06
CA ASP B 62 -6.72 -4.48 3.36
C ASP B 62 -8.21 -4.21 3.22
N LEU B 63 -8.63 -2.96 3.09
CA LEU B 63 -10.05 -2.66 3.02
C LEU B 63 -10.57 -2.79 1.60
N LEU B 64 -11.64 -3.58 1.43
CA LEU B 64 -12.32 -3.72 0.15
C LEU B 64 -13.72 -3.13 0.28
N LEU B 65 -14.11 -2.29 -0.68
CA LEU B 65 -15.42 -1.69 -0.68
C LEU B 65 -16.06 -1.85 -2.05
N PHE B 66 -17.39 -1.77 -2.06
CA PHE B 66 -18.14 -1.70 -3.29
C PHE B 66 -19.34 -0.81 -3.02
N GLU B 67 -20.14 -0.59 -4.07
CA GLU B 67 -21.20 0.42 -4.15
C GLU B 67 -20.60 1.81 -4.27
N SER B 68 -20.81 2.44 -5.43
CA SER B 68 -20.05 3.62 -5.78
C SER B 68 -20.27 4.77 -4.78
N ARG B 69 -21.50 4.96 -4.28
CA ARG B 69 -21.68 6.08 -3.37
C ARG B 69 -21.05 5.80 -2.01
N ALA B 70 -20.99 4.53 -1.61
CA ALA B 70 -20.33 4.18 -0.35
C ALA B 70 -18.82 4.39 -0.46
N ILE B 71 -18.24 3.92 -1.55
CA ILE B 71 -16.82 4.18 -1.82
C ILE B 71 -16.54 5.68 -1.82
N SER B 72 -17.39 6.45 -2.52
CA SER B 72 -17.15 7.89 -2.65
C SER B 72 -17.16 8.59 -1.31
N LYS B 73 -18.11 8.24 -0.43
CA LYS B 73 -18.13 8.88 0.88
C LYS B 73 -16.91 8.48 1.71
N TYR B 74 -16.41 7.25 1.54
CA TYR B 74 -15.19 6.88 2.24
C TYR B 74 -14.02 7.73 1.77
N VAL B 75 -13.92 7.94 0.46
CA VAL B 75 -12.89 8.81 -0.11
C VAL B 75 -12.98 10.21 0.47
N LEU B 76 -14.18 10.80 0.45
CA LEU B 76 -14.35 12.17 0.93
C LEU B 76 -13.96 12.28 2.41
N ARG B 77 -14.26 11.26 3.20
CA ARG B 77 -13.96 11.32 4.62
C ARG B 77 -12.48 11.03 4.88
N LYS B 78 -11.89 10.08 4.17
CA LYS B 78 -10.47 9.76 4.37
C LYS B 78 -9.59 10.95 4.04
N TYR B 79 -9.82 11.60 2.90
CA TYR B 79 -8.96 12.68 2.43
C TYR B 79 -9.47 14.06 2.84
N LYS B 80 -10.34 14.14 3.84
CA LYS B 80 -10.95 15.41 4.22
C LYS B 80 -9.88 16.43 4.62
N THR B 81 -9.99 17.63 4.08
CA THR B 81 -9.18 18.77 4.49
C THR B 81 -10.09 19.99 4.63
N GLY B 82 -9.53 21.08 5.12
CA GLY B 82 -10.30 22.31 5.24
C GLY B 82 -10.70 22.93 3.92
N GLU B 83 -10.12 22.48 2.81
CA GLU B 83 -10.42 23.06 1.51
C GLU B 83 -11.80 22.63 1.02
N VAL B 84 -11.99 21.33 0.79
CA VAL B 84 -13.23 20.80 0.21
C VAL B 84 -14.13 20.30 1.33
N ASP B 85 -15.44 20.58 1.22
CA ASP B 85 -16.43 20.03 2.15
C ASP B 85 -17.70 19.74 1.36
N LEU B 86 -17.73 18.57 0.73
CA LEU B 86 -18.86 18.18 -0.12
C LEU B 86 -19.96 17.45 0.66
N LEU B 87 -19.68 16.96 1.87
CA LEU B 87 -20.70 16.26 2.64
C LEU B 87 -21.36 17.12 3.71
N ARG B 88 -20.68 18.16 4.20
CA ARG B 88 -21.24 19.08 5.20
C ARG B 88 -21.60 18.39 6.51
N GLU B 89 -20.86 17.34 6.88
CA GLU B 89 -21.27 16.53 8.02
C GLU B 89 -21.16 17.27 9.35
N GLY B 90 -20.44 18.38 9.39
CA GLY B 90 -20.41 19.18 10.59
C GLY B 90 -21.60 20.10 10.80
N ASN B 91 -22.58 20.07 9.89
CA ASN B 91 -23.72 20.97 9.97
C ASN B 91 -24.99 20.16 9.72
N LEU B 92 -25.75 19.90 10.79
CA LEU B 92 -26.88 18.97 10.71
C LEU B 92 -27.81 19.29 9.55
N LYS B 93 -28.21 20.56 9.41
CA LYS B 93 -29.21 20.88 8.40
C LYS B 93 -28.63 20.94 6.98
N GLU B 94 -27.37 21.35 6.83
CA GLU B 94 -26.76 21.30 5.50
C GLU B 94 -26.52 19.86 5.06
N ALA B 95 -26.02 19.02 5.96
CA ALA B 95 -25.86 17.61 5.63
C ALA B 95 -27.20 16.99 5.24
N ALA B 96 -28.28 17.44 5.88
CA ALA B 96 -29.61 16.92 5.55
C ALA B 96 -30.00 17.26 4.11
N MET B 97 -29.72 18.50 3.67
CA MET B 97 -30.09 18.91 2.32
C MET B 97 -29.22 18.19 1.28
N VAL B 98 -27.94 18.00 1.59
CA VAL B 98 -27.08 17.18 0.76
C VAL B 98 -27.65 15.77 0.64
N ASP B 99 -28.04 15.18 1.77
CA ASP B 99 -28.60 13.83 1.74
C ASP B 99 -29.89 13.77 0.93
N VAL B 100 -30.76 14.77 1.08
CA VAL B 100 -32.03 14.78 0.36
C VAL B 100 -31.79 14.69 -1.14
N TRP B 101 -30.95 15.57 -1.66
CA TRP B 101 -30.80 15.62 -3.11
C TRP B 101 -29.85 14.55 -3.62
N THR B 102 -29.05 13.93 -2.73
CA THR B 102 -28.35 12.71 -3.12
C THR B 102 -29.34 11.58 -3.33
N GLU B 103 -30.33 11.48 -2.45
CA GLU B 103 -31.35 10.44 -2.62
C GLU B 103 -32.21 10.73 -3.83
N VAL B 104 -32.50 12.00 -4.10
CA VAL B 104 -33.28 12.31 -5.29
C VAL B 104 -32.59 11.78 -6.54
N ASP B 105 -31.27 11.98 -6.65
CA ASP B 105 -30.54 11.42 -7.79
C ASP B 105 -30.74 9.91 -7.87
N ALA B 106 -30.53 9.24 -6.74
CA ALA B 106 -30.56 7.78 -6.76
C ALA B 106 -31.93 7.23 -7.14
N HIS B 107 -33.01 7.86 -6.66
CA HIS B 107 -34.32 7.24 -6.73
C HIS B 107 -35.34 7.98 -7.57
N THR B 108 -35.01 9.17 -8.07
CA THR B 108 -36.00 9.92 -8.84
C THR B 108 -35.41 10.39 -10.15
N TYR B 109 -34.29 11.12 -10.08
CA TYR B 109 -33.68 11.68 -11.29
C TYR B 109 -33.01 10.58 -12.12
N ASN B 110 -32.11 9.81 -11.50
CA ASN B 110 -31.39 8.84 -12.31
C ASN B 110 -32.30 7.74 -12.86
N PRO B 111 -33.30 7.26 -12.12
CA PRO B 111 -34.22 6.29 -12.72
C PRO B 111 -34.92 6.82 -13.96
N ALA B 112 -35.15 8.14 -14.07
CA ALA B 112 -35.78 8.70 -15.26
C ALA B 112 -34.79 8.96 -16.38
N LEU B 113 -33.55 9.35 -16.05
CA LEU B 113 -32.56 9.66 -17.08
C LEU B 113 -31.81 8.43 -17.58
N SER B 114 -31.42 7.50 -16.70
CA SER B 114 -30.54 6.42 -17.13
C SER B 114 -31.09 5.52 -18.23
N PRO B 115 -32.40 5.21 -18.31
CA PRO B 115 -32.86 4.41 -19.46
C PRO B 115 -32.53 5.05 -20.80
N ILE B 116 -32.58 6.38 -20.88
CA ILE B 116 -32.26 7.05 -22.14
C ILE B 116 -30.81 6.81 -22.52
N VAL B 117 -29.91 6.86 -21.53
CA VAL B 117 -28.51 6.59 -21.80
C VAL B 117 -28.31 5.15 -22.20
N TYR B 118 -28.97 4.22 -21.50
CA TYR B 118 -28.84 2.81 -21.82
C TYR B 118 -29.33 2.51 -23.23
N GLN B 119 -30.47 3.10 -23.62
CA GLN B 119 -31.05 2.78 -24.92
C GLN B 119 -30.32 3.47 -26.07
N CYS B 120 -29.91 4.73 -25.86
CA CYS B 120 -29.31 5.51 -26.94
C CYS B 120 -27.81 5.33 -27.07
N LEU B 121 -27.12 4.96 -25.98
CA LEU B 121 -25.68 4.81 -26.04
C LEU B 121 -25.22 3.39 -25.71
N PHE B 122 -25.53 2.90 -24.50
CA PHE B 122 -24.93 1.64 -24.03
C PHE B 122 -25.28 0.50 -24.96
N ASN B 123 -26.56 0.31 -25.26
CA ASN B 123 -26.97 -0.83 -26.09
C ASN B 123 -26.36 -0.78 -27.47
N PRO B 124 -26.50 0.28 -28.25
CA PRO B 124 -25.95 0.18 -29.61
C PRO B 124 -24.41 0.11 -29.62
N MET B 125 -23.70 0.82 -28.72
CA MET B 125 -22.23 0.85 -28.75
C MET B 125 -21.66 -0.43 -28.18
N MET B 126 -22.07 -0.76 -26.96
CA MET B 126 -21.42 -1.84 -26.24
C MET B 126 -21.96 -3.20 -26.65
N ARG B 127 -23.20 -3.25 -27.12
CA ARG B 127 -23.83 -4.52 -27.40
C ARG B 127 -24.36 -4.67 -28.82
N GLY B 128 -24.37 -3.61 -29.64
CA GLY B 128 -24.87 -3.76 -31.00
C GLY B 128 -26.36 -3.96 -31.10
N ILE B 129 -27.10 -3.61 -30.07
CA ILE B 129 -28.56 -3.73 -30.03
C ILE B 129 -29.16 -2.37 -30.32
N PRO B 130 -30.10 -2.26 -31.26
CA PRO B 130 -30.68 -0.94 -31.57
C PRO B 130 -31.46 -0.37 -30.39
N THR B 131 -31.59 0.96 -30.42
CA THR B 131 -32.33 1.70 -29.40
C THR B 131 -33.81 1.33 -29.42
N ASP B 132 -34.36 1.08 -28.25
CA ASP B 132 -35.81 0.93 -28.07
C ASP B 132 -36.41 2.34 -27.89
N GLU B 133 -37.07 2.84 -28.93
CA GLU B 133 -37.57 4.21 -28.88
C GLU B 133 -38.80 4.35 -27.97
N LYS B 134 -39.57 3.29 -27.79
CA LYS B 134 -40.68 3.35 -26.85
C LYS B 134 -40.18 3.60 -25.43
N VAL B 135 -39.17 2.83 -25.00
CA VAL B 135 -38.56 3.06 -23.70
C VAL B 135 -38.05 4.49 -23.58
N VAL B 136 -37.35 4.97 -24.62
CA VAL B 136 -36.80 6.30 -24.57
C VAL B 136 -37.92 7.34 -24.43
N ALA B 137 -38.99 7.16 -25.21
CA ALA B 137 -40.09 8.13 -25.20
C ALA B 137 -40.73 8.21 -23.82
N GLU B 138 -40.97 7.05 -23.19
CA GLU B 138 -41.62 7.08 -21.88
C GLU B 138 -40.69 7.65 -20.81
N SER B 139 -39.40 7.38 -20.91
CA SER B 139 -38.45 7.92 -19.93
C SER B 139 -38.33 9.43 -20.08
N LEU B 140 -38.37 9.93 -21.31
CA LEU B 140 -38.28 11.36 -21.54
C LEU B 140 -39.42 12.12 -20.86
N GLU B 141 -40.64 11.59 -20.93
CA GLU B 141 -41.75 12.28 -20.30
C GLU B 141 -41.58 12.29 -18.78
N LYS B 142 -41.08 11.20 -18.21
CA LYS B 142 -40.80 11.23 -16.77
C LYS B 142 -39.68 12.20 -16.45
N LEU B 143 -38.63 12.24 -17.29
CA LEU B 143 -37.51 13.12 -17.02
C LEU B 143 -37.93 14.58 -17.08
N LYS B 144 -38.77 14.95 -18.05
CA LYS B 144 -39.24 16.33 -18.14
C LYS B 144 -39.93 16.76 -16.85
N LYS B 145 -40.78 15.91 -16.29
CA LYS B 145 -41.45 16.26 -15.06
C LYS B 145 -40.44 16.42 -13.91
N VAL B 146 -39.40 15.59 -13.89
CA VAL B 146 -38.35 15.74 -12.89
C VAL B 146 -37.63 17.06 -13.08
N LEU B 147 -37.35 17.42 -14.35
CA LEU B 147 -36.55 18.62 -14.61
C LEU B 147 -37.30 19.90 -14.23
N GLU B 148 -38.63 19.89 -14.34
CA GLU B 148 -39.43 21.03 -13.87
C GLU B 148 -39.21 21.30 -12.39
N VAL B 149 -39.15 20.24 -11.58
CA VAL B 149 -38.86 20.40 -10.15
C VAL B 149 -37.44 20.93 -9.97
N TYR B 150 -36.48 20.35 -10.69
CA TYR B 150 -35.09 20.83 -10.63
C TYR B 150 -35.00 22.30 -11.04
N GLU B 151 -35.71 22.68 -12.11
CA GLU B 151 -35.70 24.07 -12.55
C GLU B 151 -36.17 24.99 -11.45
N ALA B 152 -37.28 24.64 -10.78
CA ALA B 152 -37.77 25.47 -9.69
C ALA B 152 -36.77 25.50 -8.54
N ARG B 153 -36.14 24.37 -8.23
CA ARG B 153 -35.20 24.33 -7.11
C ARG B 153 -33.96 25.17 -7.41
N LEU B 154 -33.40 25.05 -8.60
CA LEU B 154 -32.20 25.79 -8.99
C LEU B 154 -32.50 27.22 -9.39
N SER B 155 -33.77 27.64 -9.40
CA SER B 155 -34.07 29.07 -9.45
C SER B 155 -33.86 29.74 -8.08
N GLN B 156 -33.87 28.94 -7.00
CA GLN B 156 -33.69 29.43 -5.63
C GLN B 156 -32.24 29.41 -5.16
N HIS B 157 -31.49 28.37 -5.52
CA HIS B 157 -30.10 28.25 -5.10
C HIS B 157 -29.25 27.85 -6.28
N GLU B 158 -27.95 28.18 -6.22
CA GLU B 158 -27.06 27.84 -7.32
C GLU B 158 -26.81 26.34 -7.40
N TYR B 159 -26.97 25.62 -6.29
CA TYR B 159 -26.78 24.18 -6.26
C TYR B 159 -27.97 23.54 -5.53
N LEU B 160 -27.98 22.21 -5.51
CA LEU B 160 -29.21 21.52 -5.12
C LEU B 160 -29.43 21.59 -3.60
N ALA B 161 -28.36 21.53 -2.80
CA ALA B 161 -28.52 21.61 -1.34
C ALA B 161 -28.52 23.04 -0.82
N GLY B 162 -28.25 24.02 -1.65
CA GLY B 162 -28.16 25.40 -1.21
C GLY B 162 -27.13 26.15 -2.03
N ASP B 163 -26.48 27.12 -1.38
CA ASP B 163 -25.55 28.02 -2.07
C ASP B 163 -24.13 27.47 -2.12
N PHE B 164 -23.97 26.14 -2.14
CA PHE B 164 -22.65 25.51 -2.16
C PHE B 164 -22.75 24.23 -2.95
N VAL B 165 -21.70 23.91 -3.72
CA VAL B 165 -21.65 22.61 -4.41
C VAL B 165 -21.50 21.52 -3.37
N SER B 166 -22.08 20.35 -3.66
CA SER B 166 -22.06 19.27 -2.67
C SER B 166 -22.03 17.91 -3.38
N PHE B 167 -21.90 16.86 -2.57
CA PHE B 167 -22.07 15.46 -2.95
C PHE B 167 -23.32 15.30 -3.82
N ALA B 168 -24.38 16.02 -3.48
CA ALA B 168 -25.64 15.85 -4.21
C ALA B 168 -25.48 16.25 -5.67
N ASP B 169 -24.85 17.39 -5.93
CA ASP B 169 -24.70 17.86 -7.32
C ASP B 169 -23.82 16.91 -8.12
N LEU B 170 -22.64 16.58 -7.58
CA LEU B 170 -21.66 15.87 -8.38
C LEU B 170 -22.07 14.44 -8.68
N ASN B 171 -22.95 13.86 -7.86
CA ASN B 171 -23.49 12.54 -8.17
C ASN B 171 -24.34 12.53 -9.43
N HIS B 172 -24.88 13.68 -9.85
CA HIS B 172 -25.60 13.76 -11.12
C HIS B 172 -24.68 13.73 -12.33
N PHE B 173 -23.36 13.81 -12.17
CA PHE B 173 -22.51 13.99 -13.34
C PHE B 173 -22.43 12.76 -14.25
N PRO B 174 -22.12 11.55 -13.77
CA PRO B 174 -21.74 10.49 -14.73
C PRO B 174 -22.84 10.10 -15.72
N TYR B 175 -24.08 9.88 -15.27
CA TYR B 175 -25.12 9.51 -16.23
C TYR B 175 -25.54 10.71 -17.08
N THR B 176 -25.57 11.91 -16.48
CA THR B 176 -25.95 13.09 -17.24
C THR B 176 -24.93 13.43 -18.31
N PHE B 177 -23.64 13.18 -18.04
CA PHE B 177 -22.62 13.40 -19.06
C PHE B 177 -22.93 12.60 -20.31
N TYR B 178 -23.22 11.32 -20.14
CA TYR B 178 -23.56 10.48 -21.28
C TYR B 178 -24.89 10.89 -21.90
N PHE B 179 -25.83 11.39 -21.10
CA PHE B 179 -27.06 11.91 -21.67
C PHE B 179 -26.78 13.02 -22.68
N MET B 180 -25.73 13.83 -22.44
CA MET B 180 -25.36 14.89 -23.38
C MET B 180 -24.73 14.37 -24.66
N ALA B 181 -24.46 13.07 -24.75
CA ALA B 181 -24.04 12.45 -26.01
C ALA B 181 -25.19 11.78 -26.76
N THR B 182 -26.40 11.79 -26.23
CA THR B 182 -27.53 11.18 -26.90
C THR B 182 -28.20 12.20 -27.81
N PRO B 183 -29.16 11.76 -28.63
CA PRO B 183 -29.89 12.73 -29.47
C PRO B 183 -30.72 13.72 -28.65
N HIS B 184 -30.81 13.56 -27.34
CA HIS B 184 -31.70 14.38 -26.53
C HIS B 184 -30.94 15.43 -25.74
N ALA B 185 -29.68 15.69 -26.10
CA ALA B 185 -28.84 16.61 -25.33
C ALA B 185 -29.44 18.02 -25.24
N ALA B 186 -30.20 18.44 -26.26
CA ALA B 186 -30.77 19.78 -26.21
C ALA B 186 -31.88 19.93 -25.17
N LEU B 187 -32.30 18.85 -24.50
CA LEU B 187 -33.41 18.94 -23.55
C LEU B 187 -33.13 19.98 -22.47
N PHE B 188 -31.91 19.99 -21.93
CA PHE B 188 -31.62 20.85 -20.80
C PHE B 188 -31.75 22.33 -21.17
N GLY B 189 -31.56 22.67 -22.45
CA GLY B 189 -31.77 24.03 -22.90
C GLY B 189 -33.14 24.61 -22.58
N SER B 190 -34.15 23.77 -22.40
CA SER B 190 -35.48 24.28 -22.07
C SER B 190 -35.63 24.60 -20.59
N TYR B 191 -34.64 24.29 -19.78
CA TYR B 191 -34.66 24.51 -18.33
C TYR B 191 -33.43 25.35 -17.99
N PRO B 192 -33.50 26.67 -18.17
CA PRO B 192 -32.26 27.47 -18.14
C PRO B 192 -31.53 27.40 -16.80
N HIS B 193 -32.25 27.30 -15.68
CA HIS B 193 -31.56 27.16 -14.39
C HIS B 193 -30.88 25.81 -14.28
N VAL B 194 -31.51 24.76 -14.80
CA VAL B 194 -30.84 23.45 -14.80
C VAL B 194 -29.61 23.49 -15.70
N LYS B 195 -29.74 24.08 -16.90
CA LYS B 195 -28.60 24.10 -17.80
C LYS B 195 -27.42 24.86 -17.20
N ALA B 196 -27.68 25.99 -16.55
CA ALA B 196 -26.59 26.77 -15.98
C ALA B 196 -25.92 26.02 -14.84
N TRP B 197 -26.71 25.28 -14.06
CA TRP B 197 -26.17 24.43 -13.00
C TRP B 197 -25.31 23.33 -13.59
N TRP B 198 -25.79 22.71 -14.68
CA TRP B 198 -25.01 21.69 -15.37
C TRP B 198 -23.69 22.25 -15.88
N GLU B 199 -23.70 23.47 -16.44
CA GLU B 199 -22.46 24.06 -16.93
C GLU B 199 -21.50 24.38 -15.80
N ARG B 200 -22.02 24.77 -14.62
CA ARG B 200 -21.17 24.94 -13.45
C ARG B 200 -20.47 23.63 -13.10
N ILE B 201 -21.19 22.51 -13.17
CA ILE B 201 -20.58 21.22 -12.87
C ILE B 201 -19.50 20.88 -13.89
N MET B 202 -19.81 21.05 -15.17
CA MET B 202 -18.86 20.73 -16.22
C MET B 202 -17.64 21.64 -16.24
N ALA B 203 -17.72 22.82 -15.62
CA ALA B 203 -16.55 23.70 -15.54
C ALA B 203 -15.56 23.27 -14.47
N ARG B 204 -15.94 22.40 -13.56
CA ARG B 204 -15.03 22.02 -12.47
C ARG B 204 -13.85 21.24 -13.02
N PRO B 205 -12.62 21.56 -12.60
CA PRO B 205 -11.44 20.82 -13.09
C PRO B 205 -11.50 19.31 -12.91
N ALA B 206 -12.04 18.81 -11.79
CA ALA B 206 -12.16 17.37 -11.61
C ALA B 206 -13.13 16.78 -12.62
N ILE B 207 -14.23 17.48 -12.88
CA ILE B 207 -15.23 17.00 -13.84
C ILE B 207 -14.64 17.00 -15.25
N LYS B 208 -13.93 18.08 -15.61
CA LYS B 208 -13.23 18.11 -16.90
C LYS B 208 -12.28 16.93 -17.05
N LYS B 209 -11.50 16.65 -15.99
CA LYS B 209 -10.49 15.60 -16.07
C LYS B 209 -11.13 14.22 -16.24
N ILE B 210 -12.15 13.92 -15.43
CA ILE B 210 -12.74 12.58 -15.50
C ILE B 210 -13.55 12.42 -16.78
N SER B 211 -14.26 13.46 -17.20
CA SER B 211 -15.09 13.31 -18.40
C SER B 211 -14.26 12.97 -19.62
N ALA B 212 -13.02 13.50 -19.72
CA ALA B 212 -12.17 13.15 -20.85
C ALA B 212 -11.76 11.68 -20.85
N THR B 213 -11.83 11.00 -19.70
CA THR B 213 -11.44 9.61 -19.63
C THR B 213 -12.60 8.66 -19.85
N MET B 214 -13.83 9.17 -19.95
CA MET B 214 -14.99 8.30 -20.05
C MET B 214 -15.18 7.89 -21.51
N VAL B 215 -14.31 6.97 -21.92
CA VAL B 215 -14.29 6.44 -23.29
C VAL B 215 -13.98 4.96 -23.24
N PRO B 216 -14.52 4.19 -24.18
CA PRO B 216 -14.35 2.73 -24.14
C PRO B 216 -12.88 2.35 -24.21
N PRO B 217 -12.45 1.41 -23.36
CA PRO B 217 -11.03 1.01 -23.38
C PRO B 217 -10.65 0.34 -24.70
N LYS B 218 -9.48 0.72 -25.21
CA LYS B 218 -8.92 0.03 -26.36
C LYS B 218 -8.39 -1.35 -25.95
N ALA B 219 -7.71 -1.41 -24.81
CA ALA B 219 -7.27 -2.67 -24.23
C ALA B 219 -7.36 -2.54 -22.72
N LYS B 220 -6.97 -3.61 -22.02
CA LYS B 220 -7.07 -3.60 -20.57
C LYS B 220 -5.83 -2.90 -20.01
N GLY B 221 -6.04 -1.74 -19.40
CA GLY B 221 -4.95 -0.99 -18.82
C GLY B 221 -5.00 -0.88 -17.30
N HIS B 222 -3.87 -0.47 -16.74
CA HIS B 222 -3.72 -0.10 -15.34
C HIS B 222 -3.31 1.36 -15.33
N HIS B 223 -4.20 2.24 -14.87
CA HIS B 223 -4.00 3.68 -15.01
C HIS B 223 -3.54 4.27 -13.69
N HIS B 224 -2.48 5.08 -13.72
CA HIS B 224 -1.87 5.61 -12.51
C HIS B 224 -2.01 7.13 -12.48
N HIS B 225 -2.62 7.65 -11.42
CA HIS B 225 -2.97 9.07 -11.34
C HIS B 225 -2.35 9.71 -10.11
N HIS B 226 -1.55 10.75 -10.34
CA HIS B 226 -0.82 11.49 -9.32
C HIS B 226 -1.39 12.89 -9.16
N HIS B 227 -1.21 13.46 -7.96
CA HIS B 227 -1.63 14.82 -7.70
C HIS B 227 -0.52 15.59 -6.99
N MET C 1 45.99 27.52 -28.78
CA MET C 1 46.37 26.17 -28.40
C MET C 1 45.31 25.48 -27.55
N ALA C 2 44.40 24.73 -28.17
CA ALA C 2 43.44 23.96 -27.38
C ALA C 2 42.73 22.86 -28.17
N PRO C 3 43.45 21.88 -28.72
CA PRO C 3 42.76 20.80 -29.44
C PRO C 3 42.49 19.61 -28.53
N VAL C 4 41.28 19.07 -28.64
CA VAL C 4 40.92 17.92 -27.81
C VAL C 4 41.68 16.67 -28.28
N LYS C 5 41.77 15.69 -27.40
CA LYS C 5 42.52 14.47 -27.70
C LYS C 5 41.61 13.25 -27.65
N VAL C 6 41.75 12.40 -28.65
CA VAL C 6 41.04 11.13 -28.74
C VAL C 6 42.08 10.03 -28.62
N PHE C 7 41.91 9.14 -27.65
CA PHE C 7 42.89 8.11 -27.36
C PHE C 7 42.48 6.80 -28.01
N GLY C 8 43.36 6.25 -28.83
CA GLY C 8 43.10 5.02 -29.55
C GLY C 8 43.28 5.23 -31.03
N PRO C 9 43.58 4.17 -31.77
CA PRO C 9 43.79 4.32 -33.22
C PRO C 9 42.49 4.50 -33.98
N ALA C 10 42.59 5.21 -35.11
CA ALA C 10 41.41 5.54 -35.91
C ALA C 10 40.76 4.31 -36.51
N MET C 11 41.50 3.21 -36.71
CA MET C 11 40.90 2.00 -37.26
C MET C 11 39.90 1.36 -36.31
N SER C 12 40.00 1.62 -35.01
CA SER C 12 39.06 1.07 -34.06
C SER C 12 37.68 1.70 -34.28
N THR C 13 36.65 0.85 -34.31
CA THR C 13 35.31 1.30 -34.69
C THR C 13 34.80 2.39 -33.77
N ASN C 14 34.97 2.21 -32.46
CA ASN C 14 34.39 3.17 -31.53
C ASN C 14 35.22 4.42 -31.41
N VAL C 15 36.52 4.35 -31.72
CA VAL C 15 37.29 5.57 -31.93
C VAL C 15 36.76 6.31 -33.15
N ALA C 16 36.59 5.59 -34.27
CA ALA C 16 36.15 6.24 -35.50
C ALA C 16 34.79 6.90 -35.32
N ARG C 17 33.92 6.30 -34.51
CA ARG C 17 32.63 6.92 -34.22
C ARG C 17 32.81 8.34 -33.71
N VAL C 18 33.71 8.52 -32.74
CA VAL C 18 34.00 9.85 -32.21
C VAL C 18 34.60 10.75 -33.29
N LEU C 19 35.51 10.21 -34.10
CA LEU C 19 36.16 11.06 -35.11
C LEU C 19 35.16 11.56 -36.14
N VAL C 20 34.13 10.77 -36.46
CA VAL C 20 33.14 11.21 -37.42
C VAL C 20 32.43 12.46 -36.91
N PHE C 21 32.12 12.51 -35.63
CA PHE C 21 31.34 13.62 -35.12
C PHE C 21 32.20 14.85 -34.90
N LEU C 22 33.48 14.65 -34.56
CA LEU C 22 34.41 15.78 -34.52
C LEU C 22 34.52 16.44 -35.88
N GLU C 23 34.54 15.64 -36.95
CA GLU C 23 34.62 16.19 -38.30
C GLU C 23 33.32 16.86 -38.72
N GLU C 24 32.16 16.31 -38.29
CA GLU C 24 30.88 16.88 -38.66
C GLU C 24 30.73 18.31 -38.13
N VAL C 25 31.36 18.61 -36.99
CA VAL C 25 31.31 19.95 -36.43
C VAL C 25 32.56 20.77 -36.76
N GLY C 26 33.53 20.18 -37.46
CA GLY C 26 34.72 20.92 -37.85
C GLY C 26 35.68 21.25 -36.71
N ALA C 27 35.76 20.37 -35.71
CA ALA C 27 36.63 20.62 -34.56
C ALA C 27 38.07 20.19 -34.86
N ASP C 28 39.01 20.92 -34.27
CA ASP C 28 40.40 20.47 -34.24
C ASP C 28 40.58 19.42 -33.14
N TYR C 29 41.28 18.34 -33.46
CA TYR C 29 41.52 17.27 -32.50
C TYR C 29 42.84 16.60 -32.83
N GLU C 30 43.35 15.87 -31.84
CA GLU C 30 44.55 15.05 -32.00
C GLU C 30 44.19 13.61 -31.70
N VAL C 31 44.58 12.70 -32.59
CA VAL C 31 44.41 11.27 -32.36
C VAL C 31 45.70 10.77 -31.70
N VAL C 32 45.59 10.34 -30.45
CA VAL C 32 46.72 9.79 -29.71
C VAL C 32 46.74 8.28 -29.96
N ASP C 33 47.71 7.83 -30.74
CA ASP C 33 47.80 6.41 -31.02
C ASP C 33 48.21 5.65 -29.77
N MET C 34 47.84 4.37 -29.72
CA MET C 34 48.13 3.55 -28.57
C MET C 34 48.59 2.18 -29.03
N ASP C 35 49.71 1.73 -28.46
CA ASP C 35 50.33 0.46 -28.83
C ASP C 35 49.55 -0.66 -28.13
N PHE C 36 48.70 -1.35 -28.89
CA PHE C 36 47.84 -2.37 -28.31
C PHE C 36 48.59 -3.66 -27.98
N LYS C 37 49.77 -3.86 -28.54
CA LYS C 37 50.50 -5.10 -28.33
C LYS C 37 51.42 -5.04 -27.11
N VAL C 38 51.68 -3.84 -26.60
CA VAL C 38 52.19 -3.67 -25.25
C VAL C 38 51.05 -3.52 -24.24
N MET C 39 49.80 -3.67 -24.71
CA MET C 39 48.60 -3.52 -23.87
C MET C 39 48.62 -2.17 -23.14
N GLU C 40 48.91 -1.11 -23.91
CA GLU C 40 48.98 0.23 -23.34
C GLU C 40 47.62 0.68 -22.79
N HIS C 41 46.53 0.16 -23.34
CA HIS C 41 45.21 0.53 -22.85
C HIS C 41 44.91 -0.03 -21.47
N LYS C 42 45.72 -0.97 -20.97
CA LYS C 42 45.58 -1.46 -19.61
C LYS C 42 46.57 -0.82 -18.65
N SER C 43 47.38 0.12 -19.12
CA SER C 43 48.35 0.80 -18.28
C SER C 43 47.66 1.71 -17.28
N PRO C 44 48.35 2.08 -16.20
CA PRO C 44 47.72 3.00 -15.22
C PRO C 44 47.41 4.37 -15.81
N GLU C 45 48.20 4.85 -16.77
CA GLU C 45 47.95 6.17 -17.33
C GLU C 45 46.65 6.20 -18.10
N HIS C 46 46.37 5.15 -18.88
CA HIS C 46 45.11 5.11 -19.62
C HIS C 46 43.94 4.76 -18.71
N LEU C 47 44.16 3.88 -17.72
CA LEU C 47 43.08 3.55 -16.79
C LEU C 47 42.54 4.78 -16.09
N ALA C 48 43.36 5.82 -15.91
CA ALA C 48 42.85 7.06 -15.35
C ALA C 48 41.89 7.76 -16.31
N ARG C 49 41.98 7.46 -17.60
CA ARG C 49 41.05 8.04 -18.58
C ARG C 49 39.84 7.16 -18.82
N ASN C 50 40.06 5.85 -18.95
CA ASN C 50 38.97 4.88 -19.04
C ASN C 50 39.28 3.77 -18.05
N PRO C 51 38.55 3.71 -16.91
CA PRO C 51 38.90 2.73 -15.87
C PRO C 51 38.61 1.30 -16.27
N PHE C 52 37.89 1.08 -17.36
CA PHE C 52 37.68 -0.27 -17.86
C PHE C 52 38.73 -0.68 -18.87
N GLY C 53 39.74 0.16 -19.09
CA GLY C 53 40.85 -0.16 -19.95
C GLY C 53 40.43 -0.43 -21.37
N GLN C 54 39.61 0.46 -21.93
CA GLN C 54 39.17 0.35 -23.32
C GLN C 54 39.45 1.66 -24.05
N ILE C 55 39.34 1.59 -25.37
CA ILE C 55 39.41 2.78 -26.20
C ILE C 55 38.05 2.93 -26.88
N PRO C 56 37.60 4.15 -27.20
CA PRO C 56 38.32 5.41 -26.96
C PRO C 56 38.24 5.92 -25.53
N ALA C 57 39.15 6.83 -25.23
CA ALA C 57 38.98 7.82 -24.19
C ALA C 57 39.14 9.18 -24.83
N PHE C 58 38.89 10.23 -24.04
CA PHE C 58 38.78 11.56 -24.59
C PHE C 58 39.19 12.58 -23.54
N GLN C 59 39.96 13.58 -23.95
CA GLN C 59 40.41 14.61 -23.04
C GLN C 59 40.14 15.99 -23.63
N ASP C 60 39.47 16.83 -22.85
CA ASP C 60 39.24 18.25 -23.18
C ASP C 60 39.73 19.04 -21.97
N GLY C 61 41.00 19.42 -21.99
CA GLY C 61 41.59 20.08 -20.83
C GLY C 61 41.56 19.19 -19.61
N ASP C 62 40.85 19.60 -18.57
CA ASP C 62 40.75 18.86 -17.32
C ASP C 62 39.63 17.83 -17.34
N LEU C 63 38.93 17.68 -18.45
CA LEU C 63 37.80 16.77 -18.54
C LEU C 63 38.24 15.50 -19.26
N LEU C 64 37.97 14.36 -18.65
CA LEU C 64 38.26 13.06 -19.21
C LEU C 64 36.96 12.31 -19.41
N LEU C 65 36.72 11.80 -20.62
CA LEU C 65 35.50 11.05 -20.87
C LEU C 65 35.88 9.72 -21.48
N PHE C 66 34.95 8.77 -21.38
CA PHE C 66 35.01 7.54 -22.17
C PHE C 66 33.58 7.15 -22.56
N GLU C 67 33.46 6.02 -23.25
CA GLU C 67 32.25 5.56 -23.95
C GLU C 67 31.97 6.45 -25.15
N SER C 68 32.08 5.85 -26.34
CA SER C 68 32.18 6.64 -27.58
C SER C 68 30.95 7.48 -27.85
N ARG C 69 29.75 6.99 -27.53
CA ARG C 69 28.55 7.80 -27.78
C ARG C 69 28.44 8.96 -26.79
N ALA C 70 28.87 8.77 -25.55
CA ALA C 70 28.91 9.88 -24.61
C ALA C 70 29.94 10.92 -25.04
N ILE C 71 31.12 10.48 -25.45
CA ILE C 71 32.10 11.42 -26.00
C ILE C 71 31.46 12.18 -27.16
N SER C 72 30.80 11.45 -28.07
CA SER C 72 30.29 12.07 -29.29
C SER C 72 29.27 13.15 -28.99
N LYS C 73 28.38 12.90 -28.03
CA LYS C 73 27.35 13.88 -27.70
C LYS C 73 27.95 15.12 -27.04
N TYR C 74 28.99 14.93 -26.23
CA TYR C 74 29.70 16.09 -25.69
C TYR C 74 30.28 16.93 -26.82
N VAL C 75 30.91 16.28 -27.80
CA VAL C 75 31.47 17.01 -28.95
C VAL C 75 30.38 17.80 -29.68
N LEU C 76 29.23 17.17 -29.93
CA LEU C 76 28.20 17.87 -30.72
C LEU C 76 27.62 19.04 -29.95
N ARG C 77 27.54 18.93 -28.62
CA ARG C 77 27.01 20.02 -27.81
C ARG C 77 28.03 21.13 -27.63
N LYS C 78 29.29 20.76 -27.40
CA LYS C 78 30.34 21.76 -27.21
C LYS C 78 30.50 22.64 -28.45
N TYR C 79 30.55 22.00 -29.62
CA TYR C 79 30.87 22.68 -30.86
C TYR C 79 29.63 23.06 -31.67
N LYS C 80 28.46 23.10 -31.02
CA LYS C 80 27.21 23.35 -31.71
C LYS C 80 27.25 24.70 -32.45
N THR C 81 26.74 24.69 -33.69
CA THR C 81 26.49 25.90 -34.47
C THR C 81 25.17 25.72 -35.22
N GLY C 82 24.68 26.81 -35.81
CA GLY C 82 23.40 26.74 -36.49
C GLY C 82 23.38 25.78 -37.67
N GLU C 83 24.54 25.53 -38.28
CA GLU C 83 24.61 24.78 -39.52
C GLU C 83 24.60 23.27 -39.30
N VAL C 84 24.70 22.80 -38.06
CA VAL C 84 24.69 21.38 -37.76
C VAL C 84 23.71 21.14 -36.61
N ASP C 85 22.84 20.14 -36.76
CA ASP C 85 21.86 19.84 -35.71
C ASP C 85 21.55 18.33 -35.77
N LEU C 86 22.45 17.52 -35.22
CA LEU C 86 22.33 16.07 -35.31
C LEU C 86 21.62 15.44 -34.13
N LEU C 87 21.44 16.19 -33.04
CA LEU C 87 20.74 15.70 -31.86
C LEU C 87 19.32 16.23 -31.75
N ARG C 88 19.02 17.37 -32.40
CA ARG C 88 17.67 17.95 -32.42
C ARG C 88 17.18 18.35 -31.03
N GLU C 89 18.09 18.76 -30.14
CA GLU C 89 17.71 18.89 -28.74
C GLU C 89 16.71 20.01 -28.49
N GLY C 90 16.53 20.91 -29.45
CA GLY C 90 15.49 21.92 -29.34
C GLY C 90 14.08 21.46 -29.66
N ASN C 91 13.91 20.23 -30.12
CA ASN C 91 12.60 19.73 -30.55
C ASN C 91 12.38 18.38 -29.87
N LEU C 92 11.44 18.36 -28.92
CA LEU C 92 11.24 17.18 -28.07
C LEU C 92 10.97 15.93 -28.89
N LYS C 93 10.05 16.02 -29.86
CA LYS C 93 9.66 14.83 -30.61
C LYS C 93 10.74 14.40 -31.60
N GLU C 94 11.48 15.36 -32.18
CA GLU C 94 12.55 14.97 -33.08
C GLU C 94 13.71 14.33 -32.33
N ALA C 95 14.11 14.94 -31.21
CA ALA C 95 15.11 14.32 -30.35
C ALA C 95 14.70 12.91 -29.95
N ALA C 96 13.40 12.68 -29.72
CA ALA C 96 12.98 11.33 -29.33
C ALA C 96 13.18 10.34 -30.46
N MET C 97 12.86 10.74 -31.70
CA MET C 97 13.08 9.85 -32.83
C MET C 97 14.55 9.58 -33.04
N VAL C 98 15.39 10.61 -32.86
CA VAL C 98 16.82 10.41 -32.93
C VAL C 98 17.26 9.42 -31.84
N ASP C 99 16.78 9.61 -30.62
CA ASP C 99 17.12 8.69 -29.53
C ASP C 99 16.66 7.28 -29.86
N VAL C 100 15.46 7.13 -30.42
CA VAL C 100 14.94 5.80 -30.70
C VAL C 100 15.91 5.02 -31.59
N TRP C 101 16.32 5.63 -32.72
CA TRP C 101 17.08 4.85 -33.68
C TRP C 101 18.56 4.79 -33.32
N THR C 102 19.04 5.70 -32.48
CA THR C 102 20.34 5.55 -31.84
C THR C 102 20.37 4.33 -30.93
N GLU C 103 19.31 4.11 -30.16
CA GLU C 103 19.22 2.91 -29.31
C GLU C 103 19.08 1.66 -30.16
N VAL C 104 18.39 1.75 -31.31
CA VAL C 104 18.25 0.59 -32.19
C VAL C 104 19.60 0.15 -32.70
N ASP C 105 20.45 1.11 -33.10
CA ASP C 105 21.80 0.75 -33.47
C ASP C 105 22.49 0.03 -32.32
N ALA C 106 22.43 0.61 -31.12
CA ALA C 106 23.19 0.06 -30.00
C ALA C 106 22.74 -1.36 -29.65
N HIS C 107 21.44 -1.63 -29.68
CA HIS C 107 20.92 -2.84 -29.06
C HIS C 107 20.23 -3.80 -30.01
N THR C 108 19.95 -3.40 -31.26
CA THR C 108 19.35 -4.31 -32.23
C THR C 108 20.20 -4.51 -33.48
N TYR C 109 20.57 -3.43 -34.15
CA TYR C 109 21.28 -3.53 -35.41
C TYR C 109 22.73 -3.94 -35.19
N ASN C 110 23.45 -3.21 -34.34
CA ASN C 110 24.86 -3.54 -34.20
C ASN C 110 25.08 -4.91 -33.55
N PRO C 111 24.27 -5.37 -32.60
CA PRO C 111 24.45 -6.75 -32.11
C PRO C 111 24.27 -7.82 -33.17
N ALA C 112 23.48 -7.57 -34.23
CA ALA C 112 23.37 -8.53 -35.32
C ALA C 112 24.48 -8.39 -36.34
N LEU C 113 24.93 -7.16 -36.61
CA LEU C 113 25.93 -6.96 -37.66
C LEU C 113 27.34 -7.21 -37.15
N SER C 114 27.67 -6.71 -35.96
CA SER C 114 29.07 -6.69 -35.54
C SER C 114 29.72 -8.08 -35.44
N PRO C 115 29.05 -9.16 -35.05
CA PRO C 115 29.74 -10.47 -35.08
C PRO C 115 30.17 -10.89 -36.47
N ILE C 116 29.49 -10.43 -37.52
CA ILE C 116 29.95 -10.73 -38.86
C ILE C 116 31.28 -10.04 -39.12
N VAL C 117 31.40 -8.78 -38.71
CA VAL C 117 32.67 -8.07 -38.83
C VAL C 117 33.74 -8.76 -38.00
N TYR C 118 33.41 -9.08 -36.74
CA TYR C 118 34.38 -9.71 -35.85
C TYR C 118 34.88 -11.03 -36.44
N GLN C 119 33.95 -11.87 -36.92
CA GLN C 119 34.33 -13.20 -37.37
C GLN C 119 35.05 -13.16 -38.72
N CYS C 120 34.61 -12.28 -39.62
CA CYS C 120 35.13 -12.27 -40.99
C CYS C 120 36.39 -11.45 -41.13
N LEU C 121 36.58 -10.41 -40.33
CA LEU C 121 37.71 -9.51 -40.45
C LEU C 121 38.61 -9.54 -39.22
N PHE C 122 38.10 -9.15 -38.04
CA PHE C 122 38.98 -8.92 -36.89
C PHE C 122 39.68 -10.20 -36.46
N ASN C 123 38.94 -11.30 -36.32
CA ASN C 123 39.54 -12.55 -35.86
C ASN C 123 40.68 -13.01 -36.76
N PRO C 124 40.48 -13.21 -38.07
CA PRO C 124 41.61 -13.70 -38.88
C PRO C 124 42.74 -12.69 -39.05
N MET C 125 42.42 -11.41 -39.30
CA MET C 125 43.47 -10.45 -39.63
C MET C 125 44.18 -9.93 -38.39
N MET C 126 43.45 -9.66 -37.31
CA MET C 126 44.04 -9.03 -36.14
C MET C 126 44.37 -10.03 -35.03
N ARG C 127 43.70 -11.17 -34.98
CA ARG C 127 43.94 -12.14 -33.92
C ARG C 127 44.35 -13.52 -34.44
N GLY C 128 44.28 -13.76 -35.75
CA GLY C 128 44.67 -15.04 -36.31
C GLY C 128 43.67 -16.16 -36.15
N ILE C 129 42.57 -15.95 -35.44
CA ILE C 129 41.58 -17.01 -35.25
C ILE C 129 40.74 -17.14 -36.51
N PRO C 130 40.51 -18.35 -37.00
CA PRO C 130 39.69 -18.51 -38.21
C PRO C 130 38.25 -18.10 -37.98
N THR C 131 37.60 -17.69 -39.07
CA THR C 131 36.20 -17.29 -39.03
C THR C 131 35.34 -18.44 -38.54
N ASP C 132 34.57 -18.20 -37.48
CA ASP C 132 33.56 -19.17 -37.03
C ASP C 132 32.34 -19.01 -37.93
N GLU C 133 32.15 -19.95 -38.85
CA GLU C 133 31.09 -19.79 -39.85
C GLU C 133 29.71 -20.03 -39.24
N LYS C 134 29.62 -20.82 -38.18
CA LYS C 134 28.33 -20.95 -37.50
C LYS C 134 27.87 -19.60 -36.95
N VAL C 135 28.79 -18.84 -36.35
CA VAL C 135 28.43 -17.54 -35.80
C VAL C 135 28.00 -16.59 -36.91
N VAL C 136 28.71 -16.61 -38.03
CA VAL C 136 28.36 -15.74 -39.14
C VAL C 136 26.96 -16.06 -39.66
N ALA C 137 26.69 -17.35 -39.89
CA ALA C 137 25.40 -17.74 -40.44
C ALA C 137 24.25 -17.34 -39.53
N GLU C 138 24.40 -17.54 -38.22
CA GLU C 138 23.34 -17.18 -37.29
C GLU C 138 23.18 -15.66 -37.20
N SER C 139 24.29 -14.92 -37.21
CA SER C 139 24.20 -13.46 -37.20
C SER C 139 23.57 -12.94 -38.49
N LEU C 140 23.89 -13.57 -39.62
CA LEU C 140 23.37 -13.13 -40.90
C LEU C 140 21.84 -13.25 -40.95
N GLU C 141 21.30 -14.34 -40.41
CA GLU C 141 19.83 -14.49 -40.39
C GLU C 141 19.17 -13.43 -39.52
N LYS C 142 19.79 -13.08 -38.38
CA LYS C 142 19.24 -12.02 -37.54
C LYS C 142 19.38 -10.65 -38.20
N LEU C 143 20.52 -10.39 -38.85
CA LEU C 143 20.71 -9.11 -39.52
C LEU C 143 19.70 -8.93 -40.65
N LYS C 144 19.36 -10.03 -41.34
CA LYS C 144 18.36 -9.95 -42.42
C LYS C 144 17.01 -9.50 -41.88
N LYS C 145 16.61 -10.01 -40.71
CA LYS C 145 15.34 -9.58 -40.12
C LYS C 145 15.40 -8.12 -39.71
N VAL C 146 16.56 -7.64 -39.27
CA VAL C 146 16.70 -6.23 -38.92
C VAL C 146 16.61 -5.36 -40.17
N LEU C 147 17.23 -5.81 -41.27
CA LEU C 147 17.24 -5.01 -42.49
C LEU C 147 15.87 -4.93 -43.14
N GLU C 148 15.02 -5.94 -42.96
CA GLU C 148 13.63 -5.83 -43.42
C GLU C 148 12.93 -4.65 -42.75
N VAL C 149 13.18 -4.44 -41.46
CA VAL C 149 12.58 -3.32 -40.75
C VAL C 149 13.18 -2.01 -41.23
N TYR C 150 14.52 -1.96 -41.37
CA TYR C 150 15.16 -0.75 -41.88
C TYR C 150 14.68 -0.41 -43.27
N GLU C 151 14.47 -1.43 -44.10
CA GLU C 151 14.01 -1.19 -45.47
C GLU C 151 12.64 -0.49 -45.47
N ALA C 152 11.73 -0.91 -44.60
CA ALA C 152 10.43 -0.25 -44.51
C ALA C 152 10.56 1.16 -43.93
N ARG C 153 11.41 1.33 -42.92
CA ARG C 153 11.59 2.65 -42.33
C ARG C 153 12.22 3.62 -43.33
N LEU C 154 13.21 3.16 -44.08
CA LEU C 154 13.89 4.04 -45.01
C LEU C 154 13.15 4.18 -46.33
N SER C 155 11.98 3.53 -46.47
CA SER C 155 11.03 3.88 -47.52
C SER C 155 10.10 5.00 -47.11
N GLN C 156 10.06 5.35 -45.82
CA GLN C 156 9.22 6.46 -45.38
C GLN C 156 9.94 7.79 -45.49
N HIS C 157 11.26 7.80 -45.27
CA HIS C 157 12.06 9.00 -45.46
C HIS C 157 13.51 8.55 -45.62
N GLU C 158 14.36 9.52 -45.98
CA GLU C 158 15.74 9.18 -46.34
C GLU C 158 16.60 8.81 -45.14
N TYR C 159 16.18 9.13 -43.92
CA TYR C 159 16.99 8.87 -42.73
C TYR C 159 16.14 8.23 -41.65
N LEU C 160 16.81 7.73 -40.61
CA LEU C 160 16.10 6.89 -39.66
C LEU C 160 15.08 7.66 -38.83
N ALA C 161 15.42 8.91 -38.45
CA ALA C 161 14.57 9.67 -37.54
C ALA C 161 13.53 10.53 -38.24
N GLY C 162 13.67 10.72 -39.55
CA GLY C 162 12.79 11.57 -40.33
C GLY C 162 13.50 11.95 -41.63
N ASP C 163 13.16 13.12 -42.15
CA ASP C 163 13.80 13.49 -43.40
C ASP C 163 15.16 14.14 -43.19
N PHE C 164 15.65 14.22 -41.96
CA PHE C 164 16.91 14.87 -41.63
C PHE C 164 17.94 13.84 -41.16
N VAL C 165 19.20 14.07 -41.52
CA VAL C 165 20.28 13.24 -41.02
C VAL C 165 20.45 13.51 -39.52
N SER C 166 20.85 12.49 -38.76
CA SER C 166 20.95 12.72 -37.32
C SER C 166 22.01 11.80 -36.71
N PHE C 167 22.21 12.00 -35.41
CA PHE C 167 23.03 11.14 -34.57
C PHE C 167 22.73 9.68 -34.84
N ALA C 168 21.44 9.35 -35.04
CA ALA C 168 21.04 7.96 -35.25
C ALA C 168 21.72 7.36 -36.47
N ASP C 169 21.68 8.07 -37.61
CA ASP C 169 22.23 7.52 -38.83
C ASP C 169 23.73 7.31 -38.73
N LEU C 170 24.45 8.34 -38.27
CA LEU C 170 25.89 8.32 -38.36
C LEU C 170 26.51 7.33 -37.37
N ASN C 171 25.75 6.95 -36.33
CA ASN C 171 26.26 5.91 -35.42
C ASN C 171 26.34 4.56 -36.11
N HIS C 172 25.64 4.38 -37.24
CA HIS C 172 25.71 3.11 -37.96
C HIS C 172 26.97 2.99 -38.80
N PHE C 173 27.75 4.06 -38.92
CA PHE C 173 28.83 4.05 -39.90
C PHE C 173 30.00 3.13 -39.53
N PRO C 174 30.58 3.21 -38.32
CA PRO C 174 31.86 2.50 -38.10
C PRO C 174 31.79 0.99 -38.34
N TYR C 175 30.82 0.30 -37.74
CA TYR C 175 30.77 -1.15 -37.94
C TYR C 175 30.28 -1.50 -39.34
N THR C 176 29.30 -0.75 -39.87
CA THR C 176 28.78 -1.08 -41.20
C THR C 176 29.87 -0.89 -42.26
N PHE C 177 30.71 0.13 -42.09
CA PHE C 177 31.83 0.32 -43.01
C PHE C 177 32.69 -0.94 -43.09
N TYR C 178 32.98 -1.56 -41.94
CA TYR C 178 33.78 -2.78 -41.99
C TYR C 178 32.97 -3.96 -42.50
N PHE C 179 31.67 -3.99 -42.23
CA PHE C 179 30.82 -5.02 -42.83
C PHE C 179 30.95 -5.01 -44.35
N MET C 180 31.08 -3.83 -44.95
CA MET C 180 31.22 -3.72 -46.40
C MET C 180 32.56 -4.22 -46.89
N ALA C 181 33.49 -4.56 -46.00
CA ALA C 181 34.74 -5.20 -46.36
C ALA C 181 34.69 -6.71 -46.22
N THR C 182 33.54 -7.27 -45.85
CA THR C 182 33.38 -8.71 -45.67
C THR C 182 32.76 -9.31 -46.93
N PRO C 183 32.78 -10.64 -47.06
CA PRO C 183 32.14 -11.27 -48.24
C PRO C 183 30.63 -11.08 -48.31
N HIS C 184 29.99 -10.53 -47.27
CA HIS C 184 28.56 -10.30 -47.25
C HIS C 184 28.17 -8.86 -47.57
N ALA C 185 29.12 -8.07 -48.09
CA ALA C 185 28.82 -6.67 -48.39
C ALA C 185 27.62 -6.53 -49.32
N ALA C 186 27.39 -7.52 -50.19
CA ALA C 186 26.34 -7.42 -51.19
C ALA C 186 24.94 -7.55 -50.60
N LEU C 187 24.82 -7.88 -49.31
CA LEU C 187 23.51 -8.05 -48.69
C LEU C 187 22.63 -6.81 -48.85
N PHE C 188 23.22 -5.61 -48.74
CA PHE C 188 22.43 -4.39 -48.78
C PHE C 188 21.74 -4.21 -50.13
N GLY C 189 22.21 -4.91 -51.17
CA GLY C 189 21.55 -4.86 -52.45
C GLY C 189 20.17 -5.47 -52.43
N SER C 190 19.90 -6.36 -51.49
CA SER C 190 18.56 -6.91 -51.31
C SER C 190 17.63 -5.95 -50.57
N TYR C 191 18.12 -4.79 -50.15
CA TYR C 191 17.32 -3.82 -49.40
C TYR C 191 17.62 -2.44 -49.98
N PRO C 192 17.00 -2.12 -51.11
CA PRO C 192 17.47 -0.97 -51.91
C PRO C 192 17.34 0.37 -51.21
N HIS C 193 16.33 0.55 -50.35
CA HIS C 193 16.23 1.77 -49.56
C HIS C 193 17.31 1.83 -48.49
N VAL C 194 17.68 0.69 -47.91
CA VAL C 194 18.80 0.67 -46.98
C VAL C 194 20.09 1.03 -47.70
N LYS C 195 20.29 0.47 -48.90
CA LYS C 195 21.50 0.78 -49.66
C LYS C 195 21.54 2.25 -50.07
N ALA C 196 20.39 2.82 -50.46
CA ALA C 196 20.36 4.24 -50.79
C ALA C 196 20.71 5.10 -49.58
N TRP C 197 20.23 4.68 -48.40
CA TRP C 197 20.58 5.37 -47.16
C TRP C 197 22.07 5.23 -46.86
N TRP C 198 22.60 4.02 -47.00
CA TRP C 198 24.03 3.82 -46.77
C TRP C 198 24.86 4.71 -47.70
N GLU C 199 24.45 4.83 -48.97
CA GLU C 199 25.21 5.66 -49.90
C GLU C 199 25.07 7.14 -49.55
N ARG C 200 23.88 7.54 -49.10
CA ARG C 200 23.67 8.87 -48.52
C ARG C 200 24.68 9.17 -47.40
N ILE C 201 24.97 8.18 -46.57
CA ILE C 201 25.92 8.40 -45.49
C ILE C 201 27.34 8.45 -46.03
N MET C 202 27.68 7.53 -46.94
CA MET C 202 29.04 7.49 -47.48
C MET C 202 29.35 8.73 -48.33
N ALA C 203 28.34 9.49 -48.74
CA ALA C 203 28.59 10.70 -49.51
C ALA C 203 29.04 11.87 -48.65
N ARG C 204 28.90 11.78 -47.33
CA ARG C 204 29.22 12.91 -46.45
C ARG C 204 30.73 13.12 -46.36
N PRO C 205 31.20 14.36 -46.39
CA PRO C 205 32.66 14.59 -46.33
C PRO C 205 33.30 14.09 -45.04
N ALA C 206 32.64 14.27 -43.90
CA ALA C 206 33.21 13.76 -42.64
C ALA C 206 33.36 12.25 -42.70
N ILE C 207 32.40 11.56 -43.31
CA ILE C 207 32.46 10.11 -43.45
C ILE C 207 33.59 9.71 -44.40
N LYS C 208 33.73 10.41 -45.53
CA LYS C 208 34.79 10.08 -46.46
C LYS C 208 36.17 10.27 -45.83
N LYS C 209 36.31 11.30 -45.00
CA LYS C 209 37.60 11.58 -44.38
C LYS C 209 37.99 10.49 -43.38
N ILE C 210 37.07 10.11 -42.49
CA ILE C 210 37.39 9.09 -41.48
C ILE C 210 37.53 7.72 -42.12
N SER C 211 36.71 7.43 -43.14
CA SER C 211 36.85 6.17 -43.89
C SER C 211 38.27 5.97 -44.39
N ALA C 212 38.88 7.04 -44.93
CA ALA C 212 40.22 6.93 -45.50
C ALA C 212 41.27 6.62 -44.44
N THR C 213 41.09 7.15 -43.22
CA THR C 213 42.03 6.92 -42.13
C THR C 213 41.79 5.61 -41.39
N MET C 214 40.77 4.84 -41.76
CA MET C 214 40.50 3.57 -41.07
C MET C 214 41.30 2.45 -41.73
N VAL C 215 42.63 2.59 -41.59
CA VAL C 215 43.64 1.74 -42.22
C VAL C 215 43.26 1.32 -43.63
N MET D 1 -30.43 7.37 64.78
CA MET D 1 -29.89 7.40 63.41
C MET D 1 -29.84 6.06 62.77
N ALA D 2 -28.85 5.87 61.93
CA ALA D 2 -28.84 4.73 61.04
C ALA D 2 -28.29 3.52 61.77
N PRO D 3 -28.98 2.37 61.71
CA PRO D 3 -28.50 1.17 62.40
C PRO D 3 -27.28 0.51 61.77
N VAL D 4 -26.96 0.78 60.51
CA VAL D 4 -25.81 0.15 59.86
C VAL D 4 -25.01 1.19 59.10
N LYS D 5 -23.72 0.91 58.91
CA LYS D 5 -22.83 1.79 58.17
C LYS D 5 -22.17 1.03 57.02
N VAL D 6 -22.08 1.70 55.87
CA VAL D 6 -21.28 1.22 54.74
C VAL D 6 -20.08 2.14 54.65
N PHE D 7 -18.89 1.56 54.53
CA PHE D 7 -17.66 2.34 54.50
C PHE D 7 -17.12 2.44 53.08
N GLY D 8 -17.02 3.66 52.57
CA GLY D 8 -16.56 3.89 51.23
C GLY D 8 -17.52 4.78 50.46
N PRO D 9 -17.01 5.50 49.48
CA PRO D 9 -17.87 6.40 48.70
C PRO D 9 -18.81 5.64 47.76
N ALA D 10 -20.02 6.19 47.61
CA ALA D 10 -21.04 5.59 46.75
C ALA D 10 -20.56 5.39 45.32
N MET D 11 -19.65 6.23 44.83
CA MET D 11 -19.18 6.11 43.45
C MET D 11 -18.40 4.81 43.20
N SER D 12 -17.87 4.17 44.24
CA SER D 12 -17.15 2.92 44.05
C SER D 12 -18.13 1.81 43.69
N THR D 13 -17.82 1.07 42.61
CA THR D 13 -18.73 0.03 42.12
C THR D 13 -19.15 -0.93 43.23
N ASN D 14 -18.21 -1.37 44.03
CA ASN D 14 -18.53 -2.42 44.99
C ASN D 14 -19.21 -1.87 46.24
N VAL D 15 -19.04 -0.58 46.55
CA VAL D 15 -19.90 0.10 47.51
C VAL D 15 -21.32 0.21 46.97
N ALA D 16 -21.44 0.70 45.73
CA ALA D 16 -22.74 0.86 45.09
C ALA D 16 -23.52 -0.45 45.09
N ARG D 17 -22.83 -1.57 44.84
CA ARG D 17 -23.48 -2.88 44.90
C ARG D 17 -24.26 -3.05 46.19
N VAL D 18 -23.60 -2.78 47.33
CA VAL D 18 -24.24 -2.94 48.63
C VAL D 18 -25.40 -1.96 48.78
N LEU D 19 -25.20 -0.70 48.37
CA LEU D 19 -26.26 0.30 48.55
C LEU D 19 -27.52 -0.07 47.78
N VAL D 20 -27.36 -0.65 46.60
CA VAL D 20 -28.52 -1.10 45.82
C VAL D 20 -29.36 -2.08 46.63
N PHE D 21 -28.71 -3.07 47.23
CA PHE D 21 -29.48 -4.09 47.93
C PHE D 21 -30.08 -3.56 49.23
N LEU D 22 -29.40 -2.63 49.90
CA LEU D 22 -30.02 -1.95 51.03
C LEU D 22 -31.28 -1.20 50.61
N GLU D 23 -31.24 -0.53 49.45
CA GLU D 23 -32.43 0.17 48.98
C GLU D 23 -33.52 -0.80 48.57
N GLU D 24 -33.14 -1.93 47.98
CA GLU D 24 -34.15 -2.90 47.57
C GLU D 24 -34.98 -3.40 48.74
N VAL D 25 -34.39 -3.50 49.94
CA VAL D 25 -35.12 -3.94 51.12
C VAL D 25 -35.52 -2.76 52.01
N GLY D 26 -35.33 -1.53 51.53
CA GLY D 26 -35.76 -0.36 52.27
C GLY D 26 -35.13 -0.19 53.63
N ALA D 27 -33.90 -0.67 53.82
CA ALA D 27 -33.18 -0.48 55.08
C ALA D 27 -32.55 0.90 55.14
N ASP D 28 -32.44 1.43 56.36
CA ASP D 28 -31.71 2.68 56.62
C ASP D 28 -30.22 2.40 56.78
N TYR D 29 -29.40 3.35 56.35
CA TYR D 29 -27.96 3.16 56.43
C TYR D 29 -27.25 4.50 56.36
N GLU D 30 -26.00 4.49 56.80
CA GLU D 30 -25.11 5.63 56.67
C GLU D 30 -23.96 5.24 55.75
N VAL D 31 -23.71 6.07 54.74
CA VAL D 31 -22.52 5.91 53.92
C VAL D 31 -21.42 6.74 54.57
N VAL D 32 -20.34 6.08 54.98
CA VAL D 32 -19.18 6.77 55.53
C VAL D 32 -18.19 6.99 54.40
N ASP D 33 -18.07 8.23 53.95
CA ASP D 33 -17.12 8.53 52.89
C ASP D 33 -15.69 8.37 53.42
N MET D 34 -14.79 8.03 52.51
CA MET D 34 -13.40 7.80 52.86
C MET D 34 -12.50 8.41 51.80
N ASP D 35 -11.44 9.06 52.27
CA ASP D 35 -10.56 9.86 51.41
C ASP D 35 -9.45 8.97 50.88
N PHE D 36 -9.58 8.55 49.62
CA PHE D 36 -8.54 7.72 49.02
C PHE D 36 -7.23 8.46 48.84
N LYS D 37 -7.24 9.80 48.83
CA LYS D 37 -6.02 10.54 48.58
C LYS D 37 -5.11 10.63 49.80
N VAL D 38 -5.62 10.30 50.99
CA VAL D 38 -4.77 10.12 52.17
C VAL D 38 -4.70 8.66 52.57
N MET D 39 -5.01 7.74 51.64
CA MET D 39 -4.98 6.29 51.89
C MET D 39 -5.71 5.93 53.18
N GLU D 40 -6.93 6.45 53.32
CA GLU D 40 -7.70 6.21 54.53
C GLU D 40 -8.12 4.75 54.65
N HIS D 41 -8.30 4.07 53.52
CA HIS D 41 -8.62 2.64 53.52
C HIS D 41 -7.46 1.78 53.97
N LYS D 42 -6.29 2.37 54.18
CA LYS D 42 -5.13 1.67 54.73
C LYS D 42 -4.82 2.10 56.16
N SER D 43 -5.70 2.90 56.78
CA SER D 43 -5.48 3.34 58.13
C SER D 43 -5.69 2.16 59.08
N PRO D 44 -5.14 2.23 60.30
CA PRO D 44 -5.44 1.19 61.28
C PRO D 44 -6.94 0.98 61.47
N GLU D 45 -7.71 2.07 61.54
CA GLU D 45 -9.14 1.97 61.79
C GLU D 45 -9.84 1.17 60.68
N HIS D 46 -9.49 1.43 59.43
CA HIS D 46 -10.20 0.69 58.38
C HIS D 46 -9.68 -0.73 58.23
N LEU D 47 -8.40 -0.97 58.51
CA LEU D 47 -7.88 -2.33 58.40
C LEU D 47 -8.47 -3.25 59.46
N ALA D 48 -9.00 -2.69 60.55
CA ALA D 48 -9.74 -3.50 61.52
C ALA D 48 -11.11 -3.88 60.98
N ARG D 49 -11.61 -3.18 59.96
CA ARG D 49 -12.87 -3.51 59.32
C ARG D 49 -12.67 -4.41 58.11
N ASN D 50 -11.65 -4.13 57.30
CA ASN D 50 -11.28 -4.98 56.17
C ASN D 50 -9.76 -5.14 56.20
N PRO D 51 -9.26 -6.31 56.60
CA PRO D 51 -7.80 -6.47 56.76
C PRO D 51 -7.03 -6.40 55.46
N PHE D 52 -7.72 -6.43 54.31
CA PHE D 52 -7.08 -6.26 53.02
C PHE D 52 -7.04 -4.80 52.58
N GLY D 53 -7.60 -3.89 53.36
CA GLY D 53 -7.48 -2.48 53.06
C GLY D 53 -8.26 -2.07 51.82
N GLN D 54 -9.50 -2.54 51.68
CA GLN D 54 -10.34 -2.24 50.54
C GLN D 54 -11.71 -1.78 51.02
N ILE D 55 -12.44 -1.12 50.12
CA ILE D 55 -13.84 -0.77 50.37
C ILE D 55 -14.70 -1.61 49.42
N PRO D 56 -15.93 -1.97 49.80
CA PRO D 56 -16.60 -1.58 51.04
C PRO D 56 -16.19 -2.40 52.26
N ALA D 57 -16.44 -1.83 53.42
CA ALA D 57 -16.69 -2.60 54.63
C ALA D 57 -18.07 -2.21 55.13
N PHE D 58 -18.50 -2.87 56.20
CA PHE D 58 -19.88 -2.79 56.65
C PHE D 58 -19.92 -3.04 58.15
N GLN D 59 -20.61 -2.18 58.89
CA GLN D 59 -20.75 -2.35 60.34
C GLN D 59 -22.22 -2.42 60.72
N ASP D 60 -22.57 -3.45 61.49
CA ASP D 60 -23.91 -3.62 62.04
C ASP D 60 -23.71 -3.96 63.52
N GLY D 61 -23.89 -2.95 64.38
CA GLY D 61 -23.59 -3.09 65.79
C GLY D 61 -22.19 -3.64 65.99
N ASP D 62 -22.12 -4.84 66.59
CA ASP D 62 -20.88 -5.55 66.86
C ASP D 62 -20.25 -6.16 65.61
N LEU D 63 -21.01 -6.32 64.53
CA LEU D 63 -20.59 -7.13 63.39
C LEU D 63 -19.88 -6.27 62.36
N LEU D 64 -18.72 -6.74 61.90
CA LEU D 64 -17.99 -6.10 60.81
C LEU D 64 -17.89 -7.07 59.65
N LEU D 65 -18.21 -6.60 58.45
CA LEU D 65 -18.14 -7.43 57.26
C LEU D 65 -17.38 -6.70 56.16
N PHE D 66 -16.82 -7.47 55.24
CA PHE D 66 -16.30 -6.93 53.99
C PHE D 66 -16.60 -7.94 52.90
N GLU D 67 -16.16 -7.62 51.67
CA GLU D 67 -16.53 -8.28 50.40
C GLU D 67 -17.99 -7.98 50.04
N SER D 68 -18.18 -7.26 48.92
CA SER D 68 -19.47 -6.63 48.67
C SER D 68 -20.62 -7.64 48.57
N ARG D 69 -20.39 -8.79 47.92
CA ARG D 69 -21.48 -9.74 47.76
C ARG D 69 -21.84 -10.40 49.09
N ALA D 70 -20.86 -10.61 49.97
CA ALA D 70 -21.16 -11.16 51.28
C ALA D 70 -21.97 -10.18 52.11
N ILE D 71 -21.57 -8.90 52.09
CA ILE D 71 -22.35 -7.87 52.78
C ILE D 71 -23.77 -7.84 52.26
N SER D 72 -23.90 -7.82 50.91
CA SER D 72 -25.21 -7.72 50.28
C SER D 72 -26.11 -8.87 50.70
N LYS D 73 -25.59 -10.09 50.73
CA LYS D 73 -26.45 -11.20 51.11
C LYS D 73 -26.86 -11.12 52.57
N TYR D 74 -25.96 -10.62 53.44
CA TYR D 74 -26.34 -10.43 54.83
C TYR D 74 -27.45 -9.40 54.95
N VAL D 75 -27.37 -8.33 54.16
CA VAL D 75 -28.39 -7.31 54.19
C VAL D 75 -29.74 -7.88 53.73
N LEU D 76 -29.72 -8.67 52.66
CA LEU D 76 -30.97 -9.23 52.13
C LEU D 76 -31.60 -10.21 53.12
N ARG D 77 -30.78 -10.92 53.89
CA ARG D 77 -31.29 -11.86 54.86
C ARG D 77 -31.77 -11.15 56.13
N LYS D 78 -31.02 -10.16 56.61
CA LYS D 78 -31.43 -9.46 57.82
C LYS D 78 -32.79 -8.80 57.65
N TYR D 79 -32.99 -8.13 56.51
CA TYR D 79 -34.19 -7.32 56.28
C TYR D 79 -35.24 -8.06 55.45
N LYS D 80 -35.15 -9.38 55.38
CA LYS D 80 -36.05 -10.14 54.53
C LYS D 80 -37.50 -9.98 54.99
N THR D 81 -38.39 -9.69 54.04
CA THR D 81 -39.83 -9.67 54.25
C THR D 81 -40.51 -10.41 53.11
N GLY D 82 -41.82 -10.61 53.22
CA GLY D 82 -42.56 -11.24 52.15
C GLY D 82 -42.76 -10.41 50.90
N GLU D 83 -42.22 -9.20 50.86
CA GLU D 83 -42.42 -8.29 49.73
C GLU D 83 -41.28 -8.31 48.73
N VAL D 84 -40.06 -8.67 49.14
CA VAL D 84 -38.91 -8.74 48.25
C VAL D 84 -38.16 -10.05 48.52
N ASP D 85 -37.94 -10.85 47.48
CA ASP D 85 -37.17 -12.10 47.61
C ASP D 85 -36.21 -12.18 46.42
N LEU D 86 -34.99 -11.68 46.61
CA LEU D 86 -34.00 -11.68 45.55
C LEU D 86 -33.09 -12.92 45.58
N LEU D 87 -33.08 -13.66 46.68
CA LEU D 87 -32.21 -14.82 46.81
C LEU D 87 -32.93 -16.14 46.61
N ARG D 88 -34.25 -16.18 46.82
CA ARG D 88 -35.05 -17.38 46.57
C ARG D 88 -34.61 -18.56 47.43
N GLU D 89 -34.17 -18.29 48.66
CA GLU D 89 -33.58 -19.36 49.45
C GLU D 89 -34.60 -20.39 49.93
N GLY D 90 -35.90 -20.07 49.87
CA GLY D 90 -36.91 -21.06 50.16
C GLY D 90 -37.13 -22.09 49.06
N ASN D 91 -36.59 -21.88 47.87
CA ASN D 91 -36.80 -22.78 46.73
C ASN D 91 -35.43 -23.22 46.23
N LEU D 92 -35.13 -24.52 46.39
CA LEU D 92 -33.79 -25.04 46.11
C LEU D 92 -33.34 -24.79 44.67
N LYS D 93 -34.22 -25.03 43.70
CA LYS D 93 -33.81 -24.89 42.31
C LYS D 93 -33.78 -23.44 41.85
N GLU D 94 -34.66 -22.59 42.38
CA GLU D 94 -34.59 -21.18 42.04
C GLU D 94 -33.35 -20.54 42.66
N ALA D 95 -33.06 -20.86 43.94
CA ALA D 95 -31.82 -20.39 44.55
C ALA D 95 -30.61 -20.84 43.75
N ALA D 96 -30.68 -22.04 43.18
CA ALA D 96 -29.55 -22.54 42.42
C ALA D 96 -29.34 -21.70 41.16
N MET D 97 -30.43 -21.39 40.45
CA MET D 97 -30.30 -20.59 39.24
C MET D 97 -29.83 -19.18 39.55
N VAL D 98 -30.31 -18.62 40.65
CA VAL D 98 -29.80 -17.32 41.09
C VAL D 98 -28.30 -17.42 41.34
N ASP D 99 -27.86 -18.49 42.02
CA ASP D 99 -26.44 -18.67 42.30
C ASP D 99 -25.63 -18.82 41.01
N VAL D 100 -26.16 -19.56 40.04
CA VAL D 100 -25.45 -19.77 38.79
C VAL D 100 -25.12 -18.42 38.15
N TRP D 101 -26.13 -17.59 37.95
CA TRP D 101 -25.92 -16.36 37.19
C TRP D 101 -25.28 -15.26 38.03
N THR D 102 -25.32 -15.40 39.35
CA THR D 102 -24.48 -14.55 40.20
C THR D 102 -23.01 -14.89 40.00
N GLU D 103 -22.69 -16.18 39.93
CA GLU D 103 -21.32 -16.59 39.64
C GLU D 103 -20.90 -16.18 38.23
N VAL D 104 -21.81 -16.24 37.27
CA VAL D 104 -21.46 -15.83 35.91
C VAL D 104 -20.99 -14.38 35.91
N ASP D 105 -21.71 -13.50 36.61
CA ASP D 105 -21.27 -12.12 36.72
C ASP D 105 -19.86 -12.05 37.29
N ALA D 106 -19.62 -12.72 38.42
CA ALA D 106 -18.33 -12.61 39.10
C ALA D 106 -17.17 -13.09 38.23
N HIS D 107 -17.36 -14.20 37.50
CA HIS D 107 -16.23 -14.88 36.89
C HIS D 107 -16.23 -14.93 35.36
N THR D 108 -17.32 -14.54 34.72
CA THR D 108 -17.37 -14.53 33.25
C THR D 108 -17.71 -13.16 32.69
N TYR D 109 -18.84 -12.59 33.12
CA TYR D 109 -19.29 -11.32 32.57
C TYR D 109 -18.44 -10.15 33.09
N ASN D 110 -18.30 -10.04 34.41
CA ASN D 110 -17.56 -8.88 34.89
C ASN D 110 -16.09 -8.90 34.48
N PRO D 111 -15.42 -10.06 34.44
CA PRO D 111 -14.03 -10.03 33.94
C PRO D 111 -13.91 -9.60 32.49
N ALA D 112 -14.94 -9.77 31.68
CA ALA D 112 -14.88 -9.32 30.29
C ALA D 112 -15.21 -7.82 30.17
N LEU D 113 -16.13 -7.32 30.99
CA LEU D 113 -16.62 -5.94 30.89
C LEU D 113 -15.77 -4.97 31.72
N SER D 114 -15.37 -5.39 32.93
CA SER D 114 -14.68 -4.49 33.83
C SER D 114 -13.41 -3.88 33.25
N PRO D 115 -12.56 -4.61 32.52
CA PRO D 115 -11.37 -3.96 31.93
C PRO D 115 -11.70 -2.80 31.00
N ILE D 116 -12.83 -2.83 30.31
CA ILE D 116 -13.17 -1.71 29.44
C ILE D 116 -13.48 -0.49 30.28
N VAL D 117 -14.12 -0.68 31.43
CA VAL D 117 -14.39 0.43 32.34
C VAL D 117 -13.08 0.97 32.91
N TYR D 118 -12.20 0.07 33.37
CA TYR D 118 -10.88 0.50 33.83
C TYR D 118 -10.15 1.29 32.75
N GLN D 119 -10.05 0.71 31.55
CA GLN D 119 -9.21 1.30 30.50
C GLN D 119 -9.81 2.60 29.96
N CYS D 120 -11.12 2.64 29.73
CA CYS D 120 -11.70 3.83 29.10
C CYS D 120 -12.10 4.91 30.07
N LEU D 121 -12.31 4.58 31.35
CA LEU D 121 -12.89 5.53 32.29
C LEU D 121 -12.00 5.74 33.51
N PHE D 122 -11.80 4.71 34.33
CA PHE D 122 -11.10 4.89 35.59
C PHE D 122 -9.65 5.33 35.38
N ASN D 123 -8.90 4.55 34.60
CA ASN D 123 -7.49 4.87 34.39
C ASN D 123 -7.28 6.27 33.84
N PRO D 124 -7.95 6.71 32.76
CA PRO D 124 -7.73 8.08 32.28
C PRO D 124 -8.22 9.15 33.25
N MET D 125 -9.43 9.01 33.78
CA MET D 125 -10.05 10.14 34.48
C MET D 125 -9.74 10.19 35.97
N MET D 126 -9.19 9.12 36.55
CA MET D 126 -8.84 9.15 37.96
C MET D 126 -7.37 8.87 38.24
N ARG D 127 -6.62 8.34 37.26
CA ARG D 127 -5.19 8.12 37.44
C ARG D 127 -4.35 8.81 36.38
N GLY D 128 -4.97 9.48 35.41
CA GLY D 128 -4.20 10.09 34.34
C GLY D 128 -3.41 9.13 33.49
N ILE D 129 -3.85 7.88 33.41
CA ILE D 129 -3.18 6.84 32.65
C ILE D 129 -4.01 6.57 31.40
N PRO D 130 -3.43 6.68 30.20
CA PRO D 130 -4.26 6.61 28.99
C PRO D 130 -4.78 5.21 28.73
N THR D 131 -5.90 5.18 28.00
CA THR D 131 -6.52 3.92 27.59
C THR D 131 -5.56 3.05 26.80
N ASP D 132 -5.42 1.80 27.21
CA ASP D 132 -4.71 0.78 26.42
C ASP D 132 -5.73 0.15 25.47
N GLU D 133 -5.73 0.62 24.22
CA GLU D 133 -6.75 0.18 23.26
C GLU D 133 -6.61 -1.28 22.89
N LYS D 134 -5.45 -1.89 23.11
CA LYS D 134 -5.32 -3.32 22.86
C LYS D 134 -5.99 -4.14 23.95
N VAL D 135 -5.86 -3.70 25.22
CA VAL D 135 -6.66 -4.31 26.28
C VAL D 135 -8.14 -4.15 25.98
N VAL D 136 -8.55 -2.97 25.53
CA VAL D 136 -9.96 -2.74 25.24
C VAL D 136 -10.44 -3.68 24.16
N ALA D 137 -9.66 -3.78 23.06
CA ALA D 137 -10.10 -4.59 21.92
C ALA D 137 -10.22 -6.06 22.31
N GLU D 138 -9.25 -6.57 23.08
CA GLU D 138 -9.32 -7.95 23.53
C GLU D 138 -10.55 -8.18 24.41
N SER D 139 -10.79 -7.27 25.35
CA SER D 139 -11.93 -7.45 26.27
C SER D 139 -13.24 -7.37 25.53
N LEU D 140 -13.33 -6.46 24.55
CA LEU D 140 -14.58 -6.34 23.80
C LEU D 140 -14.90 -7.63 23.05
N GLU D 141 -13.91 -8.26 22.43
CA GLU D 141 -14.21 -9.52 21.75
C GLU D 141 -14.72 -10.56 22.73
N LYS D 142 -14.12 -10.61 23.92
CA LYS D 142 -14.63 -11.51 24.95
C LYS D 142 -16.04 -11.11 25.37
N LEU D 143 -16.26 -9.81 25.62
CA LEU D 143 -17.57 -9.37 26.08
C LEU D 143 -18.65 -9.69 25.04
N LYS D 144 -18.34 -9.47 23.75
CA LYS D 144 -19.32 -9.76 22.71
C LYS D 144 -19.76 -11.21 22.76
N LYS D 145 -18.83 -12.14 22.99
CA LYS D 145 -19.22 -13.55 23.04
C LYS D 145 -20.04 -13.87 24.29
N VAL D 146 -19.76 -13.18 25.40
CA VAL D 146 -20.58 -13.35 26.59
C VAL D 146 -21.98 -12.82 26.35
N LEU D 147 -22.09 -11.67 25.66
CA LEU D 147 -23.40 -11.07 25.38
C LEU D 147 -24.24 -11.95 24.48
N GLU D 148 -23.61 -12.68 23.55
CA GLU D 148 -24.33 -13.64 22.74
C GLU D 148 -25.02 -14.67 23.60
N VAL D 149 -24.33 -15.19 24.61
CA VAL D 149 -24.95 -16.12 25.55
C VAL D 149 -26.06 -15.43 26.34
N TYR D 150 -25.80 -14.21 26.82
CA TYR D 150 -26.84 -13.48 27.56
C TYR D 150 -28.06 -13.25 26.68
N GLU D 151 -27.82 -12.95 25.40
CA GLU D 151 -28.92 -12.69 24.48
C GLU D 151 -29.81 -13.92 24.34
N ALA D 152 -29.19 -15.09 24.15
CA ALA D 152 -29.96 -16.33 24.07
C ALA D 152 -30.69 -16.62 25.38
N ARG D 153 -30.03 -16.42 26.51
CA ARG D 153 -30.66 -16.68 27.80
C ARG D 153 -31.84 -15.75 28.04
N LEU D 154 -31.69 -14.47 27.73
CA LEU D 154 -32.76 -13.52 28.00
C LEU D 154 -33.81 -13.51 26.90
N SER D 155 -33.67 -14.37 25.89
CA SER D 155 -34.76 -14.67 24.97
C SER D 155 -35.75 -15.67 25.56
N GLN D 156 -35.30 -16.49 26.50
CA GLN D 156 -36.15 -17.47 27.16
C GLN D 156 -36.80 -16.95 28.44
N HIS D 157 -36.17 -16.02 29.14
CA HIS D 157 -36.74 -15.47 30.37
C HIS D 157 -36.47 -13.97 30.42
N GLU D 158 -37.33 -13.28 31.18
CA GLU D 158 -37.15 -11.84 31.36
C GLU D 158 -35.90 -11.51 32.16
N TYR D 159 -35.46 -12.44 33.01
CA TYR D 159 -34.30 -12.23 33.87
C TYR D 159 -33.40 -13.45 33.82
N LEU D 160 -32.23 -13.35 34.46
CA LEU D 160 -31.23 -14.39 34.26
C LEU D 160 -31.61 -15.71 34.93
N ALA D 161 -32.23 -15.66 36.11
CA ALA D 161 -32.51 -16.90 36.81
C ALA D 161 -33.87 -17.48 36.47
N GLY D 162 -34.68 -16.75 35.74
CA GLY D 162 -36.02 -17.18 35.39
C GLY D 162 -36.93 -15.96 35.21
N ASP D 163 -38.21 -16.18 35.48
CA ASP D 163 -39.25 -15.16 35.31
C ASP D 163 -39.35 -14.20 36.49
N PHE D 164 -38.21 -13.88 37.13
CA PHE D 164 -38.21 -13.05 38.32
C PHE D 164 -36.85 -12.37 38.43
N VAL D 165 -36.86 -11.09 38.81
CA VAL D 165 -35.61 -10.41 39.10
C VAL D 165 -34.96 -11.06 40.32
N SER D 166 -33.64 -11.03 40.37
CA SER D 166 -32.96 -11.71 41.46
C SER D 166 -31.62 -11.06 41.73
N PHE D 167 -30.98 -11.56 42.80
CA PHE D 167 -29.62 -11.19 43.14
C PHE D 167 -28.70 -11.22 41.92
N ALA D 168 -28.92 -12.19 41.02
CA ALA D 168 -28.03 -12.36 39.88
C ALA D 168 -28.10 -11.15 38.95
N ASP D 169 -29.31 -10.69 38.61
CA ASP D 169 -29.46 -9.56 37.70
C ASP D 169 -28.86 -8.30 38.30
N LEU D 170 -29.20 -8.00 39.56
CA LEU D 170 -28.83 -6.70 40.11
C LEU D 170 -27.35 -6.59 40.37
N ASN D 171 -26.66 -7.72 40.53
CA ASN D 171 -25.21 -7.68 40.67
C ASN D 171 -24.52 -7.20 39.40
N HIS D 172 -25.21 -7.20 38.26
CA HIS D 172 -24.65 -6.66 37.03
C HIS D 172 -24.68 -5.15 36.96
N PHE D 173 -25.38 -4.47 37.89
CA PHE D 173 -25.60 -3.03 37.74
C PHE D 173 -24.34 -2.18 37.88
N PRO D 174 -23.54 -2.28 38.96
CA PRO D 174 -22.52 -1.23 39.21
C PRO D 174 -21.49 -1.05 38.10
N TYR D 175 -20.87 -2.14 37.65
CA TYR D 175 -19.88 -2.00 36.59
C TYR D 175 -20.54 -1.70 35.25
N THR D 176 -21.71 -2.30 34.98
CA THR D 176 -22.37 -2.03 33.69
C THR D 176 -22.80 -0.57 33.59
N PHE D 177 -23.23 0.00 34.72
CA PHE D 177 -23.56 1.42 34.75
C PHE D 177 -22.41 2.26 34.21
N TYR D 178 -21.20 2.03 34.72
CA TYR D 178 -20.06 2.80 34.25
C TYR D 178 -19.68 2.42 32.82
N PHE D 179 -19.88 1.17 32.42
CA PHE D 179 -19.67 0.78 31.02
C PHE D 179 -20.50 1.67 30.10
N MET D 180 -21.72 2.04 30.52
CA MET D 180 -22.58 2.89 29.70
C MET D 180 -22.06 4.32 29.59
N ALA D 181 -21.00 4.65 30.31
CA ALA D 181 -20.37 5.96 30.18
C ALA D 181 -19.10 5.92 29.33
N THR D 182 -18.72 4.76 28.83
CA THR D 182 -17.55 4.62 27.97
C THR D 182 -17.94 4.82 26.51
N PRO D 183 -16.97 4.86 25.60
CA PRO D 183 -17.31 4.94 24.16
C PRO D 183 -18.00 3.71 23.61
N HIS D 184 -18.21 2.67 24.41
CA HIS D 184 -18.78 1.42 23.91
C HIS D 184 -20.22 1.21 24.37
N ALA D 185 -20.85 2.29 24.85
CA ALA D 185 -22.19 2.18 25.43
C ALA D 185 -23.23 1.68 24.44
N ALA D 186 -23.04 1.92 23.13
CA ALA D 186 -24.01 1.43 22.16
C ALA D 186 -23.95 -0.07 21.95
N LEU D 187 -22.99 -0.77 22.57
CA LEU D 187 -22.82 -2.21 22.33
C LEU D 187 -24.12 -2.99 22.56
N PHE D 188 -24.80 -2.73 23.69
CA PHE D 188 -25.96 -3.52 24.06
C PHE D 188 -27.06 -3.43 23.01
N GLY D 189 -27.12 -2.35 22.25
CA GLY D 189 -28.13 -2.21 21.21
C GLY D 189 -28.09 -3.32 20.17
N SER D 190 -26.95 -4.00 20.02
CA SER D 190 -26.85 -5.10 19.07
C SER D 190 -27.39 -6.41 19.62
N TYR D 191 -27.86 -6.41 20.87
CA TYR D 191 -28.35 -7.60 21.58
C TYR D 191 -29.68 -7.20 22.19
N PRO D 192 -30.77 -7.26 21.43
CA PRO D 192 -32.00 -6.57 21.87
C PRO D 192 -32.60 -7.11 23.15
N HIS D 193 -32.50 -8.42 23.41
CA HIS D 193 -32.98 -8.93 24.69
C HIS D 193 -32.10 -8.48 25.85
N VAL D 194 -30.78 -8.39 25.64
CA VAL D 194 -29.93 -7.85 26.70
C VAL D 194 -30.27 -6.39 26.97
N LYS D 195 -30.46 -5.60 25.91
CA LYS D 195 -30.74 -4.19 26.10
C LYS D 195 -32.03 -3.98 26.87
N ALA D 196 -33.08 -4.75 26.53
CA ALA D 196 -34.34 -4.65 27.25
C ALA D 196 -34.18 -5.06 28.71
N TRP D 197 -33.42 -6.12 28.96
CA TRP D 197 -33.14 -6.54 30.32
C TRP D 197 -32.41 -5.45 31.09
N TRP D 198 -31.41 -4.82 30.46
CA TRP D 198 -30.70 -3.73 31.11
C TRP D 198 -31.64 -2.58 31.46
N GLU D 199 -32.55 -2.24 30.53
CA GLU D 199 -33.48 -1.13 30.78
C GLU D 199 -34.45 -1.47 31.91
N ARG D 200 -34.85 -2.74 32.04
CA ARG D 200 -35.63 -3.16 33.21
C ARG D 200 -34.87 -2.89 34.49
N ILE D 201 -33.57 -3.22 34.52
CA ILE D 201 -32.80 -2.98 35.74
C ILE D 201 -32.74 -1.49 36.04
N MET D 202 -32.45 -0.67 35.00
CA MET D 202 -32.27 0.76 35.20
C MET D 202 -33.55 1.45 35.63
N ALA D 203 -34.72 0.86 35.36
CA ALA D 203 -35.97 1.50 35.76
C ALA D 203 -36.37 1.20 37.20
N ARG D 204 -35.61 0.34 37.90
CA ARG D 204 -35.97 0.02 39.27
C ARG D 204 -35.73 1.23 40.17
N PRO D 205 -36.68 1.58 41.05
CA PRO D 205 -36.48 2.70 41.96
C PRO D 205 -35.17 2.64 42.75
N ALA D 206 -34.80 1.48 43.29
CA ALA D 206 -33.54 1.40 44.03
C ALA D 206 -32.36 1.70 43.12
N ILE D 207 -32.40 1.24 41.87
CA ILE D 207 -31.32 1.48 40.92
C ILE D 207 -31.24 2.96 40.54
N LYS D 208 -32.40 3.58 40.30
CA LYS D 208 -32.42 5.01 39.99
C LYS D 208 -31.84 5.82 41.14
N LYS D 209 -32.18 5.45 42.37
CA LYS D 209 -31.71 6.18 43.54
C LYS D 209 -30.20 6.07 43.69
N ILE D 210 -29.64 4.87 43.55
CA ILE D 210 -28.20 4.69 43.75
C ILE D 210 -27.43 5.25 42.56
N SER D 211 -27.98 5.10 41.34
CA SER D 211 -27.35 5.70 40.15
C SER D 211 -27.08 7.17 40.36
N ALA D 212 -28.05 7.90 40.93
CA ALA D 212 -27.93 9.34 41.05
C ALA D 212 -26.91 9.75 42.10
N THR D 213 -26.76 8.96 43.17
CA THR D 213 -25.72 9.25 44.15
C THR D 213 -24.33 8.86 43.66
N MET D 214 -24.24 7.99 42.66
CA MET D 214 -22.96 7.69 42.05
C MET D 214 -22.48 8.85 41.17
N VAL D 215 -23.42 9.65 40.67
CA VAL D 215 -23.19 10.72 39.68
C VAL D 215 -22.26 10.24 38.57
N MET E 1 -44.44 19.35 23.54
CA MET E 1 -43.19 20.08 23.35
C MET E 1 -42.82 20.14 21.86
N ALA E 2 -43.85 20.21 21.02
CA ALA E 2 -43.74 20.40 19.57
C ALA E 2 -42.90 19.31 18.93
N PRO E 3 -43.43 18.09 18.80
CA PRO E 3 -42.67 17.01 18.18
C PRO E 3 -42.54 17.21 16.67
N VAL E 4 -41.75 16.34 16.05
CA VAL E 4 -41.60 16.40 14.60
C VAL E 4 -42.78 15.70 13.93
N LYS E 5 -43.00 16.03 12.66
CA LYS E 5 -44.11 15.47 11.90
C LYS E 5 -43.60 14.62 10.75
N VAL E 6 -44.20 13.46 10.58
CA VAL E 6 -43.96 12.58 9.45
C VAL E 6 -45.24 12.53 8.64
N PHE E 7 -45.17 12.94 7.38
CA PHE E 7 -46.35 13.04 6.53
C PHE E 7 -46.51 11.77 5.71
N GLY E 8 -47.66 11.10 5.86
CA GLY E 8 -47.92 9.86 5.20
C GLY E 8 -48.30 8.80 6.21
N PRO E 9 -49.10 7.81 5.79
CA PRO E 9 -49.52 6.76 6.72
C PRO E 9 -48.39 5.79 7.05
N ALA E 10 -48.46 5.23 8.26
CA ALA E 10 -47.44 4.29 8.74
C ALA E 10 -47.39 3.00 7.92
N MET E 11 -48.48 2.64 7.23
CA MET E 11 -48.48 1.46 6.39
C MET E 11 -47.50 1.56 5.23
N SER E 12 -47.20 2.78 4.78
CA SER E 12 -46.34 2.95 3.63
C SER E 12 -44.90 2.65 4.02
N THR E 13 -44.22 1.84 3.20
CA THR E 13 -42.90 1.31 3.55
C THR E 13 -41.90 2.41 3.86
N ASN E 14 -41.90 3.48 3.07
CA ASN E 14 -40.89 4.51 3.23
C ASN E 14 -41.23 5.47 4.35
N VAL E 15 -42.51 5.59 4.72
CA VAL E 15 -42.84 6.24 5.98
C VAL E 15 -42.36 5.38 7.14
N ALA E 16 -42.66 4.08 7.10
CA ALA E 16 -42.29 3.21 8.22
C ALA E 16 -40.80 3.17 8.43
N ARG E 17 -40.02 3.30 7.35
CA ARG E 17 -38.56 3.38 7.49
C ARG E 17 -38.18 4.49 8.44
N VAL E 18 -38.79 5.67 8.27
CA VAL E 18 -38.49 6.80 9.14
C VAL E 18 -38.96 6.52 10.56
N LEU E 19 -40.17 5.97 10.72
CA LEU E 19 -40.69 5.72 12.06
C LEU E 19 -39.81 4.76 12.85
N VAL E 20 -39.22 3.78 12.18
CA VAL E 20 -38.33 2.84 12.86
C VAL E 20 -37.18 3.61 13.52
N PHE E 21 -36.56 4.50 12.75
CA PHE E 21 -35.39 5.20 13.29
C PHE E 21 -35.80 6.21 14.35
N LEU E 22 -36.98 6.84 14.19
CA LEU E 22 -37.51 7.67 15.27
C LEU E 22 -37.64 6.88 16.57
N GLU E 23 -38.17 5.65 16.49
CA GLU E 23 -38.31 4.84 17.69
C GLU E 23 -36.97 4.41 18.26
N GLU E 24 -35.99 4.14 17.38
CA GLU E 24 -34.69 3.66 17.85
C GLU E 24 -33.99 4.71 18.71
N VAL E 25 -34.23 6.00 18.45
CA VAL E 25 -33.67 7.06 19.27
C VAL E 25 -34.63 7.56 20.32
N GLY E 26 -35.85 7.01 20.39
CA GLY E 26 -36.81 7.43 21.38
C GLY E 26 -37.35 8.83 21.19
N ALA E 27 -37.43 9.31 19.96
CA ALA E 27 -37.93 10.64 19.71
C ALA E 27 -39.46 10.66 19.72
N ASP E 28 -40.01 11.80 20.13
CA ASP E 28 -41.44 12.01 20.01
C ASP E 28 -41.75 12.57 18.63
N TYR E 29 -42.82 12.09 18.03
CA TYR E 29 -43.18 12.47 16.67
C TYR E 29 -44.67 12.28 16.49
N GLU E 30 -45.21 12.92 15.45
CA GLU E 30 -46.60 12.78 15.07
C GLU E 30 -46.67 12.32 13.63
N VAL E 31 -47.42 11.25 13.39
CA VAL E 31 -47.65 10.77 12.03
C VAL E 31 -48.91 11.44 11.48
N VAL E 32 -48.77 12.15 10.37
CA VAL E 32 -49.87 12.89 9.76
C VAL E 32 -50.41 12.06 8.61
N ASP E 33 -51.61 11.51 8.79
CA ASP E 33 -52.20 10.63 7.79
C ASP E 33 -52.56 11.42 6.53
N MET E 34 -52.51 10.73 5.40
CA MET E 34 -52.81 11.35 4.12
C MET E 34 -53.70 10.44 3.30
N ASP E 35 -54.62 11.08 2.56
CA ASP E 35 -55.66 10.38 1.84
C ASP E 35 -55.20 10.19 0.40
N PHE E 36 -54.85 8.96 0.07
CA PHE E 36 -54.31 8.64 -1.24
C PHE E 36 -55.39 8.41 -2.30
N LYS E 37 -56.62 8.07 -1.89
CA LYS E 37 -57.69 7.96 -2.87
C LYS E 37 -58.08 9.33 -3.43
N VAL E 38 -57.74 10.42 -2.75
CA VAL E 38 -57.98 11.77 -3.26
C VAL E 38 -56.70 12.43 -3.73
N MET E 39 -55.59 11.68 -3.81
CA MET E 39 -54.32 12.21 -4.32
C MET E 39 -53.83 13.40 -3.51
N GLU E 40 -53.94 13.30 -2.19
CA GLU E 40 -53.47 14.39 -1.33
C GLU E 40 -51.97 14.61 -1.46
N HIS E 41 -51.21 13.56 -1.78
CA HIS E 41 -49.78 13.71 -1.96
C HIS E 41 -49.41 14.49 -3.22
N LYS E 42 -50.40 14.77 -4.09
CA LYS E 42 -50.18 15.62 -5.26
C LYS E 42 -50.77 17.01 -5.06
N SER E 43 -51.35 17.29 -3.89
CA SER E 43 -51.91 18.59 -3.57
C SER E 43 -50.81 19.64 -3.42
N PRO E 44 -51.12 20.92 -3.68
CA PRO E 44 -50.12 21.97 -3.49
C PRO E 44 -49.57 22.04 -2.08
N GLU E 45 -50.38 21.74 -1.07
CA GLU E 45 -49.87 21.79 0.30
C GLU E 45 -48.78 20.75 0.52
N HIS E 46 -48.96 19.55 -0.04
CA HIS E 46 -47.91 18.55 0.11
C HIS E 46 -46.74 18.80 -0.83
N LEU E 47 -46.98 19.37 -2.02
CA LEU E 47 -45.87 19.67 -2.93
C LEU E 47 -44.89 20.65 -2.29
N ALA E 48 -45.38 21.54 -1.42
CA ALA E 48 -44.49 22.41 -0.66
C ALA E 48 -43.55 21.60 0.22
N ARG E 49 -43.95 20.40 0.62
CA ARG E 49 -43.14 19.56 1.49
C ARG E 49 -42.30 18.57 0.70
N ASN E 50 -42.87 17.97 -0.35
CA ASN E 50 -42.09 17.15 -1.25
C ASN E 50 -42.52 17.50 -2.66
N PRO E 51 -41.67 18.22 -3.41
CA PRO E 51 -42.06 18.70 -4.73
C PRO E 51 -42.23 17.59 -5.77
N PHE E 52 -41.81 16.35 -5.47
CA PHE E 52 -42.07 15.21 -6.34
C PHE E 52 -43.38 14.51 -6.00
N GLY E 53 -44.15 15.03 -5.05
CA GLY E 53 -45.43 14.45 -4.74
C GLY E 53 -45.38 13.03 -4.23
N GLN E 54 -44.49 12.75 -3.28
CA GLN E 54 -44.38 11.43 -2.69
C GLN E 54 -44.37 11.53 -1.17
N ILE E 55 -44.66 10.41 -0.52
CA ILE E 55 -44.50 10.27 0.93
C ILE E 55 -43.32 9.35 1.18
N PRO E 56 -42.59 9.51 2.30
CA PRO E 56 -42.86 10.52 3.33
C PRO E 56 -42.33 11.92 3.05
N ALA E 57 -42.86 12.87 3.80
CA ALA E 57 -42.17 14.12 4.05
C ALA E 57 -42.03 14.30 5.56
N PHE E 58 -41.28 15.33 5.94
CA PHE E 58 -40.90 15.48 7.33
C PHE E 58 -40.73 16.96 7.64
N GLN E 59 -41.21 17.37 8.81
CA GLN E 59 -41.08 18.76 9.24
C GLN E 59 -40.53 18.82 10.67
N ASP E 60 -39.51 19.64 10.86
CA ASP E 60 -38.92 19.91 12.17
C ASP E 60 -38.77 21.42 12.29
N GLY E 61 -39.72 22.08 12.94
CA GLY E 61 -39.69 23.54 12.95
C GLY E 61 -39.94 24.07 11.57
N ASP E 62 -39.03 24.93 11.08
CA ASP E 62 -39.08 25.47 9.74
C ASP E 62 -38.37 24.59 8.72
N LEU E 63 -37.87 23.42 9.12
CA LEU E 63 -37.12 22.56 8.23
C LEU E 63 -38.06 21.53 7.62
N LEU E 64 -38.10 21.48 6.29
CA LEU E 64 -38.86 20.48 5.55
C LEU E 64 -37.90 19.55 4.83
N LEU E 65 -38.08 18.24 5.00
CA LEU E 65 -37.24 17.27 4.32
C LEU E 65 -38.11 16.24 3.62
N PHE E 66 -37.52 15.56 2.63
CA PHE E 66 -38.15 14.41 2.03
C PHE E 66 -37.06 13.41 1.68
N GLU E 67 -37.46 12.28 1.07
CA GLU E 67 -36.64 11.09 0.86
C GLU E 67 -36.34 10.40 2.19
N SER E 68 -36.90 9.20 2.33
CA SER E 68 -36.94 8.53 3.64
C SER E 68 -35.55 8.33 4.24
N ARG E 69 -34.55 7.98 3.44
CA ARG E 69 -33.24 7.71 4.03
C ARG E 69 -32.55 8.99 4.49
N ALA E 70 -32.79 10.11 3.79
CA ALA E 70 -32.25 11.40 4.23
C ALA E 70 -32.92 11.85 5.52
N ILE E 71 -34.26 11.76 5.59
CA ILE E 71 -34.95 12.07 6.83
C ILE E 71 -34.39 11.23 7.97
N SER E 72 -34.19 9.93 7.70
CA SER E 72 -33.77 9.00 8.75
C SER E 72 -32.40 9.35 9.29
N LYS E 73 -31.47 9.76 8.42
CA LYS E 73 -30.17 10.14 8.92
C LYS E 73 -30.22 11.46 9.68
N TYR E 74 -31.09 12.38 9.27
CA TYR E 74 -31.29 13.58 10.07
C TYR E 74 -31.75 13.22 11.49
N VAL E 75 -32.73 12.31 11.60
CA VAL E 75 -33.26 11.89 12.89
C VAL E 75 -32.16 11.25 13.75
N LEU E 76 -31.35 10.38 13.15
CA LEU E 76 -30.30 9.70 13.90
C LEU E 76 -29.24 10.68 14.41
N ARG E 77 -28.91 11.68 13.60
CA ARG E 77 -27.92 12.67 14.03
C ARG E 77 -28.50 13.66 15.02
N LYS E 78 -29.73 14.15 14.76
CA LYS E 78 -30.33 15.11 15.69
C LYS E 78 -30.46 14.53 17.08
N TYR E 79 -30.93 13.28 17.19
CA TYR E 79 -31.23 12.69 18.49
C TYR E 79 -30.14 11.75 18.98
N LYS E 80 -28.91 11.94 18.49
CA LYS E 80 -27.80 11.07 18.86
C LYS E 80 -27.58 11.07 20.37
N THR E 81 -27.43 9.88 20.95
CA THR E 81 -27.00 9.68 22.33
C THR E 81 -25.94 8.60 22.34
N GLY E 82 -25.31 8.41 23.51
CA GLY E 82 -24.21 7.46 23.60
C GLY E 82 -24.62 6.02 23.37
N GLU E 83 -25.86 5.66 23.70
CA GLU E 83 -26.27 4.27 23.67
C GLU E 83 -26.82 3.84 22.31
N VAL E 84 -26.85 4.73 21.33
CA VAL E 84 -27.30 4.41 19.98
C VAL E 84 -26.24 4.90 19.01
N ASP E 85 -25.77 4.00 18.14
CA ASP E 85 -24.74 4.36 17.15
C ASP E 85 -24.99 3.50 15.90
N LEU E 86 -25.96 3.94 15.09
CA LEU E 86 -26.35 3.17 13.91
C LEU E 86 -25.64 3.61 12.63
N LEU E 87 -25.01 4.80 12.63
CA LEU E 87 -24.28 5.27 11.46
C LEU E 87 -22.77 5.15 11.60
N ARG E 88 -22.25 4.95 12.83
CA ARG E 88 -20.83 4.73 13.08
C ARG E 88 -19.97 5.91 12.63
N GLU E 89 -20.43 7.13 12.90
CA GLU E 89 -19.88 8.30 12.21
C GLU E 89 -18.44 8.59 12.59
N GLY E 90 -18.05 8.26 13.82
CA GLY E 90 -16.69 8.52 14.23
C GLY E 90 -15.66 7.53 13.72
N ASN E 91 -16.09 6.43 13.10
CA ASN E 91 -15.19 5.38 12.63
C ASN E 91 -15.28 5.29 11.11
N LEU E 92 -14.20 5.69 10.43
CA LEU E 92 -14.19 5.78 8.98
C LEU E 92 -14.53 4.45 8.31
N LYS E 93 -13.90 3.36 8.77
CA LYS E 93 -14.07 2.06 8.13
C LYS E 93 -15.40 1.42 8.50
N GLU E 94 -15.87 1.59 9.73
CA GLU E 94 -17.18 1.05 10.08
C GLU E 94 -18.29 1.81 9.36
N ALA E 95 -18.20 3.15 9.32
CA ALA E 95 -19.17 3.92 8.56
C ALA E 95 -19.18 3.50 7.09
N ALA E 96 -18.02 3.11 6.54
CA ALA E 96 -18.02 2.69 5.15
C ALA E 96 -18.78 1.39 4.97
N MET E 97 -18.61 0.45 5.91
CA MET E 97 -19.34 -0.81 5.81
C MET E 97 -20.84 -0.61 5.99
N VAL E 98 -21.22 0.33 6.86
CA VAL E 98 -22.63 0.69 6.95
C VAL E 98 -23.10 1.27 5.62
N ASP E 99 -22.30 2.15 5.02
CA ASP E 99 -22.70 2.76 3.74
C ASP E 99 -22.83 1.69 2.65
N VAL E 100 -21.87 0.77 2.57
CA VAL E 100 -21.91 -0.27 1.55
C VAL E 100 -23.24 -1.01 1.57
N TRP E 101 -23.61 -1.56 2.73
CA TRP E 101 -24.79 -2.42 2.77
C TRP E 101 -26.09 -1.61 2.78
N THR E 102 -26.02 -0.33 3.12
CA THR E 102 -27.16 0.55 2.90
C THR E 102 -27.42 0.74 1.42
N GLU E 103 -26.36 1.00 0.64
CA GLU E 103 -26.52 1.08 -0.81
C GLU E 103 -26.94 -0.26 -1.39
N VAL E 104 -26.48 -1.38 -0.81
CA VAL E 104 -26.89 -2.67 -1.32
C VAL E 104 -28.40 -2.84 -1.21
N ASP E 105 -28.96 -2.42 -0.07
CA ASP E 105 -30.41 -2.47 0.06
C ASP E 105 -31.07 -1.61 -1.01
N ALA E 106 -30.60 -0.38 -1.17
CA ALA E 106 -31.25 0.53 -2.11
C ALA E 106 -31.18 0.03 -3.55
N HIS E 107 -30.04 -0.55 -3.94
CA HIS E 107 -29.82 -0.80 -5.36
C HIS E 107 -29.70 -2.26 -5.75
N THR E 108 -29.63 -3.19 -4.80
CA THR E 108 -29.53 -4.58 -5.18
C THR E 108 -30.64 -5.41 -4.54
N TYR E 109 -30.70 -5.38 -3.21
CA TYR E 109 -31.68 -6.20 -2.50
C TYR E 109 -33.10 -5.71 -2.75
N ASN E 110 -33.37 -4.44 -2.45
CA ASN E 110 -34.75 -3.96 -2.57
C ASN E 110 -35.25 -4.02 -4.01
N PRO E 111 -34.46 -3.70 -5.03
CA PRO E 111 -34.96 -3.87 -6.41
C PRO E 111 -35.33 -5.31 -6.74
N ALA E 112 -34.73 -6.30 -6.08
CA ALA E 112 -35.10 -7.67 -6.37
C ALA E 112 -36.32 -8.13 -5.56
N LEU E 113 -36.46 -7.66 -4.32
CA LEU E 113 -37.54 -8.10 -3.45
C LEU E 113 -38.82 -7.28 -3.65
N SER E 114 -38.71 -5.96 -3.85
CA SER E 114 -39.91 -5.14 -3.85
C SER E 114 -40.92 -5.50 -4.93
N PRO E 115 -40.54 -5.94 -6.14
CA PRO E 115 -41.58 -6.36 -7.10
C PRO E 115 -42.41 -7.52 -6.60
N ILE E 116 -41.84 -8.44 -5.82
CA ILE E 116 -42.66 -9.49 -5.22
C ILE E 116 -43.71 -8.86 -4.31
N VAL E 117 -43.33 -7.83 -3.55
CA VAL E 117 -44.28 -7.17 -2.65
C VAL E 117 -45.34 -6.41 -3.45
N TYR E 118 -44.92 -5.71 -4.50
CA TYR E 118 -45.87 -5.01 -5.36
C TYR E 118 -46.85 -5.98 -6.00
N GLN E 119 -46.33 -7.05 -6.60
CA GLN E 119 -47.19 -7.97 -7.35
C GLN E 119 -48.14 -8.73 -6.43
N CYS E 120 -47.66 -9.17 -5.27
CA CYS E 120 -48.43 -10.05 -4.41
C CYS E 120 -49.33 -9.32 -3.43
N LEU E 121 -49.07 -8.03 -3.18
CA LEU E 121 -49.77 -7.32 -2.11
C LEU E 121 -50.33 -5.98 -2.56
N PHE E 122 -49.43 -5.04 -2.89
CA PHE E 122 -49.85 -3.68 -3.20
C PHE E 122 -50.81 -3.66 -4.37
N ASN E 123 -50.53 -4.45 -5.41
CA ASN E 123 -51.34 -4.37 -6.64
C ASN E 123 -52.76 -4.88 -6.40
N PRO E 124 -52.99 -6.13 -5.95
CA PRO E 124 -54.38 -6.57 -5.76
C PRO E 124 -55.07 -5.86 -4.62
N MET E 125 -54.41 -5.77 -3.46
CA MET E 125 -55.09 -5.30 -2.26
C MET E 125 -55.36 -3.81 -2.26
N MET E 126 -54.58 -3.01 -2.99
CA MET E 126 -54.76 -1.56 -2.89
C MET E 126 -55.09 -0.87 -4.21
N ARG E 127 -54.99 -1.56 -5.36
CA ARG E 127 -55.42 -0.94 -6.59
C ARG E 127 -56.03 -1.88 -7.62
N GLY E 128 -56.34 -3.13 -7.27
CA GLY E 128 -57.18 -3.96 -8.08
C GLY E 128 -56.46 -4.83 -9.09
N ILE E 129 -55.29 -4.43 -9.56
CA ILE E 129 -54.62 -5.23 -10.60
C ILE E 129 -54.17 -6.56 -9.99
N PRO E 130 -54.52 -7.69 -10.59
CA PRO E 130 -54.13 -8.98 -10.02
C PRO E 130 -52.63 -9.20 -10.12
N THR E 131 -52.16 -10.23 -9.42
CA THR E 131 -50.74 -10.51 -9.32
C THR E 131 -50.20 -11.09 -10.62
N ASP E 132 -49.25 -10.38 -11.24
CA ASP E 132 -48.56 -10.88 -12.42
C ASP E 132 -47.54 -11.92 -11.97
N GLU E 133 -47.81 -13.20 -12.25
CA GLU E 133 -46.97 -14.28 -11.72
C GLU E 133 -45.65 -14.41 -12.49
N LYS E 134 -45.61 -13.99 -13.75
CA LYS E 134 -44.34 -14.00 -14.47
C LYS E 134 -43.34 -13.03 -13.87
N VAL E 135 -43.82 -11.86 -13.45
CA VAL E 135 -42.96 -10.91 -12.75
C VAL E 135 -42.50 -11.49 -11.43
N VAL E 136 -43.37 -12.24 -10.73
CA VAL E 136 -43.02 -12.84 -9.45
C VAL E 136 -41.90 -13.85 -9.63
N ALA E 137 -42.08 -14.79 -10.55
CA ALA E 137 -41.06 -15.82 -10.78
C ALA E 137 -39.74 -15.19 -11.19
N GLU E 138 -39.79 -14.12 -11.98
CA GLU E 138 -38.55 -13.45 -12.39
C GLU E 138 -37.86 -12.80 -11.20
N SER E 139 -38.61 -12.11 -10.34
CA SER E 139 -38.01 -11.49 -9.17
C SER E 139 -37.52 -12.53 -8.17
N LEU E 140 -38.22 -13.66 -8.06
CA LEU E 140 -37.82 -14.69 -7.11
C LEU E 140 -36.44 -15.25 -7.46
N GLU E 141 -36.16 -15.44 -8.74
CA GLU E 141 -34.86 -15.98 -9.12
C GLU E 141 -33.76 -14.97 -8.86
N LYS E 142 -34.02 -13.69 -9.12
CA LYS E 142 -33.05 -12.65 -8.78
C LYS E 142 -32.85 -12.56 -7.26
N LEU E 143 -33.95 -12.60 -6.50
CA LEU E 143 -33.83 -12.48 -5.05
C LEU E 143 -33.05 -13.65 -4.47
N LYS E 144 -33.26 -14.86 -5.01
CA LYS E 144 -32.48 -16.01 -4.56
C LYS E 144 -30.99 -15.75 -4.73
N LYS E 145 -30.59 -15.17 -5.86
CA LYS E 145 -29.18 -14.90 -6.09
C LYS E 145 -28.66 -13.86 -5.11
N VAL E 146 -29.50 -12.88 -4.75
CA VAL E 146 -29.11 -11.93 -3.72
C VAL E 146 -28.98 -12.62 -2.37
N LEU E 147 -29.97 -13.44 -2.01
CA LEU E 147 -29.95 -14.07 -0.69
C LEU E 147 -28.79 -15.04 -0.53
N GLU E 148 -28.29 -15.62 -1.62
CA GLU E 148 -27.10 -16.46 -1.50
C GLU E 148 -25.93 -15.65 -0.99
N VAL E 149 -25.79 -14.40 -1.46
CA VAL E 149 -24.71 -13.53 -1.01
C VAL E 149 -24.94 -13.09 0.43
N TYR E 150 -26.17 -12.72 0.75
CA TYR E 150 -26.49 -12.32 2.11
C TYR E 150 -26.23 -13.46 3.08
N GLU E 151 -26.54 -14.69 2.66
CA GLU E 151 -26.31 -15.86 3.50
C GLU E 151 -24.83 -16.04 3.82
N ALA E 152 -23.97 -15.85 2.82
CA ALA E 152 -22.52 -15.92 3.08
C ALA E 152 -22.08 -14.77 3.98
N ARG E 153 -22.61 -13.57 3.74
CA ARG E 153 -22.23 -12.41 4.54
C ARG E 153 -22.66 -12.57 6.01
N LEU E 154 -23.90 -13.02 6.22
CA LEU E 154 -24.43 -13.17 7.57
C LEU E 154 -23.97 -14.46 8.24
N SER E 155 -23.08 -15.20 7.59
CA SER E 155 -22.28 -16.25 8.22
C SER E 155 -21.01 -15.69 8.83
N GLN E 156 -20.60 -14.48 8.46
CA GLN E 156 -19.39 -13.90 9.03
C GLN E 156 -19.67 -13.06 10.27
N HIS E 157 -20.82 -12.39 10.32
CA HIS E 157 -21.27 -11.70 11.52
C HIS E 157 -22.78 -11.71 11.56
N GLU E 158 -23.32 -11.27 12.70
CA GLU E 158 -24.76 -11.27 12.90
C GLU E 158 -25.48 -10.19 12.10
N TYR E 159 -24.76 -9.17 11.64
CA TYR E 159 -25.34 -8.04 10.93
C TYR E 159 -24.50 -7.75 9.69
N LEU E 160 -25.05 -6.92 8.79
CA LEU E 160 -24.43 -6.74 7.48
C LEU E 160 -23.11 -6.00 7.56
N ALA E 161 -23.01 -4.99 8.42
CA ALA E 161 -21.81 -4.16 8.44
C ALA E 161 -20.71 -4.71 9.33
N GLY E 162 -21.05 -5.63 10.23
CA GLY E 162 -20.11 -6.20 11.19
C GLY E 162 -20.86 -6.86 12.34
N ASP E 163 -20.23 -6.86 13.52
CA ASP E 163 -20.87 -7.41 14.71
C ASP E 163 -21.98 -6.54 15.25
N PHE E 164 -22.12 -5.32 14.75
CA PHE E 164 -23.02 -4.33 15.32
C PHE E 164 -24.21 -4.12 14.40
N VAL E 165 -25.39 -3.93 15.00
CA VAL E 165 -26.55 -3.52 14.23
C VAL E 165 -26.31 -2.13 13.69
N SER E 166 -26.87 -1.83 12.52
CA SER E 166 -26.58 -0.56 11.90
C SER E 166 -27.74 -0.11 11.02
N PHE E 167 -27.66 1.15 10.59
CA PHE E 167 -28.49 1.72 9.54
C PHE E 167 -28.71 0.73 8.40
N ALA E 168 -27.67 -0.03 8.03
CA ALA E 168 -27.79 -0.94 6.90
C ALA E 168 -28.87 -1.98 7.16
N ASP E 169 -28.83 -2.64 8.32
CA ASP E 169 -29.80 -3.69 8.61
C ASP E 169 -31.22 -3.15 8.67
N LEU E 170 -31.42 -2.05 9.40
CA LEU E 170 -32.78 -1.63 9.68
C LEU E 170 -33.46 -1.06 8.44
N ASN E 171 -32.69 -0.66 7.44
CA ASN E 171 -33.29 -0.21 6.19
C ASN E 171 -33.92 -1.35 5.41
N HIS E 172 -33.54 -2.60 5.69
CA HIS E 172 -34.17 -3.76 5.07
C HIS E 172 -35.53 -4.11 5.66
N PHE E 173 -35.93 -3.47 6.78
CA PHE E 173 -37.14 -3.94 7.46
C PHE E 173 -38.43 -3.65 6.70
N PRO E 174 -38.71 -2.42 6.24
CA PRO E 174 -40.08 -2.13 5.74
C PRO E 174 -40.55 -3.04 4.61
N TYR E 175 -39.78 -3.17 3.54
CA TYR E 175 -40.21 -3.99 2.41
C TYR E 175 -40.12 -5.48 2.75
N THR E 176 -39.09 -5.89 3.49
CA THR E 176 -39.00 -7.29 3.89
C THR E 176 -40.18 -7.69 4.78
N PHE E 177 -40.61 -6.78 5.66
CA PHE E 177 -41.77 -7.07 6.50
C PHE E 177 -42.98 -7.44 5.65
N TYR E 178 -43.24 -6.68 4.59
CA TYR E 178 -44.36 -6.98 3.72
C TYR E 178 -44.09 -8.22 2.87
N PHE E 179 -42.84 -8.46 2.48
CA PHE E 179 -42.49 -9.72 1.84
C PHE E 179 -42.95 -10.90 2.67
N MET E 180 -42.81 -10.81 4.00
CA MET E 180 -43.22 -11.90 4.88
C MET E 180 -44.73 -12.12 4.91
N ALA E 181 -45.51 -11.21 4.31
CA ALA E 181 -46.94 -11.38 4.20
C ALA E 181 -47.37 -11.99 2.87
N THR E 182 -46.44 -12.18 1.94
CA THR E 182 -46.72 -12.83 0.67
C THR E 182 -46.62 -14.33 0.83
N PRO E 183 -47.04 -15.11 -0.20
CA PRO E 183 -46.94 -16.57 -0.08
C PRO E 183 -45.51 -17.09 -0.18
N HIS E 184 -44.52 -16.20 -0.22
CA HIS E 184 -43.13 -16.59 -0.37
C HIS E 184 -42.30 -16.31 0.88
N ALA E 185 -42.96 -16.06 2.02
CA ALA E 185 -42.24 -15.77 3.25
C ALA E 185 -41.28 -16.90 3.62
N ALA E 186 -41.64 -18.15 3.30
CA ALA E 186 -40.82 -19.29 3.72
C ALA E 186 -39.48 -19.38 2.98
N LEU E 187 -39.28 -18.56 1.94
CA LEU E 187 -38.01 -18.58 1.21
C LEU E 187 -36.83 -18.35 2.13
N PHE E 188 -36.97 -17.49 3.14
CA PHE E 188 -35.87 -17.22 4.05
C PHE E 188 -35.44 -18.47 4.80
N GLY E 189 -36.33 -19.46 4.94
CA GLY E 189 -35.95 -20.70 5.58
C GLY E 189 -34.87 -21.46 4.83
N SER E 190 -34.69 -21.18 3.55
CA SER E 190 -33.60 -21.80 2.80
C SER E 190 -32.27 -21.08 2.98
N TYR E 191 -32.24 -20.03 3.80
CA TYR E 191 -31.03 -19.25 4.05
C TYR E 191 -30.92 -19.05 5.56
N PRO E 192 -30.41 -20.04 6.28
CA PRO E 192 -30.55 -20.02 7.75
C PRO E 192 -29.91 -18.81 8.43
N HIS E 193 -28.79 -18.28 7.91
CA HIS E 193 -28.22 -17.11 8.55
C HIS E 193 -29.01 -15.84 8.24
N VAL E 194 -29.60 -15.76 7.04
CA VAL E 194 -30.49 -14.64 6.71
C VAL E 194 -31.73 -14.65 7.59
N LYS E 195 -32.32 -15.83 7.80
CA LYS E 195 -33.49 -15.93 8.66
C LYS E 195 -33.16 -15.53 10.09
N ALA E 196 -32.02 -16.00 10.61
CA ALA E 196 -31.60 -15.63 11.95
C ALA E 196 -31.35 -14.12 12.04
N TRP E 197 -30.81 -13.53 10.98
CA TRP E 197 -30.66 -12.08 10.96
C TRP E 197 -32.01 -11.39 10.97
N TRP E 198 -32.96 -11.92 10.20
CA TRP E 198 -34.30 -11.33 10.17
C TRP E 198 -34.97 -11.39 11.54
N GLU E 199 -34.77 -12.50 12.27
CA GLU E 199 -35.38 -12.62 13.58
C GLU E 199 -34.71 -11.69 14.59
N ARG E 200 -33.40 -11.51 14.46
CA ARG E 200 -32.66 -10.49 15.21
C ARG E 200 -33.30 -9.12 15.04
N ILE E 201 -33.66 -8.77 13.81
CA ILE E 201 -34.28 -7.47 13.54
C ILE E 201 -35.69 -7.43 14.12
N MET E 202 -36.48 -8.48 13.89
CA MET E 202 -37.85 -8.49 14.41
C MET E 202 -37.87 -8.53 15.94
N ALA E 203 -36.77 -8.89 16.58
CA ALA E 203 -36.77 -8.92 18.04
C ALA E 203 -36.66 -7.52 18.64
N ARG E 204 -36.38 -6.50 17.83
CA ARG E 204 -36.10 -5.16 18.35
C ARG E 204 -37.38 -4.46 18.76
N PRO E 205 -37.42 -3.83 19.93
CA PRO E 205 -38.63 -3.11 20.35
C PRO E 205 -39.12 -2.06 19.36
N ALA E 206 -38.20 -1.32 18.71
CA ALA E 206 -38.63 -0.32 17.73
C ALA E 206 -39.27 -0.99 16.52
N ILE E 207 -38.73 -2.12 16.08
CA ILE E 207 -39.31 -2.84 14.96
C ILE E 207 -40.68 -3.41 15.31
N LYS E 208 -40.83 -3.94 16.52
CA LYS E 208 -42.13 -4.47 16.94
C LYS E 208 -43.19 -3.39 16.97
N LYS E 209 -42.85 -2.20 17.49
CA LYS E 209 -43.84 -1.15 17.60
C LYS E 209 -44.30 -0.67 16.23
N ILE E 210 -43.37 -0.50 15.29
CA ILE E 210 -43.75 0.01 13.97
C ILE E 210 -44.48 -1.05 13.16
N SER E 211 -44.01 -2.30 13.21
CA SER E 211 -44.70 -3.36 12.47
C SER E 211 -46.12 -3.54 12.98
N ALA E 212 -46.37 -3.23 14.24
CA ALA E 212 -47.73 -3.29 14.78
C ALA E 212 -48.63 -2.25 14.14
N THR E 213 -48.08 -1.10 13.74
CA THR E 213 -48.87 -0.04 13.14
C THR E 213 -48.94 -0.13 11.62
N MET E 214 -48.34 -1.15 11.01
CA MET E 214 -48.36 -1.32 9.56
C MET E 214 -49.56 -2.19 9.20
N VAL E 215 -50.55 -1.59 8.54
CA VAL E 215 -51.87 -2.22 8.32
C VAL E 215 -51.75 -3.55 7.57
N MET F 1 7.13 -9.23 18.06
CA MET F 1 8.13 -8.18 17.87
C MET F 1 9.05 -8.06 19.10
N ALA F 2 9.57 -9.19 19.56
CA ALA F 2 10.47 -9.23 20.71
C ALA F 2 11.91 -9.24 20.21
N PRO F 3 12.64 -8.13 20.30
CA PRO F 3 14.04 -8.13 19.82
C PRO F 3 14.93 -8.97 20.72
N VAL F 4 16.00 -9.50 20.13
CA VAL F 4 16.95 -10.30 20.91
C VAL F 4 17.76 -9.39 21.84
N LYS F 5 18.31 -9.98 22.90
CA LYS F 5 19.07 -9.24 23.89
C LYS F 5 20.54 -9.64 23.85
N VAL F 6 21.41 -8.64 23.90
CA VAL F 6 22.85 -8.84 24.01
C VAL F 6 23.27 -8.27 25.36
N PHE F 7 23.88 -9.11 26.20
CA PHE F 7 24.23 -8.72 27.55
C PHE F 7 25.69 -8.29 27.61
N GLY F 8 25.91 -7.06 28.04
CA GLY F 8 27.24 -6.50 28.10
C GLY F 8 27.36 -5.24 27.27
N PRO F 9 28.35 -4.41 27.57
CA PRO F 9 28.47 -3.12 26.89
C PRO F 9 29.15 -3.24 25.53
N ALA F 10 28.70 -2.38 24.61
CA ALA F 10 29.21 -2.38 23.24
C ALA F 10 30.72 -2.20 23.19
N MET F 11 31.30 -1.50 24.17
CA MET F 11 32.74 -1.27 24.16
C MET F 11 33.56 -2.55 24.33
N SER F 12 32.95 -3.63 24.85
CA SER F 12 33.69 -4.87 25.05
C SER F 12 33.90 -5.53 23.69
N THR F 13 35.13 -5.99 23.43
CA THR F 13 35.45 -6.50 22.09
C THR F 13 34.50 -7.62 21.69
N ASN F 14 34.22 -8.55 22.58
CA ASN F 14 33.44 -9.71 22.19
C ASN F 14 31.95 -9.43 22.18
N VAL F 15 31.50 -8.39 22.88
CA VAL F 15 30.14 -7.91 22.64
C VAL F 15 30.07 -7.25 21.27
N ALA F 16 31.05 -6.41 20.94
CA ALA F 16 31.03 -5.72 19.64
C ALA F 16 31.05 -6.69 18.48
N ARG F 17 31.74 -7.82 18.64
CA ARG F 17 31.72 -8.88 17.63
C ARG F 17 30.29 -9.27 17.28
N VAL F 18 29.49 -9.58 18.31
CA VAL F 18 28.08 -9.94 18.09
C VAL F 18 27.32 -8.80 17.45
N LEU F 19 27.53 -7.57 17.91
CA LEU F 19 26.74 -6.45 17.38
C LEU F 19 27.02 -6.23 15.90
N VAL F 20 28.26 -6.45 15.47
CA VAL F 20 28.57 -6.30 14.05
C VAL F 20 27.71 -7.23 13.21
N PHE F 21 27.59 -8.49 13.65
CA PHE F 21 26.85 -9.45 12.84
C PHE F 21 25.35 -9.22 12.89
N LEU F 22 24.82 -8.77 14.04
CA LEU F 22 23.43 -8.31 14.07
C LEU F 22 23.19 -7.18 13.06
N GLU F 23 24.14 -6.24 12.96
CA GLU F 23 23.97 -5.13 12.02
C GLU F 23 24.13 -5.59 10.59
N GLU F 24 25.01 -6.56 10.35
CA GLU F 24 25.18 -7.08 8.99
C GLU F 24 23.89 -7.71 8.47
N VAL F 25 23.07 -8.29 9.35
CA VAL F 25 21.83 -8.92 8.91
C VAL F 25 20.60 -8.03 9.15
N GLY F 26 20.79 -6.80 9.63
CA GLY F 26 19.66 -5.89 9.84
C GLY F 26 18.70 -6.34 10.92
N ALA F 27 19.18 -7.03 11.94
CA ALA F 27 18.28 -7.51 12.99
C ALA F 27 18.07 -6.44 14.04
N ASP F 28 16.86 -6.42 14.60
CA ASP F 28 16.64 -5.58 15.77
C ASP F 28 17.10 -6.31 17.02
N TYR F 29 17.77 -5.58 17.90
CA TYR F 29 18.30 -6.13 19.12
C TYR F 29 18.30 -5.05 20.20
N GLU F 30 18.43 -5.49 21.45
CA GLU F 30 18.61 -4.59 22.58
C GLU F 30 19.94 -4.92 23.25
N VAL F 31 20.73 -3.88 23.53
CA VAL F 31 21.96 -4.04 24.30
C VAL F 31 21.60 -3.83 25.77
N VAL F 32 21.80 -4.86 26.57
CA VAL F 32 21.47 -4.80 28.00
C VAL F 32 22.73 -4.41 28.75
N ASP F 33 22.71 -3.24 29.36
CA ASP F 33 23.87 -2.83 30.13
C ASP F 33 23.82 -3.50 31.49
N MET F 34 24.98 -3.68 32.08
CA MET F 34 25.08 -4.47 33.28
C MET F 34 25.84 -3.70 34.35
N ASP F 35 25.42 -3.90 35.59
CA ASP F 35 25.95 -3.15 36.72
C ASP F 35 27.16 -3.92 37.25
N PHE F 36 28.32 -3.65 36.67
CA PHE F 36 29.53 -4.35 37.09
C PHE F 36 29.97 -3.94 38.48
N LYS F 37 29.49 -2.81 38.98
CA LYS F 37 29.89 -2.32 40.28
C LYS F 37 29.36 -3.24 41.38
N VAL F 38 28.16 -3.78 41.22
CA VAL F 38 27.63 -4.79 42.12
C VAL F 38 27.85 -6.20 41.56
N MET F 39 28.79 -6.34 40.62
CA MET F 39 29.19 -7.65 40.08
C MET F 39 28.02 -8.40 39.44
N GLU F 40 27.21 -7.67 38.66
CA GLU F 40 26.03 -8.30 38.07
C GLU F 40 26.40 -9.49 37.19
N HIS F 41 27.55 -9.43 36.52
CA HIS F 41 27.96 -10.50 35.61
C HIS F 41 28.38 -11.76 36.35
N LYS F 42 28.56 -11.69 37.67
CA LYS F 42 28.80 -12.87 38.49
C LYS F 42 27.57 -13.29 39.28
N SER F 43 26.45 -12.59 39.10
CA SER F 43 25.24 -12.91 39.85
C SER F 43 24.61 -14.20 39.33
N PRO F 44 23.78 -14.86 40.13
CA PRO F 44 23.15 -16.10 39.64
C PRO F 44 22.28 -15.89 38.41
N GLU F 45 21.66 -14.71 38.26
CA GLU F 45 20.82 -14.47 37.08
C GLU F 45 21.65 -14.41 35.81
N HIS F 46 22.85 -13.81 35.87
CA HIS F 46 23.71 -13.83 34.69
C HIS F 46 24.42 -15.17 34.52
N LEU F 47 24.74 -15.86 35.62
CA LEU F 47 25.37 -17.17 35.51
C LEU F 47 24.46 -18.15 34.77
N ALA F 48 23.14 -17.94 34.82
CA ALA F 48 22.24 -18.71 33.98
C ALA F 48 22.45 -18.42 32.49
N ARG F 49 22.98 -17.25 32.15
CA ARG F 49 23.20 -16.89 30.75
C ARG F 49 24.61 -17.19 30.29
N ASN F 50 25.62 -16.94 31.12
CA ASN F 50 27.00 -17.29 30.82
C ASN F 50 27.55 -17.88 32.12
N PRO F 51 27.68 -19.20 32.19
CA PRO F 51 28.07 -19.83 33.48
C PRO F 51 29.48 -19.54 33.89
N PHE F 52 30.29 -18.92 33.03
CA PHE F 52 31.63 -18.50 33.41
C PHE F 52 31.66 -17.06 33.92
N GLY F 53 30.49 -16.44 34.05
CA GLY F 53 30.41 -15.10 34.61
C GLY F 53 31.04 -14.06 33.71
N GLN F 54 30.83 -14.17 32.40
CA GLN F 54 31.47 -13.29 31.44
C GLN F 54 30.41 -12.72 30.50
N ILE F 55 30.83 -11.71 29.75
CA ILE F 55 30.02 -11.12 28.67
C ILE F 55 30.77 -11.36 27.37
N PRO F 56 30.08 -11.44 26.22
CA PRO F 56 28.62 -11.31 26.17
C PRO F 56 27.87 -12.57 26.57
N ALA F 57 26.58 -12.38 26.81
CA ALA F 57 25.60 -13.45 26.70
C ALA F 57 24.51 -12.96 25.75
N PHE F 58 23.56 -13.85 25.43
CA PHE F 58 22.58 -13.60 24.39
C PHE F 58 21.29 -14.31 24.76
N GLN F 59 20.17 -13.64 24.54
CA GLN F 59 18.86 -14.23 24.76
C GLN F 59 17.95 -13.98 23.56
N ASP F 60 17.36 -15.07 23.06
CA ASP F 60 16.36 -15.02 22.00
C ASP F 60 15.20 -15.90 22.49
N GLY F 61 14.19 -15.27 23.08
CA GLY F 61 13.11 -16.02 23.70
C GLY F 61 13.61 -16.82 24.88
N ASP F 62 13.39 -18.14 24.85
CA ASP F 62 13.87 -19.02 25.91
C ASP F 62 15.27 -19.56 25.64
N LEU F 63 15.86 -19.21 24.51
CA LEU F 63 17.22 -19.64 24.21
C LEU F 63 18.21 -18.67 24.83
N LEU F 64 19.19 -19.21 25.55
CA LEU F 64 20.31 -18.45 26.08
C LEU F 64 21.58 -18.98 25.46
N LEU F 65 22.47 -18.07 25.05
CA LEU F 65 23.75 -18.45 24.45
C LEU F 65 24.86 -17.62 25.05
N PHE F 66 26.08 -18.15 25.00
CA PHE F 66 27.27 -17.37 25.28
C PHE F 66 28.35 -17.79 24.28
N GLU F 67 29.52 -17.15 24.40
CA GLU F 67 30.66 -17.26 23.47
C GLU F 67 30.32 -16.52 22.17
N SER F 68 31.03 -15.41 21.95
CA SER F 68 30.63 -14.43 20.94
C SER F 68 30.54 -15.04 19.54
N ARG F 69 31.45 -15.95 19.19
CA ARG F 69 31.40 -16.51 17.84
C ARG F 69 30.23 -17.47 17.67
N ALA F 70 29.86 -18.21 18.72
CA ALA F 70 28.68 -19.08 18.66
C ALA F 70 27.39 -18.27 18.57
N ILE F 71 27.29 -17.20 19.36
CA ILE F 71 26.15 -16.29 19.24
C ILE F 71 26.09 -15.74 17.82
N SER F 72 27.24 -15.33 17.31
CA SER F 72 27.28 -14.66 16.02
C SER F 72 26.80 -15.58 14.90
N LYS F 73 27.22 -16.83 14.89
CA LYS F 73 26.76 -17.76 13.85
C LYS F 73 25.28 -18.06 13.98
N TYR F 74 24.76 -18.10 15.20
CA TYR F 74 23.31 -18.26 15.37
C TYR F 74 22.57 -17.07 14.76
N VAL F 75 23.05 -15.85 15.03
CA VAL F 75 22.44 -14.66 14.42
C VAL F 75 22.47 -14.77 12.90
N LEU F 76 23.63 -15.13 12.33
CA LEU F 76 23.74 -15.17 10.88
C LEU F 76 22.79 -16.21 10.28
N ARG F 77 22.64 -17.35 10.95
CA ARG F 77 21.76 -18.40 10.44
C ARG F 77 20.30 -18.07 10.67
N LYS F 78 19.96 -17.50 11.83
CA LYS F 78 18.58 -17.17 12.12
C LYS F 78 18.04 -16.15 11.13
N TYR F 79 18.83 -15.12 10.82
CA TYR F 79 18.39 -13.97 10.04
C TYR F 79 18.83 -14.04 8.58
N LYS F 80 19.19 -15.23 8.12
CA LYS F 80 19.75 -15.40 6.79
C LYS F 80 18.77 -14.92 5.73
N THR F 81 19.28 -14.14 4.80
CA THR F 81 18.57 -13.75 3.59
C THR F 81 19.51 -13.88 2.41
N GLY F 82 18.92 -13.74 1.21
CA GLY F 82 19.70 -13.91 -0.01
C GLY F 82 20.82 -12.93 -0.14
N GLU F 83 20.66 -11.72 0.39
CA GLU F 83 21.69 -10.72 0.14
C GLU F 83 22.85 -10.78 1.12
N VAL F 84 22.84 -11.66 2.12
CA VAL F 84 23.98 -11.81 3.02
C VAL F 84 24.37 -13.29 3.06
N ASP F 85 25.65 -13.58 2.82
CA ASP F 85 26.11 -14.98 2.91
C ASP F 85 27.56 -14.96 3.43
N LEU F 86 27.69 -14.76 4.74
CA LEU F 86 29.00 -14.65 5.38
C LEU F 86 29.57 -16.00 5.83
N LEU F 87 28.76 -17.04 5.86
CA LEU F 87 29.23 -18.36 6.30
C LEU F 87 29.44 -19.32 5.15
N ARG F 88 28.76 -19.11 4.01
CA ARG F 88 28.92 -19.92 2.79
C ARG F 88 28.54 -21.39 3.00
N GLU F 89 27.55 -21.65 3.87
CA GLU F 89 27.30 -23.03 4.28
C GLU F 89 26.73 -23.89 3.16
N GLY F 90 26.15 -23.28 2.12
CA GLY F 90 25.75 -24.06 0.96
C GLY F 90 26.90 -24.57 0.11
N ASN F 91 28.10 -24.04 0.30
CA ASN F 91 29.26 -24.41 -0.53
C ASN F 91 30.35 -24.96 0.39
N LEU F 92 30.56 -26.28 0.31
CA LEU F 92 31.46 -26.98 1.22
C LEU F 92 32.86 -26.39 1.23
N LYS F 93 33.42 -26.12 0.04
CA LYS F 93 34.80 -25.63 -0.02
C LYS F 93 34.91 -24.17 0.39
N GLU F 94 33.90 -23.35 0.07
CA GLU F 94 33.95 -21.95 0.51
C GLU F 94 33.76 -21.85 2.02
N ALA F 95 32.82 -22.63 2.57
CA ALA F 95 32.66 -22.69 4.02
C ALA F 95 33.96 -23.11 4.70
N ALA F 96 34.70 -24.04 4.09
CA ALA F 96 35.96 -24.47 4.70
C ALA F 96 36.97 -23.33 4.74
N MET F 97 37.07 -22.55 3.66
CA MET F 97 38.03 -21.44 3.66
C MET F 97 37.61 -20.38 4.66
N VAL F 98 36.31 -20.13 4.78
CA VAL F 98 35.82 -19.25 5.83
C VAL F 98 36.19 -19.81 7.20
N ASP F 99 36.05 -21.13 7.37
CA ASP F 99 36.38 -21.73 8.66
C ASP F 99 37.88 -21.59 8.95
N VAL F 100 38.72 -21.82 7.93
CA VAL F 100 40.16 -21.75 8.12
C VAL F 100 40.55 -20.41 8.73
N TRP F 101 40.14 -19.32 8.08
CA TRP F 101 40.62 -18.00 8.46
C TRP F 101 39.89 -17.46 9.68
N THR F 102 38.72 -18.01 10.00
CA THR F 102 38.07 -17.76 11.29
C THR F 102 38.91 -18.34 12.42
N GLU F 103 39.38 -19.57 12.26
CA GLU F 103 40.27 -20.17 13.26
C GLU F 103 41.60 -19.43 13.31
N VAL F 104 42.07 -18.93 12.17
CA VAL F 104 43.34 -18.20 12.17
C VAL F 104 43.23 -16.96 13.04
N ASP F 105 42.11 -16.23 12.93
CA ASP F 105 41.90 -15.13 13.86
C ASP F 105 41.95 -15.63 15.30
N ALA F 106 41.22 -16.71 15.60
CA ALA F 106 41.05 -17.12 17.00
C ALA F 106 42.37 -17.57 17.62
N HIS F 107 43.21 -18.26 16.86
CA HIS F 107 44.33 -18.96 17.41
C HIS F 107 45.69 -18.47 16.93
N THR F 108 45.75 -17.60 15.93
CA THR F 108 47.05 -17.12 15.46
C THR F 108 47.12 -15.59 15.45
N TYR F 109 46.16 -14.95 14.77
CA TYR F 109 46.19 -13.50 14.64
C TYR F 109 45.85 -12.82 15.97
N ASN F 110 44.69 -13.12 16.54
CA ASN F 110 44.30 -12.41 17.75
C ASN F 110 45.25 -12.68 18.92
N PRO F 111 45.76 -13.89 19.11
CA PRO F 111 46.78 -14.08 20.16
C PRO F 111 48.02 -13.22 19.98
N ALA F 112 48.36 -12.84 18.75
CA ALA F 112 49.51 -11.97 18.55
C ALA F 112 49.14 -10.50 18.73
N LEU F 113 47.93 -10.11 18.34
CA LEU F 113 47.55 -8.70 18.36
C LEU F 113 47.00 -8.26 19.71
N SER F 114 46.15 -9.08 20.34
CA SER F 114 45.44 -8.62 21.52
C SER F 114 46.34 -8.27 22.72
N PRO F 115 47.51 -8.87 22.94
CA PRO F 115 48.37 -8.36 24.02
C PRO F 115 48.75 -6.91 23.84
N ILE F 116 48.92 -6.46 22.59
CA ILE F 116 49.25 -5.06 22.35
C ILE F 116 48.10 -4.16 22.80
N VAL F 117 46.86 -4.58 22.54
CA VAL F 117 45.69 -3.84 23.01
C VAL F 117 45.63 -3.86 24.52
N TYR F 118 45.81 -5.04 25.12
CA TYR F 118 45.77 -5.14 26.58
C TYR F 118 46.79 -4.20 27.21
N GLN F 119 48.03 -4.24 26.71
CA GLN F 119 49.10 -3.48 27.35
C GLN F 119 48.97 -1.98 27.09
N CYS F 120 48.64 -1.58 25.86
CA CYS F 120 48.62 -0.16 25.51
C CYS F 120 47.33 0.55 25.89
N LEU F 121 46.22 -0.17 26.01
CA LEU F 121 44.93 0.46 26.24
C LEU F 121 44.24 -0.06 27.50
N PHE F 122 43.90 -1.35 27.54
CA PHE F 122 43.02 -1.82 28.60
C PHE F 122 43.67 -1.69 29.97
N ASN F 123 44.93 -2.10 30.08
CA ASN F 123 45.58 -2.08 31.39
C ASN F 123 45.74 -0.66 31.93
N PRO F 124 46.28 0.32 31.19
CA PRO F 124 46.31 1.69 31.74
C PRO F 124 44.92 2.30 31.94
N MET F 125 44.11 2.38 30.88
CA MET F 125 42.86 3.13 30.97
C MET F 125 41.85 2.47 31.91
N MET F 126 41.77 1.14 31.91
CA MET F 126 40.73 0.43 32.63
C MET F 126 41.21 -0.20 33.92
N ARG F 127 42.50 -0.16 34.22
CA ARG F 127 43.00 -0.92 35.36
C ARG F 127 44.17 -0.27 36.08
N GLY F 128 44.71 0.85 35.59
CA GLY F 128 45.81 1.52 36.26
C GLY F 128 47.16 0.89 36.08
N ILE F 129 47.24 -0.37 35.66
CA ILE F 129 48.54 -1.00 35.40
C ILE F 129 49.19 -0.33 34.19
N PRO F 130 50.43 0.11 34.29
CA PRO F 130 51.08 0.74 33.13
C PRO F 130 51.49 -0.29 32.09
N THR F 131 51.74 0.23 30.89
CA THR F 131 52.13 -0.64 29.78
C THR F 131 53.45 -1.33 30.07
N ASP F 132 53.48 -2.64 29.84
CA ASP F 132 54.71 -3.43 29.90
C ASP F 132 55.31 -3.44 28.50
N GLU F 133 56.33 -2.61 28.28
CA GLU F 133 56.86 -2.42 26.94
C GLU F 133 57.60 -3.63 26.41
N LYS F 134 58.12 -4.49 27.29
CA LYS F 134 58.77 -5.70 26.80
C LYS F 134 57.76 -6.72 26.31
N VAL F 135 56.57 -6.77 26.93
CA VAL F 135 55.50 -7.59 26.41
C VAL F 135 55.03 -7.04 25.06
N VAL F 136 54.92 -5.71 24.96
CA VAL F 136 54.50 -5.08 23.71
C VAL F 136 55.49 -5.38 22.60
N ALA F 137 56.79 -5.23 22.88
CA ALA F 137 57.80 -5.41 21.87
C ALA F 137 57.86 -6.86 21.38
N GLU F 138 57.74 -7.83 22.30
CA GLU F 138 57.74 -9.23 21.87
C GLU F 138 56.48 -9.55 21.08
N SER F 139 55.33 -8.99 21.47
CA SER F 139 54.09 -9.23 20.74
C SER F 139 54.13 -8.60 19.36
N LEU F 140 54.75 -7.42 19.24
CA LEU F 140 54.85 -6.77 17.93
C LEU F 140 55.68 -7.60 16.97
N GLU F 141 56.72 -8.27 17.46
CA GLU F 141 57.50 -9.14 16.59
C GLU F 141 56.68 -10.34 16.13
N LYS F 142 55.87 -10.92 17.04
CA LYS F 142 54.97 -11.99 16.63
C LYS F 142 53.95 -11.48 15.63
N LEU F 143 53.39 -10.29 15.90
CA LEU F 143 52.35 -9.76 15.03
C LEU F 143 52.88 -9.49 13.63
N LYS F 144 54.13 -9.02 13.52
CA LYS F 144 54.72 -8.76 12.21
C LYS F 144 54.83 -10.04 11.40
N LYS F 145 55.17 -11.15 12.05
CA LYS F 145 55.27 -12.41 11.33
C LYS F 145 53.90 -12.88 10.85
N VAL F 146 52.85 -12.68 11.65
CA VAL F 146 51.50 -12.98 11.19
C VAL F 146 51.11 -12.06 10.02
N LEU F 147 51.42 -10.76 10.14
CA LEU F 147 51.00 -9.82 9.10
C LEU F 147 51.72 -10.08 7.78
N GLU F 148 52.94 -10.63 7.84
CA GLU F 148 53.62 -10.99 6.60
C GLU F 148 52.88 -12.10 5.86
N VAL F 149 52.25 -13.01 6.60
CA VAL F 149 51.44 -14.04 5.97
C VAL F 149 50.13 -13.46 5.45
N TYR F 150 49.50 -12.58 6.25
CA TYR F 150 48.27 -11.93 5.80
C TYR F 150 48.53 -11.08 4.55
N GLU F 151 49.68 -10.43 4.48
CA GLU F 151 50.01 -9.62 3.31
C GLU F 151 50.05 -10.47 2.05
N ALA F 152 50.61 -11.68 2.15
CA ALA F 152 50.66 -12.58 1.00
C ALA F 152 49.27 -13.08 0.62
N ARG F 153 48.47 -13.47 1.62
CA ARG F 153 47.12 -13.93 1.37
C ARG F 153 46.27 -12.84 0.74
N LEU F 154 46.34 -11.62 1.28
CA LEU F 154 45.52 -10.53 0.79
C LEU F 154 46.06 -9.90 -0.49
N SER F 155 47.16 -10.42 -1.02
CA SER F 155 47.60 -10.09 -2.38
C SER F 155 46.94 -10.99 -3.40
N GLN F 156 46.39 -12.13 -2.97
CA GLN F 156 45.74 -13.05 -3.88
C GLN F 156 44.28 -12.70 -4.12
N HIS F 157 43.62 -12.10 -3.14
CA HIS F 157 42.26 -11.60 -3.30
C HIS F 157 41.98 -10.62 -2.16
N GLU F 158 40.82 -9.97 -2.25
CA GLU F 158 40.54 -8.84 -1.37
C GLU F 158 40.16 -9.25 0.05
N TYR F 159 39.81 -10.52 0.27
CA TYR F 159 39.39 -11.01 1.57
C TYR F 159 40.11 -12.32 1.86
N LEU F 160 39.98 -12.79 3.12
CA LEU F 160 40.82 -13.90 3.54
C LEU F 160 40.38 -15.22 2.92
N ALA F 161 39.07 -15.44 2.77
CA ALA F 161 38.60 -16.73 2.26
C ALA F 161 38.55 -16.78 0.73
N GLY F 162 38.69 -15.65 0.07
CA GLY F 162 38.52 -15.61 -1.38
C GLY F 162 38.21 -14.18 -1.80
N ASP F 163 37.48 -14.06 -2.92
CA ASP F 163 37.12 -12.72 -3.35
C ASP F 163 35.86 -12.18 -2.68
N PHE F 164 35.29 -12.92 -1.72
CA PHE F 164 34.06 -12.54 -1.03
C PHE F 164 34.33 -12.25 0.44
N VAL F 165 33.67 -11.23 0.98
CA VAL F 165 33.76 -10.96 2.41
C VAL F 165 33.09 -12.10 3.17
N SER F 166 33.59 -12.39 4.37
CA SER F 166 33.00 -13.50 5.11
C SER F 166 33.13 -13.28 6.61
N PHE F 167 32.56 -14.23 7.36
CA PHE F 167 32.74 -14.35 8.80
C PHE F 167 34.19 -14.18 9.20
N ALA F 168 35.10 -14.74 8.39
CA ALA F 168 36.52 -14.70 8.73
C ALA F 168 37.04 -13.28 8.82
N ASP F 169 36.73 -12.45 7.82
CA ASP F 169 37.19 -11.06 7.82
C ASP F 169 36.61 -10.30 9.00
N LEU F 170 35.30 -10.38 9.18
CA LEU F 170 34.64 -9.48 10.13
C LEU F 170 34.97 -9.85 11.57
N ASN F 171 35.43 -11.07 11.82
CA ASN F 171 35.85 -11.43 13.18
C ASN F 171 37.13 -10.71 13.57
N HIS F 172 37.89 -10.19 12.61
CA HIS F 172 39.09 -9.42 12.93
C HIS F 172 38.79 -8.00 13.37
N PHE F 173 37.55 -7.52 13.26
CA PHE F 173 37.30 -6.10 13.51
C PHE F 173 37.48 -5.69 14.98
N PRO F 174 36.82 -6.32 15.96
CA PRO F 174 36.80 -5.73 17.32
C PRO F 174 38.17 -5.47 17.92
N TYR F 175 39.08 -6.45 17.89
CA TYR F 175 40.39 -6.22 18.51
C TYR F 175 41.28 -5.34 17.62
N THR F 176 41.21 -5.51 16.29
CA THR F 176 42.00 -4.64 15.42
C THR F 176 41.55 -3.19 15.54
N PHE F 177 40.27 -2.96 15.79
CA PHE F 177 39.80 -1.59 16.00
C PHE F 177 40.53 -0.94 17.16
N TYR F 178 40.61 -1.61 18.31
CA TYR F 178 41.34 -1.04 19.42
C TYR F 178 42.85 -0.98 19.15
N PHE F 179 43.40 -1.94 18.41
CA PHE F 179 44.80 -1.83 18.00
C PHE F 179 45.05 -0.53 17.26
N MET F 180 44.10 -0.10 16.44
CA MET F 180 44.25 1.14 15.69
C MET F 180 44.20 2.37 16.58
N ALA F 181 43.88 2.21 17.86
CA ALA F 181 43.90 3.30 18.82
C ALA F 181 45.14 3.25 19.73
N THR F 182 46.07 2.35 19.45
CA THR F 182 47.34 2.28 20.15
C THR F 182 48.39 3.08 19.38
N PRO F 183 49.55 3.33 19.99
CA PRO F 183 50.64 3.97 19.25
C PRO F 183 51.16 3.17 18.07
N HIS F 184 50.73 1.92 17.89
CA HIS F 184 51.27 1.07 16.84
C HIS F 184 50.36 0.95 15.63
N ALA F 185 49.33 1.81 15.54
CA ALA F 185 48.37 1.72 14.45
C ALA F 185 49.03 1.80 13.08
N ALA F 186 50.11 2.55 12.95
CA ALA F 186 50.78 2.74 11.68
C ALA F 186 51.47 1.49 11.17
N LEU F 187 51.50 0.42 11.96
CA LEU F 187 52.14 -0.82 11.54
C LEU F 187 51.53 -1.34 10.26
N PHE F 188 50.21 -1.19 10.09
CA PHE F 188 49.55 -1.70 8.90
C PHE F 188 50.03 -1.01 7.63
N GLY F 189 50.61 0.18 7.75
CA GLY F 189 51.14 0.85 6.57
C GLY F 189 52.28 0.11 5.91
N SER F 190 52.96 -0.78 6.64
CA SER F 190 54.02 -1.60 6.08
C SER F 190 53.50 -2.84 5.37
N TYR F 191 52.18 -3.05 5.38
CA TYR F 191 51.55 -4.20 4.75
C TYR F 191 50.39 -3.69 3.91
N PRO F 192 50.69 -3.10 2.74
CA PRO F 192 49.65 -2.37 2.01
C PRO F 192 48.41 -3.18 1.64
N HIS F 193 48.57 -4.48 1.37
CA HIS F 193 47.39 -5.29 1.09
C HIS F 193 46.58 -5.55 2.37
N VAL F 194 47.24 -5.67 3.52
CA VAL F 194 46.50 -5.75 4.78
C VAL F 194 45.80 -4.44 5.06
N LYS F 195 46.48 -3.31 4.81
CA LYS F 195 45.85 -2.02 5.06
C LYS F 195 44.63 -1.81 4.16
N ALA F 196 44.73 -2.19 2.88
CA ALA F 196 43.59 -2.05 1.97
C ALA F 196 42.45 -2.95 2.40
N TRP F 197 42.77 -4.14 2.92
CA TRP F 197 41.76 -5.03 3.47
C TRP F 197 41.07 -4.40 4.68
N TRP F 198 41.87 -3.87 5.61
CA TRP F 198 41.31 -3.21 6.78
C TRP F 198 40.37 -2.06 6.38
N GLU F 199 40.75 -1.30 5.36
CA GLU F 199 39.90 -0.19 4.94
C GLU F 199 38.60 -0.68 4.28
N ARG F 200 38.66 -1.80 3.56
CA ARG F 200 37.46 -2.47 3.05
C ARG F 200 36.49 -2.80 4.19
N ILE F 201 37.03 -3.28 5.30
CA ILE F 201 36.19 -3.63 6.43
C ILE F 201 35.63 -2.37 7.08
N MET F 202 36.47 -1.35 7.23
CA MET F 202 36.03 -0.12 7.90
C MET F 202 35.04 0.65 7.05
N ALA F 203 34.95 0.34 5.76
CA ALA F 203 33.97 0.99 4.90
C ALA F 203 32.57 0.44 5.07
N ARG F 204 32.40 -0.66 5.81
CA ARG F 204 31.09 -1.28 5.81
C ARG F 204 30.16 -0.55 6.78
N PRO F 205 28.90 -0.36 6.42
CA PRO F 205 27.98 0.36 7.32
C PRO F 205 27.84 -0.29 8.69
N ALA F 206 27.81 -1.62 8.75
CA ALA F 206 27.70 -2.29 10.04
C ALA F 206 28.90 -1.99 10.92
N ILE F 207 30.09 -1.94 10.31
CA ILE F 207 31.32 -1.69 11.06
C ILE F 207 31.35 -0.24 11.54
N LYS F 208 30.91 0.69 10.69
CA LYS F 208 30.89 2.10 11.07
C LYS F 208 29.92 2.36 12.20
N LYS F 209 28.78 1.67 12.19
CA LYS F 209 27.80 1.89 13.25
C LYS F 209 28.32 1.37 14.59
N ILE F 210 28.92 0.18 14.61
CA ILE F 210 29.36 -0.37 15.89
C ILE F 210 30.65 0.32 16.36
N SER F 211 31.52 0.68 15.42
CA SER F 211 32.70 1.49 15.73
C SER F 211 32.31 2.72 16.56
N ALA F 212 31.30 3.45 16.10
CA ALA F 212 30.90 4.68 16.78
C ALA F 212 30.42 4.44 18.20
N THR F 213 29.98 3.23 18.51
CA THR F 213 29.46 2.94 19.84
C THR F 213 30.50 2.37 20.78
N MET F 214 31.74 2.18 20.33
CA MET F 214 32.76 1.50 21.13
C MET F 214 33.58 2.55 21.89
N VAL F 215 33.31 2.65 23.19
CA VAL F 215 34.07 3.48 24.13
C VAL F 215 35.43 2.81 24.39
#